data_6QAP
#
_entry.id   6QAP
#
_cell.length_a   164.290
_cell.length_b   160.030
_cell.length_c   84.600
_cell.angle_alpha   90.00
_cell.angle_beta   91.09
_cell.angle_gamma   90.00
#
_symmetry.space_group_name_H-M   'C 1 2 1'
#
loop_
_entity.id
_entity.type
_entity.pdbx_description
1 polymer '4-trimethylaminobutyraldehyde dehydrogenase'
2 non-polymer 1,2-ETHANEDIOL
3 non-polymer DI(HYDROXYETHYL)ETHER
4 non-polymer 'SODIUM ION'
5 water water
#
_entity_poly.entity_id   1
_entity_poly.type   'polypeptide(L)'
_entity_poly.pdbx_seq_one_letter_code
;MGSSHHHHHHSQDPMSTGTFVVSQPLNYRGGARVEPADASGTEKAFEPATGRVIATFTCSGEKEVNLAVQNAKAAFKIWS
QKSGMERCRILLEAARIIREREDEIATMECINNGKSIFEARLDIDISWQCLEYYAGLAASMAGEHIQLPGGSFGYTRREP
LGVCVGIGAWNYPFQIASWKSAPALACGNAMVFKPSPFTPVSALLLAEIYSEAGVPPGLFNVVQGGAATGQFLCQHPDVA
KVSFTGSVPTGMKIMEMSAKGIKPVTLELGGKSPLIIFSDCDMNNAVKGALMANFLTQGQVCCNGTRVFVQKEILDKFTE
EVVKQTQRIKIGDPLLEDTRMGPLINRPHLERVLGFVKVAKEQGAKVLCGGDIYVPEDPKLKDGYYMRPCVLTNCRDDMT
CVKEEIFGPVMSILSFDTEAEVLERANDTTFGLAAGVFTRDIQRAHRVVAELQAGTCFINNYNVSPVELPFGGYKKSGFG
RENGRVTIEYYSQLKTVCVEMGDVESAF
;
_entity_poly.pdbx_strand_id   A,B,C,D
#
loop_
_chem_comp.id
_chem_comp.type
_chem_comp.name
_chem_comp.formula
EDO non-polymer 1,2-ETHANEDIOL 'C2 H6 O2'
NA non-polymer 'SODIUM ION' 'Na 1'
PEG non-polymer DI(HYDROXYETHYL)ETHER 'C4 H10 O3'
#
# COMPACT_ATOMS: atom_id res chain seq x y z
N PRO A 14 2.66 -45.66 -3.00
CA PRO A 14 3.18 -46.99 -3.35
C PRO A 14 4.71 -47.03 -3.52
N MET A 15 5.33 -45.85 -3.63
CA MET A 15 6.78 -45.68 -3.79
C MET A 15 7.47 -45.80 -2.41
N SER A 16 8.48 -46.68 -2.33
CA SER A 16 9.23 -46.97 -1.10
C SER A 16 10.75 -46.84 -1.28
N THR A 17 11.49 -46.81 -0.14
CA THR A 17 12.94 -46.69 -0.07
C THR A 17 13.65 -47.92 -0.61
N GLY A 18 14.73 -47.68 -1.36
CA GLY A 18 15.62 -48.69 -1.92
C GLY A 18 15.16 -49.31 -3.23
N THR A 19 14.20 -48.67 -3.90
CA THR A 19 13.64 -49.22 -5.14
C THR A 19 13.70 -48.27 -6.35
N PHE A 20 13.53 -46.97 -6.13
CA PHE A 20 13.48 -45.98 -7.21
C PHE A 20 14.79 -45.86 -8.06
N VAL A 21 14.59 -45.75 -9.37
CA VAL A 21 15.62 -45.52 -10.37
C VAL A 21 14.99 -44.54 -11.38
N VAL A 22 15.71 -43.45 -11.72
CA VAL A 22 15.27 -42.50 -12.76
C VAL A 22 15.30 -43.28 -14.10
N SER A 23 14.19 -43.26 -14.84
CA SER A 23 14.07 -44.02 -16.10
C SER A 23 13.78 -43.11 -17.30
N GLN A 24 13.82 -41.78 -17.09
CA GLN A 24 13.54 -40.77 -18.10
C GLN A 24 14.66 -39.70 -18.12
N PRO A 25 14.81 -38.88 -19.18
CA PRO A 25 15.82 -37.81 -19.14
C PRO A 25 15.47 -36.74 -18.09
N LEU A 26 16.52 -36.07 -17.55
CA LEU A 26 16.42 -35.10 -16.45
C LEU A 26 16.44 -33.63 -16.90
N ASN A 27 16.41 -33.35 -18.21
CA ASN A 27 16.27 -31.99 -18.70
C ASN A 27 14.81 -31.80 -19.12
N TYR A 28 14.34 -30.58 -19.17
CA TYR A 28 12.96 -30.33 -19.55
C TYR A 28 12.88 -29.08 -20.40
N ARG A 29 12.38 -29.22 -21.64
CA ARG A 29 12.26 -28.10 -22.60
C ARG A 29 11.08 -28.40 -23.50
N GLY A 30 10.33 -27.36 -23.88
CA GLY A 30 9.17 -27.49 -24.75
C GLY A 30 8.10 -28.47 -24.26
N GLY A 31 7.86 -28.48 -22.94
CA GLY A 31 6.85 -29.35 -22.34
C GLY A 31 7.16 -30.84 -22.33
N ALA A 32 8.43 -31.20 -22.54
CA ALA A 32 8.89 -32.58 -22.54
C ALA A 32 10.28 -32.74 -21.92
N ARG A 33 10.48 -33.89 -21.29
CA ARG A 33 11.75 -34.32 -20.73
C ARG A 33 12.69 -34.62 -21.89
N VAL A 34 13.92 -34.11 -21.83
CA VAL A 34 14.90 -34.28 -22.90
C VAL A 34 16.26 -34.57 -22.37
N GLU A 35 17.08 -35.19 -23.21
CA GLU A 35 18.47 -35.38 -22.90
C GLU A 35 19.19 -34.10 -23.32
N PRO A 36 20.17 -33.60 -22.53
CA PRO A 36 20.92 -32.41 -22.97
C PRO A 36 21.59 -32.61 -24.36
N ALA A 37 21.54 -31.55 -25.19
CA ALA A 37 22.10 -31.53 -26.55
C ALA A 37 23.65 -31.53 -26.52
N ASP A 38 24.20 -31.01 -25.41
CA ASP A 38 25.59 -30.73 -25.10
C ASP A 38 25.91 -31.19 -23.65
N ALA A 39 27.18 -31.58 -23.36
CA ALA A 39 27.66 -32.03 -22.04
C ALA A 39 28.70 -31.06 -21.40
N SER A 40 28.63 -30.88 -20.07
CA SER A 40 29.64 -30.13 -19.27
C SER A 40 30.02 -31.00 -18.07
N GLY A 41 29.62 -32.25 -18.14
CA GLY A 41 29.92 -33.20 -17.09
C GLY A 41 28.94 -34.32 -17.02
N THR A 42 29.19 -35.23 -16.06
CA THR A 42 28.33 -36.38 -15.74
C THR A 42 28.30 -36.54 -14.24
N GLU A 43 27.10 -36.36 -13.65
CA GLU A 43 26.94 -36.52 -12.22
C GLU A 43 26.08 -37.71 -11.87
N LYS A 44 26.26 -38.21 -10.64
CA LYS A 44 25.47 -39.29 -10.05
C LYS A 44 24.59 -38.70 -8.95
N ALA A 45 23.28 -38.94 -8.98
CA ALA A 45 22.35 -38.54 -7.92
C ALA A 45 22.08 -39.80 -7.09
N PHE A 46 22.01 -39.63 -5.76
CA PHE A 46 21.80 -40.74 -4.84
C PHE A 46 20.51 -40.68 -4.01
N GLU A 47 20.19 -41.84 -3.45
CA GLU A 47 19.17 -42.06 -2.48
C GLU A 47 20.01 -42.13 -1.18
N PRO A 48 20.15 -41.01 -0.43
CA PRO A 48 21.04 -41.03 0.76
C PRO A 48 20.70 -42.06 1.84
N ALA A 49 19.42 -42.49 1.94
CA ALA A 49 18.94 -43.50 2.90
C ALA A 49 19.52 -44.89 2.64
N THR A 50 19.97 -45.15 1.38
CA THR A 50 20.51 -46.44 0.95
C THR A 50 21.93 -46.41 0.34
N GLY A 51 22.36 -45.24 -0.14
CA GLY A 51 23.61 -45.05 -0.83
C GLY A 51 23.56 -45.48 -2.29
N ARG A 52 22.36 -45.89 -2.78
CA ARG A 52 22.08 -46.33 -4.14
C ARG A 52 22.14 -45.14 -5.14
N VAL A 53 22.53 -45.41 -6.39
CA VAL A 53 22.58 -44.42 -7.47
C VAL A 53 21.18 -44.43 -8.07
N ILE A 54 20.51 -43.31 -8.02
CA ILE A 54 19.17 -43.27 -8.59
C ILE A 54 19.23 -42.77 -10.05
N ALA A 55 20.32 -42.05 -10.41
CA ALA A 55 20.54 -41.52 -11.76
C ALA A 55 22.02 -41.20 -12.08
N THR A 56 22.41 -41.44 -13.33
CA THR A 56 23.69 -41.04 -13.89
C THR A 56 23.26 -40.11 -15.01
N PHE A 57 23.46 -38.81 -14.81
CA PHE A 57 22.98 -37.81 -15.73
C PHE A 57 24.08 -36.92 -16.24
N THR A 58 23.81 -36.33 -17.40
CA THR A 58 24.65 -35.43 -18.15
C THR A 58 24.40 -33.97 -17.71
N CYS A 59 25.48 -33.21 -17.43
CA CYS A 59 25.45 -31.79 -17.10
C CYS A 59 25.39 -30.99 -18.39
N SER A 60 24.49 -30.05 -18.48
CA SER A 60 24.22 -29.30 -19.71
C SER A 60 25.37 -28.44 -20.13
N GLY A 61 25.66 -28.45 -21.41
CA GLY A 61 26.70 -27.61 -22.00
C GLY A 61 26.10 -26.30 -22.49
N GLU A 62 26.88 -25.53 -23.24
CA GLU A 62 26.51 -24.24 -23.80
C GLU A 62 25.33 -24.28 -24.77
N LYS A 63 25.34 -25.23 -25.70
CA LYS A 63 24.35 -25.43 -26.76
C LYS A 63 23.01 -25.81 -26.18
N GLU A 64 23.04 -26.62 -25.10
CA GLU A 64 21.87 -27.05 -24.38
C GLU A 64 21.22 -25.89 -23.62
N VAL A 65 22.08 -25.08 -22.95
CA VAL A 65 21.65 -23.88 -22.22
C VAL A 65 21.01 -22.92 -23.26
N ASN A 66 21.66 -22.75 -24.43
CA ASN A 66 21.14 -21.88 -25.51
C ASN A 66 19.74 -22.31 -25.96
N LEU A 67 19.54 -23.63 -26.18
CA LEU A 67 18.26 -24.21 -26.59
C LEU A 67 17.15 -23.94 -25.55
N ALA A 68 17.46 -24.14 -24.26
CA ALA A 68 16.52 -23.93 -23.15
C ALA A 68 16.10 -22.45 -23.00
N VAL A 69 17.07 -21.53 -23.20
CA VAL A 69 16.82 -20.07 -23.16
C VAL A 69 16.00 -19.60 -24.40
N GLN A 70 16.32 -20.12 -25.59
CA GLN A 70 15.60 -19.76 -26.84
C GLN A 70 14.16 -20.20 -26.79
N ASN A 71 13.94 -21.38 -26.18
CA ASN A 71 12.65 -21.99 -25.94
C ASN A 71 11.85 -21.19 -24.91
N ALA A 72 12.54 -20.72 -23.83
CA ALA A 72 11.92 -19.92 -22.79
C ALA A 72 11.53 -18.55 -23.37
N LYS A 73 12.39 -17.98 -24.23
CA LYS A 73 12.14 -16.71 -24.92
C LYS A 73 10.82 -16.74 -25.69
N ALA A 74 10.54 -17.85 -26.42
CA ALA A 74 9.34 -18.01 -27.24
C ALA A 74 8.08 -18.14 -26.37
N ALA A 75 8.19 -18.87 -25.26
CA ALA A 75 7.10 -19.06 -24.30
C ALA A 75 6.81 -17.73 -23.58
N PHE A 76 7.86 -16.96 -23.26
CA PHE A 76 7.76 -15.64 -22.64
C PHE A 76 6.88 -14.74 -23.49
N LYS A 77 7.15 -14.68 -24.80
CA LYS A 77 6.41 -13.87 -25.78
C LYS A 77 4.90 -14.15 -25.77
N ILE A 78 4.51 -15.44 -25.57
CA ILE A 78 3.09 -15.85 -25.49
C ILE A 78 2.51 -15.49 -24.11
N TRP A 79 3.15 -16.00 -23.03
CA TRP A 79 2.74 -15.82 -21.64
C TRP A 79 2.63 -14.35 -21.21
N SER A 80 3.61 -13.51 -21.59
CA SER A 80 3.61 -12.09 -21.19
C SER A 80 2.42 -11.32 -21.74
N GLN A 81 1.82 -11.85 -22.84
CA GLN A 81 0.68 -11.31 -23.55
C GLN A 81 -0.64 -11.77 -22.91
N LYS A 82 -0.58 -12.73 -21.96
CA LYS A 82 -1.76 -13.20 -21.26
C LYS A 82 -2.10 -12.22 -20.16
N SER A 83 -3.38 -12.10 -19.79
CA SER A 83 -3.80 -11.20 -18.72
C SER A 83 -3.42 -11.76 -17.33
N GLY A 84 -3.40 -10.88 -16.32
CA GLY A 84 -3.11 -11.26 -14.94
C GLY A 84 -3.99 -12.40 -14.44
N MET A 85 -5.30 -12.27 -14.66
CA MET A 85 -6.34 -13.24 -14.29
C MET A 85 -6.10 -14.60 -14.94
N GLU A 86 -5.64 -14.60 -16.21
CA GLU A 86 -5.32 -15.85 -16.91
C GLU A 86 -4.08 -16.52 -16.30
N ARG A 87 -3.05 -15.73 -15.94
CA ARG A 87 -1.86 -16.30 -15.34
C ARG A 87 -2.16 -16.88 -13.94
N CYS A 88 -3.06 -16.20 -13.20
CA CYS A 88 -3.57 -16.58 -11.87
C CYS A 88 -4.28 -17.95 -11.91
N ARG A 89 -5.21 -18.13 -12.87
CA ARG A 89 -5.94 -19.37 -13.09
C ARG A 89 -4.98 -20.57 -13.21
N ILE A 90 -4.01 -20.50 -14.15
CA ILE A 90 -2.95 -21.49 -14.42
C ILE A 90 -2.09 -21.76 -13.15
N LEU A 91 -1.69 -20.71 -12.41
CA LEU A 91 -0.90 -20.90 -11.18
C LEU A 91 -1.73 -21.51 -10.03
N LEU A 92 -3.05 -21.23 -9.95
CA LEU A 92 -3.96 -21.80 -8.95
C LEU A 92 -4.21 -23.30 -9.25
N GLU A 93 -4.28 -23.68 -10.55
CA GLU A 93 -4.37 -25.07 -11.02
C GLU A 93 -3.10 -25.85 -10.67
N ALA A 94 -1.89 -25.21 -10.80
CA ALA A 94 -0.61 -25.84 -10.45
C ALA A 94 -0.54 -26.06 -8.93
N ALA A 95 -1.00 -25.08 -8.11
CA ALA A 95 -1.10 -25.23 -6.64
C ALA A 95 -2.06 -26.37 -6.24
N ARG A 96 -3.19 -26.53 -6.97
CA ARG A 96 -4.14 -27.61 -6.72
C ARG A 96 -3.53 -28.98 -7.08
N ILE A 97 -2.80 -29.07 -8.20
CA ILE A 97 -2.10 -30.28 -8.64
C ILE A 97 -1.00 -30.67 -7.63
N ILE A 98 -0.20 -29.71 -7.14
CA ILE A 98 0.83 -29.95 -6.09
C ILE A 98 0.18 -30.55 -4.83
N ARG A 99 -0.94 -29.95 -4.36
CA ARG A 99 -1.73 -30.33 -3.18
C ARG A 99 -2.33 -31.75 -3.31
N GLU A 100 -2.82 -32.08 -4.52
CA GLU A 100 -3.39 -33.39 -4.81
C GLU A 100 -2.31 -34.47 -4.87
N ARG A 101 -1.11 -34.12 -5.37
CA ARG A 101 0.02 -35.03 -5.55
C ARG A 101 1.11 -34.89 -4.44
N GLU A 102 0.78 -34.18 -3.34
CA GLU A 102 1.62 -33.83 -2.20
C GLU A 102 2.52 -34.95 -1.70
N ASP A 103 1.90 -36.13 -1.43
CA ASP A 103 2.57 -37.30 -0.90
C ASP A 103 3.53 -37.91 -1.88
N GLU A 104 3.15 -37.94 -3.19
CA GLU A 104 3.98 -38.43 -4.28
C GLU A 104 5.20 -37.52 -4.44
N ILE A 105 4.98 -36.18 -4.36
CA ILE A 105 6.05 -35.20 -4.45
C ILE A 105 6.96 -35.30 -3.21
N ALA A 106 6.38 -35.34 -2.02
CA ALA A 106 7.11 -35.47 -0.74
C ALA A 106 7.98 -36.72 -0.73
N THR A 107 7.44 -37.86 -1.22
CA THR A 107 8.15 -39.12 -1.35
C THR A 107 9.37 -38.99 -2.25
N MET A 108 9.18 -38.42 -3.45
CA MET A 108 10.24 -38.22 -4.44
C MET A 108 11.30 -37.23 -3.93
N GLU A 109 10.86 -36.24 -3.14
CA GLU A 109 11.79 -35.30 -2.49
C GLU A 109 12.68 -36.05 -1.46
N CYS A 110 12.08 -36.94 -0.66
CA CYS A 110 12.73 -37.74 0.39
C CYS A 110 13.76 -38.69 -0.14
N ILE A 111 13.43 -39.39 -1.22
CA ILE A 111 14.28 -40.37 -1.88
C ILE A 111 15.60 -39.74 -2.31
N ASN A 112 15.55 -38.54 -2.89
CA ASN A 112 16.75 -37.92 -3.41
C ASN A 112 17.52 -37.06 -2.39
N ASN A 113 16.81 -36.37 -1.51
CA ASN A 113 17.41 -35.46 -0.51
C ASN A 113 17.72 -36.10 0.88
N GLY A 114 16.86 -37.02 1.35
CA GLY A 114 17.03 -37.68 2.65
C GLY A 114 16.27 -37.10 3.82
N LYS A 115 15.59 -35.93 3.68
CA LYS A 115 14.82 -35.38 4.80
C LYS A 115 13.61 -36.25 5.10
N SER A 116 13.08 -36.13 6.31
CA SER A 116 11.90 -36.86 6.76
C SER A 116 10.66 -36.46 5.95
N ILE A 117 9.77 -37.41 5.70
CA ILE A 117 8.47 -37.22 5.03
C ILE A 117 7.67 -36.15 5.81
N PHE A 118 7.95 -36.02 7.11
CA PHE A 118 7.38 -35.02 7.98
C PHE A 118 7.77 -33.62 7.50
N GLU A 119 9.09 -33.38 7.29
CA GLU A 119 9.64 -32.09 6.86
C GLU A 119 9.40 -31.85 5.36
N ALA A 120 9.44 -32.92 4.54
CA ALA A 120 9.17 -32.77 3.10
C ALA A 120 7.75 -32.26 2.84
N ARG A 121 6.73 -32.79 3.58
CA ARG A 121 5.33 -32.33 3.49
C ARG A 121 5.22 -30.86 3.82
N LEU A 122 5.93 -30.41 4.88
CA LEU A 122 5.98 -29.01 5.26
C LEU A 122 6.54 -28.10 4.13
N ASP A 123 7.59 -28.54 3.42
CA ASP A 123 8.17 -27.84 2.26
C ASP A 123 7.18 -27.76 1.09
N ILE A 124 6.47 -28.87 0.80
CA ILE A 124 5.47 -28.98 -0.28
C ILE A 124 4.28 -28.02 0.00
N ASP A 125 3.88 -27.90 1.30
CA ASP A 125 2.82 -27.00 1.74
C ASP A 125 3.16 -25.53 1.40
N ILE A 126 4.38 -25.09 1.77
CA ILE A 126 4.94 -23.74 1.50
C ILE A 126 5.00 -23.53 -0.01
N SER A 127 5.22 -24.64 -0.77
CA SER A 127 5.35 -24.60 -2.21
C SER A 127 4.05 -24.30 -2.92
N TRP A 128 2.96 -24.95 -2.51
CA TRP A 128 1.68 -24.65 -3.15
C TRP A 128 1.07 -23.34 -2.59
N GLN A 129 1.41 -22.98 -1.32
CA GLN A 129 0.99 -21.74 -0.64
C GLN A 129 1.55 -20.51 -1.35
N CYS A 130 2.82 -20.62 -1.80
CA CYS A 130 3.65 -19.66 -2.54
C CYS A 130 3.00 -19.37 -3.89
N LEU A 131 2.63 -20.43 -4.61
CA LEU A 131 1.99 -20.36 -5.92
C LEU A 131 0.67 -19.64 -5.82
N GLU A 132 -0.19 -20.00 -4.82
CA GLU A 132 -1.46 -19.29 -4.63
C GLU A 132 -1.29 -17.82 -4.34
N TYR A 133 -0.34 -17.48 -3.46
CA TYR A 133 -0.03 -16.10 -3.09
C TYR A 133 0.30 -15.23 -4.32
N TYR A 134 1.33 -15.62 -5.09
CA TYR A 134 1.72 -14.91 -6.30
C TYR A 134 0.62 -14.93 -7.38
N ALA A 135 -0.15 -16.03 -7.51
CA ALA A 135 -1.27 -16.09 -8.46
C ALA A 135 -2.27 -14.98 -8.10
N GLY A 136 -2.60 -14.86 -6.81
CA GLY A 136 -3.43 -13.79 -6.28
C GLY A 136 -2.91 -12.40 -6.63
N LEU A 137 -1.57 -12.22 -6.54
CA LEU A 137 -0.92 -10.93 -6.86
C LEU A 137 -0.93 -10.64 -8.35
N ALA A 138 -0.81 -11.70 -9.20
CA ALA A 138 -0.87 -11.60 -10.66
C ALA A 138 -2.23 -11.07 -11.10
N ALA A 139 -3.29 -11.57 -10.46
CA ALA A 139 -4.68 -11.19 -10.73
C ALA A 139 -5.04 -9.80 -10.29
N SER A 140 -4.43 -9.28 -9.21
CA SER A 140 -4.76 -7.99 -8.60
C SER A 140 -3.74 -6.86 -8.80
N MET A 141 -2.68 -7.11 -9.59
CA MET A 141 -1.69 -6.09 -9.87
C MET A 141 -2.27 -4.84 -10.54
N ALA A 142 -1.69 -3.69 -10.17
CA ALA A 142 -2.08 -2.37 -10.63
C ALA A 142 -0.89 -1.45 -10.51
N GLY A 143 -0.79 -0.55 -11.48
CA GLY A 143 0.22 0.49 -11.48
C GLY A 143 -0.39 1.75 -10.90
N GLU A 144 0.34 2.85 -11.02
CA GLU A 144 -0.15 4.10 -10.50
C GLU A 144 -0.68 4.99 -11.60
N HIS A 145 -1.74 5.73 -11.27
CA HIS A 145 -2.30 6.75 -12.12
C HIS A 145 -2.13 8.12 -11.43
N ILE A 146 -1.64 9.13 -12.17
CA ILE A 146 -1.39 10.47 -11.60
C ILE A 146 -1.92 11.58 -12.48
N GLN A 147 -2.49 12.61 -11.85
CA GLN A 147 -2.99 13.78 -12.57
C GLN A 147 -1.93 14.85 -12.70
N LEU A 148 -1.82 15.41 -13.90
CA LEU A 148 -0.89 16.48 -14.25
C LEU A 148 -1.78 17.69 -14.65
N PRO A 149 -1.29 18.96 -14.60
CA PRO A 149 -2.18 20.09 -14.92
C PRO A 149 -2.75 20.10 -16.35
N GLY A 150 -3.99 20.57 -16.47
CA GLY A 150 -4.70 20.72 -17.73
C GLY A 150 -5.24 19.45 -18.37
N GLY A 151 -5.53 18.45 -17.54
CA GLY A 151 -6.08 17.17 -17.99
C GLY A 151 -5.04 16.14 -18.40
N SER A 152 -3.75 16.50 -18.36
CA SER A 152 -2.64 15.62 -18.70
C SER A 152 -2.45 14.58 -17.58
N PHE A 153 -1.88 13.41 -17.89
CA PHE A 153 -1.71 12.36 -16.89
C PHE A 153 -0.53 11.41 -17.15
N GLY A 154 0.03 10.90 -16.07
CA GLY A 154 1.11 9.93 -16.06
C GLY A 154 0.65 8.60 -15.47
N TYR A 155 1.14 7.48 -16.03
CA TYR A 155 0.75 6.19 -15.50
C TYR A 155 1.87 5.17 -15.62
N THR A 156 1.86 4.25 -14.66
CA THR A 156 2.86 3.20 -14.54
C THR A 156 2.26 1.82 -14.67
N ARG A 157 3.11 0.86 -15.01
CA ARG A 157 2.78 -0.56 -15.15
C ARG A 157 4.04 -1.40 -14.96
N ARG A 158 3.92 -2.54 -14.31
CA ARG A 158 5.03 -3.45 -14.11
C ARG A 158 5.01 -4.50 -15.22
N GLU A 159 6.10 -4.55 -15.98
CA GLU A 159 6.25 -5.46 -17.11
C GLU A 159 7.23 -6.55 -16.74
N PRO A 160 7.08 -7.78 -17.24
CA PRO A 160 8.11 -8.81 -16.98
C PRO A 160 9.46 -8.49 -17.63
N LEU A 161 10.51 -9.16 -17.22
CA LEU A 161 11.87 -8.95 -17.73
C LEU A 161 12.15 -9.72 -19.02
N GLY A 162 11.67 -10.97 -19.09
CA GLY A 162 11.87 -11.91 -20.18
C GLY A 162 12.17 -13.29 -19.61
N VAL A 163 13.38 -13.78 -19.89
CA VAL A 163 13.91 -15.06 -19.47
C VAL A 163 14.66 -14.90 -18.17
N CYS A 164 14.09 -15.44 -17.11
CA CYS A 164 14.71 -15.43 -15.79
C CYS A 164 15.33 -16.80 -15.51
N VAL A 165 16.42 -16.82 -14.78
CA VAL A 165 17.11 -18.05 -14.45
C VAL A 165 17.00 -18.32 -12.94
N GLY A 166 16.65 -19.55 -12.58
CA GLY A 166 16.60 -19.94 -11.19
C GLY A 166 17.75 -20.87 -10.84
N ILE A 167 18.49 -20.56 -9.76
CA ILE A 167 19.56 -21.45 -9.33
C ILE A 167 19.07 -22.24 -8.11
N GLY A 168 19.13 -23.57 -8.17
CA GLY A 168 18.68 -24.41 -7.07
C GLY A 168 19.72 -24.76 -6.04
N ALA A 169 19.24 -25.19 -4.87
CA ALA A 169 20.07 -25.68 -3.76
C ALA A 169 19.58 -27.07 -3.39
N TRP A 170 20.45 -27.90 -2.80
CA TRP A 170 20.11 -29.27 -2.43
C TRP A 170 19.27 -29.40 -1.15
N ASN A 171 19.35 -28.43 -0.22
CA ASN A 171 18.64 -28.53 1.06
C ASN A 171 17.09 -28.37 0.96
N TYR A 172 16.56 -27.57 0.02
CA TYR A 172 15.09 -27.46 -0.19
C TYR A 172 14.82 -27.53 -1.69
N PRO A 173 14.99 -28.71 -2.35
CA PRO A 173 14.89 -28.75 -3.83
C PRO A 173 13.57 -28.25 -4.44
N PHE A 174 12.45 -28.90 -4.12
CA PHE A 174 11.13 -28.52 -4.66
C PHE A 174 10.69 -27.12 -4.21
N GLN A 175 10.96 -26.77 -2.96
CA GLN A 175 10.63 -25.48 -2.36
C GLN A 175 11.27 -24.28 -3.09
N ILE A 176 12.58 -24.34 -3.38
CA ILE A 176 13.36 -23.28 -4.03
C ILE A 176 12.90 -23.11 -5.48
N ALA A 177 12.65 -24.25 -6.14
CA ALA A 177 12.17 -24.31 -7.51
C ALA A 177 10.81 -23.61 -7.56
N SER A 178 9.88 -23.93 -6.61
CA SER A 178 8.56 -23.28 -6.55
C SER A 178 8.69 -21.83 -6.22
N TRP A 179 9.47 -21.49 -5.16
CA TRP A 179 9.67 -20.15 -4.65
C TRP A 179 10.26 -19.15 -5.68
N LYS A 180 11.12 -19.61 -6.59
CA LYS A 180 11.69 -18.75 -7.62
C LYS A 180 10.76 -18.65 -8.86
N SER A 181 10.18 -19.80 -9.28
CA SER A 181 9.32 -19.81 -10.46
C SER A 181 8.00 -19.17 -10.25
N ALA A 182 7.31 -19.39 -9.10
CA ALA A 182 5.98 -18.81 -8.89
C ALA A 182 6.00 -17.32 -9.10
N PRO A 183 6.84 -16.47 -8.41
CA PRO A 183 6.77 -15.03 -8.67
C PRO A 183 7.19 -14.63 -10.08
N ALA A 184 8.29 -15.22 -10.61
CA ALA A 184 8.80 -14.94 -11.95
C ALA A 184 7.70 -15.13 -12.99
N LEU A 185 6.96 -16.25 -12.90
CA LEU A 185 5.87 -16.59 -13.80
C LEU A 185 4.64 -15.71 -13.60
N ALA A 186 4.27 -15.40 -12.33
CA ALA A 186 3.14 -14.54 -11.98
C ALA A 186 3.27 -13.13 -12.63
N CYS A 187 4.53 -12.67 -12.83
CA CYS A 187 4.93 -11.40 -13.44
C CYS A 187 4.82 -11.38 -14.95
N GLY A 188 4.78 -12.56 -15.57
CA GLY A 188 4.74 -12.68 -17.01
C GLY A 188 6.05 -13.18 -17.62
N ASN A 189 7.03 -13.54 -16.78
CA ASN A 189 8.32 -14.07 -17.24
C ASN A 189 8.26 -15.56 -17.56
N ALA A 190 9.35 -16.05 -18.16
CA ALA A 190 9.67 -17.45 -18.42
C ALA A 190 10.87 -17.72 -17.54
N MET A 191 11.03 -18.96 -17.05
CA MET A 191 12.16 -19.35 -16.23
C MET A 191 12.92 -20.54 -16.76
N VAL A 192 14.27 -20.46 -16.72
CA VAL A 192 15.15 -21.60 -16.97
C VAL A 192 15.68 -21.94 -15.56
N PHE A 193 15.39 -23.14 -15.07
CA PHE A 193 15.80 -23.53 -13.71
C PHE A 193 16.95 -24.53 -13.71
N LYS A 194 17.96 -24.26 -12.91
CA LYS A 194 19.08 -25.15 -12.78
C LYS A 194 19.12 -25.70 -11.36
N PRO A 195 18.64 -26.94 -11.17
CA PRO A 195 18.72 -27.56 -9.85
C PRO A 195 20.16 -27.86 -9.43
N SER A 196 20.36 -28.18 -8.12
CA SER A 196 21.64 -28.56 -7.59
C SER A 196 21.95 -29.91 -8.21
N PRO A 197 23.19 -30.19 -8.70
CA PRO A 197 23.48 -31.54 -9.24
C PRO A 197 23.28 -32.68 -8.22
N PHE A 198 23.17 -32.34 -6.91
CA PHE A 198 22.91 -33.31 -5.84
C PHE A 198 21.46 -33.76 -5.86
N THR A 199 20.53 -32.84 -6.22
CA THR A 199 19.08 -33.11 -6.23
C THR A 199 18.41 -32.75 -7.58
N PRO A 200 18.65 -33.51 -8.67
CA PRO A 200 18.04 -33.14 -9.96
C PRO A 200 16.57 -33.48 -10.17
N VAL A 201 16.07 -34.50 -9.47
CA VAL A 201 14.79 -35.16 -9.66
C VAL A 201 13.49 -34.35 -9.37
N SER A 202 13.29 -33.79 -8.17
CA SER A 202 12.03 -33.16 -7.80
C SER A 202 11.59 -31.95 -8.66
N ALA A 203 12.53 -31.23 -9.31
CA ALA A 203 12.20 -30.04 -10.14
C ALA A 203 11.44 -30.42 -11.40
N LEU A 204 11.58 -31.68 -11.86
CA LEU A 204 10.90 -32.20 -13.04
C LEU A 204 9.45 -32.47 -12.76
N LEU A 205 9.14 -32.77 -11.50
CA LEU A 205 7.75 -32.93 -11.06
C LEU A 205 7.04 -31.58 -11.20
N LEU A 206 7.73 -30.49 -10.79
CA LEU A 206 7.25 -29.12 -10.88
C LEU A 206 7.07 -28.71 -12.37
N ALA A 207 8.09 -28.99 -13.22
CA ALA A 207 8.03 -28.72 -14.66
C ALA A 207 6.78 -29.39 -15.27
N GLU A 208 6.62 -30.71 -15.01
CA GLU A 208 5.50 -31.53 -15.47
C GLU A 208 4.13 -30.98 -14.97
N ILE A 209 4.06 -30.53 -13.71
CA ILE A 209 2.86 -29.97 -13.07
C ILE A 209 2.45 -28.63 -13.73
N TYR A 210 3.43 -27.76 -14.05
CA TYR A 210 3.16 -26.48 -14.72
C TYR A 210 2.52 -26.72 -16.10
N SER A 211 3.09 -27.66 -16.85
CA SER A 211 2.59 -28.11 -18.15
C SER A 211 1.17 -28.58 -18.07
N GLU A 212 0.84 -29.43 -17.08
CA GLU A 212 -0.50 -29.96 -16.80
C GLU A 212 -1.49 -28.82 -16.46
N ALA A 213 -1.05 -27.82 -15.71
CA ALA A 213 -1.83 -26.65 -15.33
C ALA A 213 -2.19 -25.75 -16.54
N GLY A 214 -1.38 -25.82 -17.60
CA GLY A 214 -1.63 -25.06 -18.83
C GLY A 214 -0.61 -24.00 -19.20
N VAL A 215 0.62 -24.07 -18.62
CA VAL A 215 1.65 -23.10 -19.02
C VAL A 215 2.09 -23.45 -20.46
N PRO A 216 2.40 -22.44 -21.32
CA PRO A 216 2.88 -22.75 -22.66
C PRO A 216 4.24 -23.49 -22.64
N PRO A 217 4.46 -24.43 -23.57
CA PRO A 217 5.76 -25.14 -23.62
C PRO A 217 6.94 -24.17 -23.70
N GLY A 218 7.90 -24.36 -22.80
CA GLY A 218 9.06 -23.50 -22.67
C GLY A 218 9.08 -22.58 -21.47
N LEU A 219 7.91 -22.32 -20.85
CA LEU A 219 7.79 -21.35 -19.76
C LEU A 219 8.61 -21.72 -18.50
N PHE A 220 8.62 -23.02 -18.17
CA PHE A 220 9.44 -23.51 -17.09
C PHE A 220 10.31 -24.64 -17.60
N ASN A 221 11.56 -24.27 -17.93
CA ASN A 221 12.54 -25.23 -18.41
C ASN A 221 13.47 -25.62 -17.28
N VAL A 222 14.05 -26.81 -17.40
CA VAL A 222 15.00 -27.33 -16.42
C VAL A 222 16.23 -27.83 -17.17
N VAL A 223 17.39 -27.28 -16.86
CA VAL A 223 18.67 -27.76 -17.36
C VAL A 223 19.44 -28.26 -16.14
N GLN A 224 19.92 -29.51 -16.17
CA GLN A 224 20.77 -30.05 -15.11
C GLN A 224 22.24 -29.62 -15.34
N GLY A 225 23.00 -29.55 -14.24
CA GLY A 225 24.40 -29.19 -14.28
C GLY A 225 24.94 -28.55 -13.02
N GLY A 226 26.24 -28.32 -13.02
CA GLY A 226 26.98 -27.71 -11.93
C GLY A 226 27.34 -26.27 -12.26
N ALA A 227 28.55 -25.86 -11.81
CA ALA A 227 29.12 -24.51 -11.98
C ALA A 227 29.25 -24.07 -13.43
N ALA A 228 29.72 -24.98 -14.32
CA ALA A 228 29.89 -24.65 -15.75
C ALA A 228 28.54 -24.34 -16.43
N THR A 229 27.49 -25.08 -16.08
CA THR A 229 26.11 -24.89 -16.55
C THR A 229 25.56 -23.55 -16.06
N GLY A 230 25.74 -23.26 -14.75
CA GLY A 230 25.37 -22.01 -14.10
C GLY A 230 26.01 -20.79 -14.73
N GLN A 231 27.31 -20.91 -15.10
CA GLN A 231 28.10 -19.86 -15.77
C GLN A 231 27.56 -19.63 -17.21
N PHE A 232 27.21 -20.73 -17.94
CA PHE A 232 26.62 -20.61 -19.26
C PHE A 232 25.31 -19.84 -19.20
N LEU A 233 24.47 -20.14 -18.17
CA LEU A 233 23.19 -19.43 -17.93
C LEU A 233 23.38 -17.95 -17.64
N CYS A 234 24.30 -17.60 -16.70
CA CYS A 234 24.63 -16.21 -16.33
C CYS A 234 25.13 -15.39 -17.53
N GLN A 235 26.03 -15.97 -18.34
CA GLN A 235 26.62 -15.36 -19.52
C GLN A 235 25.68 -15.31 -20.75
N HIS A 236 24.55 -16.05 -20.72
CA HIS A 236 23.65 -16.04 -21.88
C HIS A 236 23.06 -14.66 -22.12
N PRO A 237 23.32 -14.11 -23.34
CA PRO A 237 22.85 -12.75 -23.67
C PRO A 237 21.34 -12.55 -23.61
N ASP A 238 20.54 -13.63 -23.72
CA ASP A 238 19.09 -13.47 -23.69
C ASP A 238 18.51 -13.64 -22.30
N VAL A 239 19.36 -13.95 -21.30
CA VAL A 239 18.93 -14.08 -19.90
C VAL A 239 18.83 -12.70 -19.31
N ALA A 240 17.61 -12.34 -18.84
CA ALA A 240 17.30 -11.04 -18.24
C ALA A 240 17.84 -10.91 -16.80
N LYS A 241 17.62 -11.93 -15.97
CA LYS A 241 18.04 -11.94 -14.57
C LYS A 241 18.29 -13.36 -14.08
N VAL A 242 19.25 -13.51 -13.18
CA VAL A 242 19.63 -14.78 -12.54
C VAL A 242 19.27 -14.62 -11.08
N SER A 243 18.57 -15.61 -10.52
CA SER A 243 18.15 -15.63 -9.12
C SER A 243 18.94 -16.72 -8.38
N PHE A 244 20.04 -16.34 -7.69
CA PHE A 244 20.91 -17.25 -6.91
C PHE A 244 20.30 -17.68 -5.59
N THR A 245 20.60 -18.96 -5.21
CA THR A 245 20.17 -19.73 -4.03
C THR A 245 19.25 -18.97 -3.05
N GLY A 271 30.73 -14.67 12.02
CA GLY A 271 30.07 -15.47 13.06
C GLY A 271 28.77 -16.08 12.59
N LYS A 272 28.45 -17.32 13.07
CA LYS A 272 27.24 -18.05 12.69
C LYS A 272 26.05 -17.83 13.66
N SER A 273 24.80 -18.03 13.17
CA SER A 273 23.52 -17.86 13.90
C SER A 273 23.55 -18.29 15.40
N PRO A 274 23.42 -17.32 16.34
CA PRO A 274 23.46 -17.69 17.77
C PRO A 274 22.10 -17.91 18.39
N LEU A 275 22.13 -18.66 19.49
CA LEU A 275 20.98 -18.95 20.32
C LEU A 275 21.44 -18.61 21.73
N ILE A 276 20.71 -17.71 22.41
CA ILE A 276 21.09 -17.25 23.73
C ILE A 276 20.04 -17.71 24.71
N ILE A 277 20.47 -18.54 25.66
CA ILE A 277 19.66 -19.18 26.69
C ILE A 277 20.05 -18.64 28.05
N PHE A 278 19.28 -17.65 28.55
CA PHE A 278 19.49 -17.04 29.86
C PHE A 278 18.99 -17.99 30.96
N SER A 279 19.42 -17.80 32.21
CA SER A 279 19.01 -18.66 33.32
C SER A 279 17.56 -18.40 33.81
N ASP A 280 16.93 -17.28 33.37
CA ASP A 280 15.54 -16.95 33.74
C ASP A 280 14.49 -17.49 32.74
N CYS A 281 14.95 -18.21 31.70
CA CYS A 281 14.13 -18.83 30.66
C CYS A 281 13.29 -20.01 31.18
N ASP A 282 12.35 -20.50 30.34
CA ASP A 282 11.58 -21.71 30.62
C ASP A 282 12.41 -22.86 30.00
N MET A 283 13.01 -23.68 30.87
CA MET A 283 13.91 -24.79 30.56
C MET A 283 13.44 -25.68 29.40
N ASN A 284 12.23 -26.29 29.52
CA ASN A 284 11.65 -27.20 28.53
C ASN A 284 11.52 -26.57 27.14
N ASN A 285 11.08 -25.30 27.09
CA ASN A 285 10.92 -24.56 25.85
C ASN A 285 12.28 -24.24 25.20
N ALA A 286 13.30 -23.96 26.03
CA ALA A 286 14.67 -23.68 25.58
C ALA A 286 15.31 -24.94 25.00
N VAL A 287 15.11 -26.09 25.68
CA VAL A 287 15.63 -27.38 25.24
C VAL A 287 14.96 -27.75 23.90
N LYS A 288 13.61 -27.61 23.82
CA LYS A 288 12.83 -27.88 22.60
C LYS A 288 13.30 -26.99 21.45
N GLY A 289 13.45 -25.69 21.73
CA GLY A 289 13.95 -24.73 20.77
C GLY A 289 15.35 -25.09 20.28
N ALA A 290 16.26 -25.45 21.22
CA ALA A 290 17.65 -25.84 20.92
C ALA A 290 17.71 -26.99 19.92
N LEU A 291 16.99 -28.10 20.21
CA LEU A 291 16.90 -29.29 19.36
C LEU A 291 16.28 -28.99 18.00
N MET A 292 15.23 -28.14 17.97
CA MET A 292 14.59 -27.72 16.72
C MET A 292 15.57 -26.90 15.87
N ALA A 293 16.29 -25.97 16.51
CA ALA A 293 17.28 -25.08 15.88
C ALA A 293 18.56 -25.76 15.37
N ASN A 294 18.81 -27.03 15.73
CA ASN A 294 20.04 -27.73 15.38
C ASN A 294 19.87 -28.98 14.58
N PHE A 295 18.80 -29.75 14.87
CA PHE A 295 18.65 -31.09 14.32
C PHE A 295 17.52 -31.28 13.30
N LEU A 296 16.81 -30.21 12.90
CA LEU A 296 15.82 -30.30 11.83
C LEU A 296 16.59 -30.24 10.53
N THR A 297 16.10 -30.94 9.47
CA THR A 297 16.71 -31.05 8.12
C THR A 297 18.16 -31.60 8.23
N GLN A 298 18.43 -32.40 9.29
CA GLN A 298 19.72 -32.99 9.68
C GLN A 298 20.76 -31.89 9.96
N GLY A 299 20.26 -30.70 10.33
CA GLY A 299 21.05 -29.49 10.61
C GLY A 299 21.88 -28.99 9.45
N GLN A 300 21.44 -29.28 8.21
CA GLN A 300 22.16 -28.97 6.98
C GLN A 300 21.85 -27.60 6.36
N VAL A 301 21.02 -26.79 7.03
CA VAL A 301 20.65 -25.43 6.64
C VAL A 301 21.71 -24.46 7.22
N CYS A 302 21.85 -23.27 6.64
CA CYS A 302 22.76 -22.22 7.10
C CYS A 302 22.07 -21.45 8.23
N CYS A 303 20.73 -21.47 8.18
CA CYS A 303 19.79 -20.83 9.10
C CYS A 303 19.99 -21.24 10.57
N ASN A 304 20.08 -22.58 10.84
CA ASN A 304 20.26 -23.26 12.13
C ASN A 304 21.00 -22.45 13.23
N GLY A 305 20.43 -22.45 14.45
CA GLY A 305 20.99 -21.79 15.63
C GLY A 305 21.97 -22.70 16.35
N THR A 306 23.14 -22.90 15.72
CA THR A 306 24.22 -23.82 16.10
C THR A 306 25.10 -23.39 17.27
N ARG A 307 25.34 -22.07 17.43
CA ARG A 307 26.11 -21.53 18.56
C ARG A 307 25.09 -21.34 19.67
N VAL A 308 25.13 -22.22 20.69
CA VAL A 308 24.16 -22.17 21.80
C VAL A 308 24.82 -21.63 23.07
N PHE A 309 24.73 -20.30 23.26
CA PHE A 309 25.23 -19.59 24.43
C PHE A 309 24.24 -19.83 25.55
N VAL A 310 24.69 -20.49 26.64
CA VAL A 310 23.85 -20.84 27.79
C VAL A 310 24.42 -20.22 29.07
N GLN A 311 23.56 -19.54 29.87
CA GLN A 311 23.99 -18.86 31.09
C GLN A 311 24.45 -19.85 32.16
N LYS A 312 25.65 -19.58 32.73
CA LYS A 312 26.44 -20.34 33.71
C LYS A 312 25.63 -21.12 34.80
N GLU A 313 24.56 -20.51 35.35
CA GLU A 313 23.72 -21.10 36.40
C GLU A 313 22.93 -22.33 35.91
N ILE A 314 22.41 -22.28 34.66
CA ILE A 314 21.61 -23.38 34.09
C ILE A 314 22.38 -24.34 33.16
N LEU A 315 23.69 -24.07 32.90
CA LEU A 315 24.54 -24.87 32.01
C LEU A 315 24.37 -26.37 32.19
N ASP A 316 24.60 -26.89 33.40
CA ASP A 316 24.53 -28.30 33.74
C ASP A 316 23.14 -28.94 33.46
N LYS A 317 22.04 -28.30 33.95
CA LYS A 317 20.65 -28.75 33.82
C LYS A 317 20.21 -28.76 32.38
N PHE A 318 20.54 -27.67 31.64
CA PHE A 318 20.22 -27.53 30.23
C PHE A 318 20.99 -28.58 29.42
N THR A 319 22.33 -28.68 29.61
CA THR A 319 23.20 -29.64 28.91
C THR A 319 22.69 -31.09 29.05
N GLU A 320 22.30 -31.50 30.27
CA GLU A 320 21.81 -32.85 30.52
C GLU A 320 20.43 -33.13 29.95
N GLU A 321 19.53 -32.13 29.95
CA GLU A 321 18.19 -32.28 29.38
C GLU A 321 18.26 -32.36 27.85
N VAL A 322 19.20 -31.60 27.23
CA VAL A 322 19.42 -31.58 25.78
C VAL A 322 19.92 -32.95 25.32
N VAL A 323 20.99 -33.49 25.98
CA VAL A 323 21.57 -34.79 25.65
C VAL A 323 20.49 -35.90 25.70
N LYS A 324 19.63 -35.83 26.74
CA LYS A 324 18.51 -36.75 26.97
C LYS A 324 17.51 -36.75 25.81
N GLN A 325 17.03 -35.56 25.40
CA GLN A 325 16.08 -35.45 24.28
C GLN A 325 16.74 -35.70 22.92
N THR A 326 18.07 -35.47 22.81
CA THR A 326 18.82 -35.66 21.57
C THR A 326 18.99 -37.13 21.26
N GLN A 327 19.28 -37.93 22.30
CA GLN A 327 19.47 -39.38 22.22
C GLN A 327 18.20 -40.13 21.87
N ARG A 328 17.02 -39.51 22.02
CA ARG A 328 15.77 -40.17 21.69
C ARG A 328 15.20 -39.75 20.32
N ILE A 329 15.95 -38.92 19.52
CA ILE A 329 15.55 -38.50 18.15
C ILE A 329 15.55 -39.76 17.26
N LYS A 330 14.40 -40.05 16.60
CA LYS A 330 14.21 -41.22 15.75
C LYS A 330 14.96 -41.10 14.42
N ILE A 331 16.07 -41.84 14.28
CA ILE A 331 16.92 -41.89 13.09
C ILE A 331 16.54 -43.11 12.25
N GLY A 332 16.24 -42.91 10.96
CA GLY A 332 15.88 -44.00 10.06
C GLY A 332 15.47 -43.61 8.66
N ASP A 333 14.71 -44.52 8.00
CA ASP A 333 14.16 -44.39 6.64
C ASP A 333 13.27 -43.14 6.61
N PRO A 334 13.59 -42.17 5.70
CA PRO A 334 12.81 -40.91 5.68
C PRO A 334 11.34 -41.07 5.33
N LEU A 335 10.98 -42.20 4.70
CA LEU A 335 9.61 -42.48 4.28
C LEU A 335 8.71 -42.91 5.45
N LEU A 336 9.30 -43.34 6.60
CA LEU A 336 8.53 -43.69 7.80
C LEU A 336 8.02 -42.42 8.50
N GLU A 337 6.72 -42.38 8.86
CA GLU A 337 6.04 -41.27 9.54
C GLU A 337 6.65 -40.85 10.88
N ASP A 338 7.29 -41.78 11.59
CA ASP A 338 7.92 -41.50 12.88
C ASP A 338 9.39 -41.02 12.77
N THR A 339 10.01 -41.11 11.54
CA THR A 339 11.40 -40.64 11.37
C THR A 339 11.47 -39.11 11.50
N ARG A 340 12.39 -38.63 12.32
CA ARG A 340 12.66 -37.20 12.51
C ARG A 340 14.10 -36.88 12.09
N MET A 341 14.90 -37.92 11.80
CA MET A 341 16.26 -37.74 11.30
C MET A 341 16.62 -38.77 10.26
N GLY A 342 16.85 -38.28 9.05
CA GLY A 342 17.29 -39.15 7.98
C GLY A 342 18.79 -39.10 7.83
N PRO A 343 19.28 -39.44 6.63
CA PRO A 343 20.73 -39.36 6.38
C PRO A 343 21.15 -37.96 5.87
N LEU A 344 22.45 -37.79 5.70
CA LEU A 344 23.05 -36.59 5.18
C LEU A 344 22.98 -36.70 3.65
N ILE A 345 22.89 -35.55 2.95
CA ILE A 345 22.73 -35.45 1.49
C ILE A 345 23.64 -36.42 0.70
N ASN A 346 24.94 -36.53 1.07
CA ASN A 346 25.86 -37.46 0.42
C ASN A 346 27.02 -37.85 1.32
N ARG A 347 27.78 -38.87 0.87
CA ARG A 347 28.97 -39.48 1.52
C ARG A 347 30.08 -38.44 1.73
N PRO A 348 30.46 -37.60 0.73
CA PRO A 348 31.48 -36.56 0.99
C PRO A 348 31.06 -35.55 2.09
N HIS A 349 29.75 -35.16 2.14
CA HIS A 349 29.15 -34.24 3.14
C HIS A 349 29.17 -34.87 4.50
N LEU A 350 28.79 -36.17 4.57
CA LEU A 350 28.82 -36.97 5.78
C LEU A 350 30.23 -37.03 6.35
N GLU A 351 31.25 -37.31 5.49
CA GLU A 351 32.67 -37.36 5.89
C GLU A 351 33.17 -36.03 6.45
N ARG A 352 32.75 -34.90 5.84
CA ARG A 352 33.11 -33.54 6.26
C ARG A 352 32.62 -33.27 7.70
N VAL A 353 31.32 -33.57 7.98
CA VAL A 353 30.67 -33.42 9.28
C VAL A 353 31.40 -34.26 10.37
N LEU A 354 31.78 -35.51 10.03
CA LEU A 354 32.51 -36.41 10.93
C LEU A 354 33.93 -35.87 11.21
N GLY A 355 34.50 -35.18 10.22
CA GLY A 355 35.82 -34.55 10.31
C GLY A 355 35.84 -33.40 11.28
N PHE A 356 34.73 -32.62 11.32
CA PHE A 356 34.51 -31.47 12.19
C PHE A 356 34.47 -31.90 13.64
N VAL A 357 33.80 -33.05 13.91
CA VAL A 357 33.68 -33.67 15.24
C VAL A 357 35.06 -34.10 15.73
N LYS A 358 35.85 -34.78 14.86
CA LYS A 358 37.22 -35.22 15.14
C LYS A 358 38.11 -34.03 15.55
N VAL A 359 38.05 -32.92 14.79
CA VAL A 359 38.82 -31.69 15.04
C VAL A 359 38.33 -30.98 16.32
N ALA A 360 37.00 -31.02 16.60
CA ALA A 360 36.40 -30.42 17.79
C ALA A 360 36.97 -31.00 19.09
N LYS A 361 37.00 -32.35 19.23
CA LYS A 361 37.53 -33.01 20.42
C LYS A 361 39.07 -32.87 20.53
N GLU A 362 39.76 -32.63 19.39
CA GLU A 362 41.20 -32.39 19.35
C GLU A 362 41.47 -31.01 19.94
N GLN A 363 40.58 -30.03 19.60
CA GLN A 363 40.63 -28.64 20.04
C GLN A 363 40.21 -28.44 21.51
N GLY A 364 39.65 -29.48 22.13
CA GLY A 364 39.25 -29.47 23.54
C GLY A 364 37.78 -29.62 23.87
N ALA A 365 36.92 -29.92 22.87
CA ALA A 365 35.48 -30.09 23.11
C ALA A 365 35.19 -31.44 23.75
N LYS A 366 34.10 -31.50 24.55
CA LYS A 366 33.67 -32.72 25.19
C LYS A 366 32.39 -33.20 24.49
N VAL A 367 32.50 -34.32 23.72
CA VAL A 367 31.37 -34.91 22.99
C VAL A 367 30.46 -35.60 24.00
N LEU A 368 29.20 -35.16 24.10
CA LEU A 368 28.24 -35.73 25.04
C LEU A 368 27.49 -36.91 24.43
N CYS A 369 27.07 -36.77 23.16
CA CYS A 369 26.37 -37.79 22.38
C CYS A 369 26.62 -37.53 20.88
N GLY A 370 26.39 -38.55 20.06
CA GLY A 370 26.53 -38.49 18.60
C GLY A 370 27.92 -38.26 18.04
N GLY A 371 27.95 -37.60 16.87
CA GLY A 371 29.16 -37.27 16.12
C GLY A 371 29.82 -38.45 15.42
N ASP A 372 29.12 -39.61 15.36
CA ASP A 372 29.62 -40.87 14.80
C ASP A 372 28.62 -41.53 13.87
N ILE A 373 29.12 -42.42 12.99
CA ILE A 373 28.35 -43.22 12.03
C ILE A 373 27.20 -43.92 12.74
N TYR A 374 26.01 -43.78 12.18
CA TYR A 374 24.85 -44.48 12.70
C TYR A 374 24.54 -45.62 11.75
N VAL A 375 24.36 -46.82 12.29
CA VAL A 375 23.98 -47.96 11.47
C VAL A 375 22.50 -48.30 11.79
N PRO A 376 21.53 -48.03 10.88
CA PRO A 376 20.13 -48.36 11.20
C PRO A 376 19.88 -49.87 11.29
N GLU A 377 18.80 -50.26 11.98
CA GLU A 377 18.39 -51.64 12.19
C GLU A 377 18.06 -52.31 10.85
N ASP A 378 17.42 -51.55 9.95
CA ASP A 378 17.06 -52.01 8.62
C ASP A 378 18.29 -52.24 7.74
N PRO A 379 18.48 -53.50 7.25
CA PRO A 379 19.66 -53.78 6.39
C PRO A 379 19.63 -53.11 5.02
N LYS A 380 18.45 -52.65 4.52
CA LYS A 380 18.40 -51.94 3.23
C LYS A 380 18.99 -50.52 3.36
N LEU A 381 19.13 -50.03 4.63
CA LEU A 381 19.66 -48.70 4.95
C LEU A 381 21.15 -48.78 5.25
N LYS A 382 21.74 -49.97 5.01
CA LYS A 382 23.14 -50.33 5.27
C LYS A 382 24.13 -49.33 4.74
N ASP A 383 24.01 -48.96 3.48
CA ASP A 383 25.04 -48.08 2.95
C ASP A 383 24.60 -46.62 2.85
N GLY A 384 23.53 -46.31 3.59
CA GLY A 384 22.96 -44.99 3.77
C GLY A 384 23.91 -44.09 4.53
N TYR A 385 23.78 -42.76 4.32
CA TYR A 385 24.66 -41.72 4.87
C TYR A 385 24.21 -41.20 6.24
N TYR A 386 24.10 -42.09 7.21
CA TYR A 386 23.62 -41.76 8.54
C TYR A 386 24.73 -41.51 9.58
N MET A 387 24.43 -40.60 10.51
CA MET A 387 25.23 -40.26 11.68
C MET A 387 24.31 -39.88 12.87
N ARG A 388 24.75 -40.14 14.11
CA ARG A 388 23.99 -39.79 15.31
C ARG A 388 24.10 -38.27 15.59
N PRO A 389 22.97 -37.60 15.94
CA PRO A 389 23.05 -36.15 16.26
C PRO A 389 24.00 -35.84 17.43
N CYS A 390 24.88 -34.85 17.21
CA CYS A 390 25.97 -34.43 18.08
C CYS A 390 25.66 -33.24 18.99
N VAL A 391 26.09 -33.33 20.27
CA VAL A 391 26.00 -32.28 21.31
C VAL A 391 27.41 -32.13 21.92
N LEU A 392 28.01 -30.95 21.73
CA LEU A 392 29.36 -30.62 22.22
C LEU A 392 29.30 -29.59 23.34
N THR A 393 30.09 -29.85 24.40
CA THR A 393 30.24 -28.92 25.52
C THR A 393 31.73 -28.52 25.60
N ASN A 394 32.10 -27.64 26.58
CA ASN A 394 33.45 -27.08 26.79
C ASN A 394 33.94 -26.33 25.54
N CYS A 395 32.98 -25.71 24.83
CA CYS A 395 33.19 -24.97 23.59
C CYS A 395 33.65 -23.54 23.82
N ARG A 396 34.65 -23.13 23.06
CA ARG A 396 35.26 -21.80 23.14
C ARG A 396 35.07 -21.08 21.81
N ASP A 397 35.11 -19.74 21.85
CA ASP A 397 34.96 -18.89 20.67
C ASP A 397 36.05 -19.11 19.61
N ASP A 398 37.29 -19.47 20.04
CA ASP A 398 38.42 -19.67 19.14
C ASP A 398 38.41 -21.04 18.43
N MET A 399 37.52 -21.97 18.84
CA MET A 399 37.34 -23.29 18.24
C MET A 399 36.68 -23.18 16.86
N THR A 400 37.21 -23.93 15.86
CA THR A 400 36.71 -23.91 14.47
C THR A 400 35.27 -24.37 14.33
N CYS A 401 34.76 -25.20 15.26
CA CYS A 401 33.38 -25.69 15.27
C CYS A 401 32.38 -24.59 15.65
N VAL A 402 32.86 -23.56 16.38
CA VAL A 402 32.08 -22.42 16.83
C VAL A 402 32.17 -21.29 15.76
N LYS A 403 33.33 -21.21 15.07
CA LYS A 403 33.60 -20.23 14.01
C LYS A 403 32.98 -20.61 12.66
N GLU A 404 33.19 -21.88 12.23
CA GLU A 404 32.74 -22.42 10.93
C GLU A 404 31.34 -23.04 10.98
N GLU A 405 30.65 -23.02 9.84
CA GLU A 405 29.34 -23.62 9.65
C GLU A 405 29.57 -25.09 9.26
N ILE A 406 29.03 -26.02 10.07
CA ILE A 406 29.24 -27.46 9.90
C ILE A 406 28.38 -28.07 8.76
N PHE A 407 27.05 -27.75 8.72
CA PHE A 407 26.04 -28.29 7.80
C PHE A 407 25.71 -29.76 8.12
N GLY A 408 25.64 -30.07 9.41
CA GLY A 408 25.35 -31.39 9.96
C GLY A 408 24.72 -31.28 11.34
N PRO A 409 24.25 -32.40 11.95
CA PRO A 409 23.63 -32.30 13.29
C PRO A 409 24.66 -32.16 14.41
N VAL A 410 25.26 -30.96 14.52
CA VAL A 410 26.28 -30.67 15.53
C VAL A 410 25.93 -29.41 16.34
N MET A 411 25.65 -29.59 17.64
CA MET A 411 25.32 -28.47 18.54
C MET A 411 26.52 -28.11 19.42
N SER A 412 26.94 -26.83 19.37
CA SER A 412 28.03 -26.30 20.19
C SER A 412 27.45 -25.51 21.35
N ILE A 413 27.70 -26.00 22.60
CA ILE A 413 27.22 -25.34 23.81
C ILE A 413 28.37 -24.54 24.45
N LEU A 414 28.20 -23.20 24.52
CA LEU A 414 29.16 -22.25 25.07
C LEU A 414 28.55 -21.61 26.29
N SER A 415 29.25 -21.69 27.44
CA SER A 415 28.80 -21.10 28.70
C SER A 415 29.06 -19.59 28.68
N PHE A 416 28.14 -18.81 29.28
CA PHE A 416 28.28 -17.35 29.39
C PHE A 416 27.86 -16.86 30.78
N ASP A 417 28.39 -15.71 31.21
CA ASP A 417 28.08 -15.13 32.52
C ASP A 417 26.99 -14.05 32.50
N THR A 418 27.16 -12.99 31.69
CA THR A 418 26.22 -11.86 31.69
C THR A 418 25.74 -11.44 30.30
N GLU A 419 24.63 -10.67 30.27
CA GLU A 419 23.98 -10.10 29.08
C GLU A 419 24.98 -9.31 28.22
N ALA A 420 25.88 -8.56 28.86
CA ALA A 420 26.91 -7.75 28.19
C ALA A 420 27.94 -8.64 27.48
N GLU A 421 28.34 -9.77 28.12
CA GLU A 421 29.31 -10.72 27.59
C GLU A 421 28.78 -11.39 26.32
N VAL A 422 27.56 -12.00 26.37
CA VAL A 422 26.95 -12.66 25.21
C VAL A 422 26.91 -11.75 24.03
N LEU A 423 26.36 -10.54 24.20
CA LEU A 423 26.22 -9.56 23.12
C LEU A 423 27.55 -9.30 22.39
N GLU A 424 28.67 -9.14 23.11
CA GLU A 424 29.99 -8.96 22.49
C GLU A 424 30.43 -10.22 21.72
N ARG A 425 30.31 -11.40 22.36
CA ARG A 425 30.65 -12.70 21.80
C ARG A 425 29.79 -13.10 20.59
N ALA A 426 28.49 -12.70 20.58
CA ALA A 426 27.48 -13.02 19.57
C ALA A 426 27.26 -11.94 18.49
N ASN A 427 27.72 -10.69 18.69
CA ASN A 427 27.53 -9.67 17.67
C ASN A 427 28.75 -9.57 16.75
N ASP A 428 28.85 -10.57 15.88
CA ASP A 428 29.82 -10.82 14.80
C ASP A 428 29.01 -11.57 13.73
N THR A 429 27.68 -11.63 13.97
CA THR A 429 26.64 -12.26 13.14
C THR A 429 26.19 -11.28 12.07
N THR A 430 26.19 -11.77 10.82
CA THR A 430 25.80 -11.04 9.63
C THR A 430 24.26 -10.84 9.61
N PHE A 431 23.78 -9.83 8.85
CA PHE A 431 22.35 -9.54 8.71
C PHE A 431 21.58 -10.73 8.13
N GLY A 432 22.17 -11.41 7.14
CA GLY A 432 21.57 -12.57 6.46
C GLY A 432 21.33 -13.78 7.34
N LEU A 433 21.78 -13.73 8.60
CA LEU A 433 21.62 -14.79 9.55
C LEU A 433 20.47 -14.54 10.54
N ALA A 434 20.15 -15.57 11.33
CA ALA A 434 19.09 -15.55 12.33
C ALA A 434 19.65 -15.63 13.75
N ALA A 435 18.80 -15.31 14.73
CA ALA A 435 19.16 -15.40 16.13
C ALA A 435 17.90 -15.68 16.89
N GLY A 436 18.08 -16.30 18.06
CA GLY A 436 17.02 -16.66 18.97
C GLY A 436 17.46 -16.38 20.37
N VAL A 437 16.52 -15.89 21.20
CA VAL A 437 16.79 -15.56 22.59
C VAL A 437 15.71 -16.16 23.48
N PHE A 438 16.12 -16.79 24.58
CA PHE A 438 15.23 -17.43 25.53
C PHE A 438 15.39 -16.81 26.91
N THR A 439 14.32 -16.13 27.35
CA THR A 439 14.19 -15.41 28.63
C THR A 439 12.73 -15.12 28.92
N ARG A 440 12.34 -15.14 30.20
CA ARG A 440 10.95 -14.82 30.58
C ARG A 440 10.72 -13.30 30.65
N ASP A 441 11.80 -12.51 30.86
CA ASP A 441 11.75 -11.05 30.91
C ASP A 441 11.84 -10.51 29.49
N ILE A 442 10.77 -9.84 29.03
CA ILE A 442 10.68 -9.32 27.67
C ILE A 442 11.53 -8.07 27.44
N GLN A 443 11.82 -7.28 28.50
CA GLN A 443 12.66 -6.10 28.40
C GLN A 443 14.06 -6.52 27.94
N ARG A 444 14.58 -7.61 28.53
CA ARG A 444 15.88 -8.23 28.23
C ARG A 444 15.86 -8.74 26.79
N ALA A 445 14.77 -9.47 26.44
CA ALA A 445 14.55 -10.06 25.14
C ALA A 445 14.60 -9.02 24.02
N HIS A 446 13.82 -7.93 24.16
CA HIS A 446 13.76 -6.87 23.17
C HIS A 446 15.07 -6.07 23.08
N ARG A 447 15.77 -5.91 24.22
CA ARG A 447 17.08 -5.24 24.34
C ARG A 447 18.13 -6.03 23.54
N VAL A 448 18.17 -7.37 23.74
CA VAL A 448 19.08 -8.30 23.06
C VAL A 448 18.77 -8.35 21.55
N VAL A 449 17.48 -8.36 21.21
CA VAL A 449 17.03 -8.38 19.80
C VAL A 449 17.39 -7.05 19.09
N ALA A 450 17.32 -5.93 19.82
CA ALA A 450 17.70 -4.60 19.31
C ALA A 450 19.20 -4.51 19.05
N GLU A 451 20.02 -5.15 19.92
CA GLU A 451 21.48 -5.16 19.85
C GLU A 451 22.05 -6.07 18.76
N LEU A 452 21.46 -7.25 18.55
CA LEU A 452 21.94 -8.20 17.54
C LEU A 452 21.71 -7.74 16.11
N GLN A 453 22.71 -7.96 15.25
CA GLN A 453 22.70 -7.57 13.83
C GLN A 453 21.92 -8.52 12.91
N ALA A 454 21.43 -9.66 13.46
CA ALA A 454 20.65 -10.67 12.75
C ALA A 454 19.34 -10.09 12.18
N GLY A 455 19.09 -10.38 10.90
CA GLY A 455 17.92 -9.93 10.14
C GLY A 455 16.62 -10.53 10.62
N THR A 456 16.68 -11.77 11.15
CA THR A 456 15.53 -12.48 11.67
C THR A 456 15.81 -12.91 13.07
N CYS A 457 15.01 -12.41 13.99
CA CYS A 457 15.18 -12.75 15.40
C CYS A 457 13.96 -13.44 15.97
N PHE A 458 14.21 -14.33 16.93
CA PHE A 458 13.17 -15.08 17.59
C PHE A 458 13.28 -14.90 19.09
N ILE A 459 12.14 -14.68 19.73
CA ILE A 459 12.00 -14.55 21.18
C ILE A 459 11.21 -15.75 21.66
N ASN A 460 11.83 -16.51 22.59
CA ASN A 460 11.30 -17.70 23.27
C ASN A 460 10.85 -18.81 22.30
N ASN A 461 11.51 -18.87 21.14
CA ASN A 461 11.32 -19.85 20.06
C ASN A 461 12.51 -19.77 19.07
N TYR A 462 12.59 -20.72 18.13
CA TYR A 462 13.57 -20.75 17.04
C TYR A 462 13.02 -21.60 15.93
N ASN A 463 12.73 -20.96 14.81
CA ASN A 463 12.24 -21.66 13.64
C ASN A 463 13.35 -21.82 12.61
N VAL A 464 13.50 -23.03 12.07
CA VAL A 464 14.48 -23.28 11.01
C VAL A 464 13.69 -23.26 9.71
N SER A 465 13.85 -22.17 8.94
CA SER A 465 13.15 -21.97 7.68
C SER A 465 14.03 -21.23 6.66
N PRO A 466 13.82 -21.46 5.34
CA PRO A 466 14.59 -20.72 4.31
C PRO A 466 14.53 -19.20 4.50
N VAL A 467 15.66 -18.52 4.21
CA VAL A 467 15.89 -17.07 4.30
C VAL A 467 14.73 -16.25 3.73
N GLU A 468 14.29 -16.61 2.49
CA GLU A 468 13.22 -15.99 1.69
C GLU A 468 11.86 -15.93 2.39
N LEU A 469 11.61 -16.83 3.34
CA LEU A 469 10.36 -16.92 4.08
C LEU A 469 10.18 -15.78 5.09
N PRO A 470 9.07 -15.00 4.96
CA PRO A 470 8.83 -13.90 5.92
C PRO A 470 8.30 -14.40 7.27
N PHE A 471 8.50 -13.60 8.34
CA PHE A 471 8.04 -13.89 9.72
C PHE A 471 8.60 -15.22 10.26
N GLY A 472 9.88 -15.47 9.98
CA GLY A 472 10.63 -16.64 10.41
C GLY A 472 10.07 -18.00 10.02
N GLY A 473 9.29 -18.04 8.94
CA GLY A 473 8.68 -19.25 8.40
C GLY A 473 7.74 -19.98 9.32
N TYR A 474 6.86 -19.24 10.03
CA TYR A 474 5.85 -19.80 10.94
C TYR A 474 4.70 -20.40 10.11
N LYS A 475 4.04 -21.44 10.67
CA LYS A 475 2.97 -22.22 10.04
C LYS A 475 1.74 -21.40 9.60
N LYS A 476 0.90 -20.92 10.55
CA LYS A 476 -0.31 -20.15 10.26
C LYS A 476 -0.01 -18.65 10.29
N SER A 477 1.05 -18.26 9.59
CA SER A 477 1.56 -16.89 9.51
C SER A 477 1.04 -16.08 8.32
N GLY A 478 1.20 -16.64 7.12
CA GLY A 478 0.91 -15.94 5.87
C GLY A 478 2.16 -15.19 5.46
N PHE A 479 2.15 -14.59 4.28
CA PHE A 479 3.34 -13.90 3.75
C PHE A 479 3.32 -12.41 4.01
N GLY A 480 2.15 -11.89 4.40
CA GLY A 480 1.95 -10.47 4.56
C GLY A 480 1.84 -9.85 3.18
N ARG A 481 2.17 -8.55 3.04
CA ARG A 481 2.05 -7.86 1.75
C ARG A 481 3.37 -7.46 1.13
N GLU A 482 4.30 -6.95 1.92
CA GLU A 482 5.62 -6.45 1.52
C GLU A 482 6.51 -7.47 0.79
N ASN A 483 6.57 -8.69 1.32
CA ASN A 483 7.41 -9.75 0.79
C ASN A 483 7.12 -9.99 -0.69
N GLY A 484 5.84 -10.08 -1.05
CA GLY A 484 5.41 -10.30 -2.42
C GLY A 484 5.65 -9.09 -3.30
N ARG A 485 5.43 -7.90 -2.76
CA ARG A 485 5.66 -6.65 -3.49
C ARG A 485 7.14 -6.54 -3.89
N VAL A 486 8.04 -6.85 -2.96
CA VAL A 486 9.49 -6.80 -3.12
C VAL A 486 9.98 -7.88 -4.10
N THR A 487 9.40 -9.10 -4.03
CA THR A 487 9.85 -10.16 -4.93
C THR A 487 9.24 -9.90 -6.31
N ILE A 488 8.00 -9.34 -6.38
CA ILE A 488 7.43 -8.90 -7.65
C ILE A 488 8.41 -7.91 -8.37
N GLU A 489 8.89 -6.87 -7.66
CA GLU A 489 9.83 -5.85 -8.16
C GLU A 489 11.15 -6.42 -8.73
N TYR A 490 11.64 -7.52 -8.13
CA TYR A 490 12.85 -8.25 -8.53
C TYR A 490 12.65 -8.86 -9.94
N TYR A 491 11.43 -9.35 -10.22
CA TYR A 491 11.09 -10.04 -11.46
C TYR A 491 10.37 -9.16 -12.48
N SER A 492 10.46 -7.85 -12.32
CA SER A 492 9.77 -6.95 -13.22
C SER A 492 10.45 -5.60 -13.34
N GLN A 493 9.90 -4.77 -14.21
CA GLN A 493 10.37 -3.40 -14.42
C GLN A 493 9.20 -2.46 -14.59
N LEU A 494 9.36 -1.24 -14.05
CA LEU A 494 8.33 -0.22 -14.15
C LEU A 494 8.40 0.58 -15.45
N LYS A 495 7.33 0.47 -16.24
CA LYS A 495 7.10 1.21 -17.47
C LYS A 495 6.18 2.40 -17.13
N THR A 496 6.59 3.60 -17.54
CA THR A 496 5.96 4.89 -17.30
C THR A 496 5.52 5.48 -18.64
N VAL A 497 4.27 5.99 -18.69
CA VAL A 497 3.67 6.61 -19.85
C VAL A 497 3.02 7.94 -19.46
N CYS A 498 3.36 9.01 -20.19
CA CYS A 498 2.82 10.34 -19.97
C CYS A 498 2.03 10.76 -21.16
N VAL A 499 0.80 11.19 -20.92
CA VAL A 499 -0.10 11.67 -21.95
C VAL A 499 -0.31 13.16 -21.74
N GLU A 500 0.08 13.97 -22.74
CA GLU A 500 -0.13 15.40 -22.75
C GLU A 500 -1.50 15.65 -23.36
N MET A 501 -2.41 16.27 -22.59
CA MET A 501 -3.75 16.56 -23.07
C MET A 501 -3.82 17.92 -23.75
N GLY A 502 -3.20 18.93 -23.14
CA GLY A 502 -3.15 20.29 -23.64
C GLY A 502 -2.04 20.53 -24.64
N ASP A 503 -1.48 21.76 -24.62
CA ASP A 503 -0.39 22.15 -25.52
C ASP A 503 0.98 22.05 -24.84
N VAL A 504 2.05 21.93 -25.65
CA VAL A 504 3.44 21.85 -25.17
C VAL A 504 3.89 23.24 -24.69
N GLU A 505 4.38 23.33 -23.44
CA GLU A 505 4.88 24.59 -22.89
C GLU A 505 6.38 24.72 -23.20
N SER A 506 6.68 25.54 -24.22
CA SER A 506 8.03 25.80 -24.70
C SER A 506 8.76 26.81 -23.83
N ALA A 507 10.00 26.44 -23.42
CA ALA A 507 10.88 27.28 -22.60
C ALA A 507 11.47 28.39 -23.48
N PHE A 508 11.59 28.11 -24.78
CA PHE A 508 12.16 28.99 -25.81
C PHE A 508 11.14 30.02 -26.38
N PRO B 14 23.49 39.15 -5.68
CA PRO B 14 24.66 40.02 -5.87
C PRO B 14 25.82 39.33 -6.59
N MET B 15 25.78 37.97 -6.67
CA MET B 15 26.78 37.16 -7.37
C MET B 15 26.52 37.18 -8.90
N SER B 16 27.55 37.54 -9.69
CA SER B 16 27.48 37.66 -11.15
C SER B 16 28.58 36.85 -11.87
N THR B 17 28.43 36.70 -13.20
CA THR B 17 29.34 35.96 -14.09
C THR B 17 30.68 36.65 -14.23
N GLY B 18 31.75 35.85 -14.23
CA GLY B 18 33.12 36.28 -14.43
C GLY B 18 33.82 36.83 -13.22
N THR B 19 33.27 36.58 -12.02
CA THR B 19 33.83 37.12 -10.78
C THR B 19 34.17 36.10 -9.71
N PHE B 20 33.35 35.04 -9.60
CA PHE B 20 33.50 34.02 -8.56
C PHE B 20 34.82 33.23 -8.61
N VAL B 21 35.39 33.03 -7.42
CA VAL B 21 36.59 32.22 -7.17
C VAL B 21 36.31 31.49 -5.85
N VAL B 22 36.52 30.16 -5.81
CA VAL B 22 36.40 29.36 -4.60
C VAL B 22 37.51 29.85 -3.65
N SER B 23 37.17 30.22 -2.41
CA SER B 23 38.13 30.76 -1.43
C SER B 23 38.21 29.89 -0.16
N GLN B 24 37.52 28.74 -0.16
CA GLN B 24 37.44 27.81 0.96
C GLN B 24 37.77 26.38 0.50
N PRO B 25 38.13 25.43 1.41
CA PRO B 25 38.35 24.05 0.94
C PRO B 25 37.05 23.40 0.46
N LEU B 26 37.18 22.43 -0.50
CA LEU B 26 36.07 21.75 -1.17
C LEU B 26 35.70 20.38 -0.61
N ASN B 27 36.31 19.97 0.51
CA ASN B 27 35.90 18.73 1.18
C ASN B 27 35.02 19.14 2.39
N TYR B 28 34.20 18.24 2.86
CA TYR B 28 33.34 18.57 4.00
C TYR B 28 33.24 17.38 4.93
N ARG B 29 33.67 17.53 6.19
CA ARG B 29 33.63 16.46 7.20
C ARG B 29 33.46 17.10 8.56
N GLY B 30 32.73 16.44 9.45
CA GLY B 30 32.48 16.95 10.80
C GLY B 30 31.86 18.34 10.88
N GLY B 31 30.95 18.65 9.95
CA GLY B 31 30.28 19.94 9.91
C GLY B 31 31.13 21.13 9.50
N ALA B 32 32.29 20.87 8.88
CA ALA B 32 33.20 21.91 8.42
C ALA B 32 33.88 21.55 7.11
N ARG B 33 34.16 22.58 6.31
CA ARG B 33 34.90 22.47 5.06
C ARG B 33 36.35 22.17 5.40
N VAL B 34 36.95 21.19 4.74
CA VAL B 34 38.31 20.76 5.03
C VAL B 34 39.09 20.50 3.78
N GLU B 35 40.41 20.58 3.90
CA GLU B 35 41.30 20.19 2.83
C GLU B 35 41.47 18.69 2.94
N PRO B 36 41.50 17.94 1.82
CA PRO B 36 41.75 16.49 1.92
C PRO B 36 43.09 16.18 2.63
N ALA B 37 43.08 15.15 3.52
CA ALA B 37 44.23 14.69 4.29
C ALA B 37 45.30 14.08 3.38
N ASP B 38 44.87 13.57 2.22
CA ASP B 38 45.75 13.03 1.20
C ASP B 38 45.17 13.28 -0.21
N ALA B 39 46.01 13.07 -1.24
CA ALA B 39 45.77 13.36 -2.64
C ALA B 39 45.71 12.15 -3.59
N SER B 40 44.82 12.19 -4.59
CA SER B 40 44.75 11.20 -5.70
C SER B 40 44.72 11.99 -7.02
N GLY B 41 45.01 13.28 -6.91
CA GLY B 41 45.07 14.14 -8.06
C GLY B 41 44.81 15.58 -7.73
N THR B 42 44.81 16.42 -8.77
CA THR B 42 44.53 17.84 -8.72
C THR B 42 43.71 18.23 -9.94
N GLU B 43 42.47 18.68 -9.71
CA GLU B 43 41.60 19.08 -10.79
C GLU B 43 41.31 20.56 -10.76
N LYS B 44 40.94 21.09 -11.93
CA LYS B 44 40.52 22.46 -12.13
C LYS B 44 39.02 22.47 -12.43
N ALA B 45 38.22 23.26 -11.68
CA ALA B 45 36.80 23.47 -11.96
C ALA B 45 36.69 24.82 -12.68
N PHE B 46 35.80 24.88 -13.69
CA PHE B 46 35.61 26.09 -14.49
C PHE B 46 34.21 26.71 -14.41
N GLU B 47 34.17 27.96 -14.85
CA GLU B 47 32.99 28.75 -15.08
C GLU B 47 32.86 28.63 -16.61
N PRO B 48 32.02 27.70 -17.11
CA PRO B 48 31.99 27.47 -18.57
C PRO B 48 31.57 28.67 -19.42
N ALA B 49 30.88 29.66 -18.85
CA ALA B 49 30.44 30.89 -19.54
C ALA B 49 31.61 31.84 -19.87
N THR B 50 32.69 31.77 -19.06
CA THR B 50 33.87 32.63 -19.23
C THR B 50 35.18 31.87 -19.54
N GLY B 51 35.23 30.58 -19.18
CA GLY B 51 36.42 29.76 -19.36
C GLY B 51 37.43 29.96 -18.26
N ARG B 52 37.06 30.72 -17.21
CA ARG B 52 37.85 31.03 -16.03
C ARG B 52 37.93 29.81 -15.09
N VAL B 53 39.04 29.70 -14.34
CA VAL B 53 39.26 28.65 -13.35
C VAL B 53 38.65 29.18 -12.07
N ILE B 54 37.66 28.48 -11.54
CA ILE B 54 37.02 28.95 -10.31
C ILE B 54 37.67 28.27 -9.11
N ALA B 55 38.32 27.10 -9.33
CA ALA B 55 39.02 26.35 -8.28
C ALA B 55 40.10 25.39 -8.81
N THR B 56 41.19 25.26 -8.06
CA THR B 56 42.23 24.27 -8.28
C THR B 56 42.17 23.48 -6.98
N PHE B 57 41.64 22.26 -7.06
CA PHE B 57 41.40 21.45 -5.89
C PHE B 57 42.08 20.11 -5.97
N THR B 58 42.28 19.53 -4.80
CA THR B 58 42.91 18.25 -4.54
C THR B 58 41.85 17.14 -4.54
N CYS B 59 42.11 16.04 -5.28
CA CYS B 59 41.29 14.81 -5.31
C CYS B 59 41.64 13.96 -4.12
N SER B 60 40.65 13.49 -3.39
CA SER B 60 40.85 12.76 -2.13
C SER B 60 41.52 11.44 -2.33
N GLY B 61 42.47 11.16 -1.45
CA GLY B 61 43.17 9.88 -1.44
C GLY B 61 42.47 8.88 -0.53
N GLU B 62 43.12 7.77 -0.26
CA GLU B 62 42.59 6.69 0.59
C GLU B 62 42.36 7.10 2.06
N LYS B 63 43.31 7.82 2.64
CA LYS B 63 43.30 8.28 4.04
C LYS B 63 42.19 9.27 4.28
N GLU B 64 41.95 10.13 3.28
CA GLU B 64 40.90 11.12 3.31
C GLU B 64 39.51 10.47 3.22
N VAL B 65 39.37 9.48 2.31
CA VAL B 65 38.14 8.70 2.14
C VAL B 65 37.88 7.96 3.48
N ASN B 66 38.94 7.36 4.09
CA ASN B 66 38.80 6.66 5.38
C ASN B 66 38.26 7.59 6.49
N LEU B 67 38.82 8.83 6.58
CA LEU B 67 38.41 9.83 7.56
C LEU B 67 36.93 10.22 7.41
N ALA B 68 36.50 10.45 6.15
CA ALA B 68 35.12 10.82 5.82
C ALA B 68 34.11 9.70 6.15
N VAL B 69 34.49 8.43 5.91
CA VAL B 69 33.68 7.25 6.23
C VAL B 69 33.61 7.00 7.78
N GLN B 70 34.73 7.16 8.49
CA GLN B 70 34.80 6.97 9.95
C GLN B 70 33.96 7.99 10.68
N ASN B 71 33.96 9.22 10.13
CA ASN B 71 33.18 10.37 10.57
C ASN B 71 31.70 10.13 10.31
N ALA B 72 31.36 9.58 9.12
CA ALA B 72 29.98 9.29 8.74
C ALA B 72 29.44 8.15 9.63
N LYS B 73 30.30 7.15 9.93
CA LYS B 73 29.97 6.02 10.82
C LYS B 73 29.48 6.51 12.18
N ALA B 74 30.20 7.53 12.77
CA ALA B 74 29.89 8.07 14.08
C ALA B 74 28.56 8.87 14.08
N ALA B 75 28.33 9.62 13.01
CA ALA B 75 27.10 10.39 12.83
C ALA B 75 25.90 9.45 12.61
N PHE B 76 26.13 8.35 11.85
CA PHE B 76 25.14 7.30 11.61
C PHE B 76 24.62 6.76 12.94
N LYS B 77 25.52 6.40 13.85
CA LYS B 77 25.23 5.86 15.19
C LYS B 77 24.29 6.76 16.00
N ILE B 78 24.44 8.10 15.87
CA ILE B 78 23.59 9.09 16.54
C ILE B 78 22.24 9.21 15.82
N TRP B 79 22.29 9.55 14.50
CA TRP B 79 21.13 9.75 13.65
C TRP B 79 20.18 8.56 13.58
N SER B 80 20.71 7.33 13.47
CA SER B 80 19.87 6.12 13.35
C SER B 80 19.04 5.86 14.59
N GLN B 81 19.49 6.43 15.72
CA GLN B 81 18.86 6.35 17.03
C GLN B 81 17.78 7.42 17.21
N LYS B 82 17.69 8.37 16.27
CA LYS B 82 16.66 9.40 16.30
C LYS B 82 15.37 8.81 15.74
N SER B 83 14.22 9.31 16.19
CA SER B 83 12.93 8.84 15.70
C SER B 83 12.63 9.39 14.28
N GLY B 84 11.68 8.76 13.58
CA GLY B 84 11.25 9.19 12.25
C GLY B 84 10.84 10.65 12.19
N MET B 85 9.99 11.05 13.16
CA MET B 85 9.48 12.41 13.31
C MET B 85 10.60 13.43 13.50
N GLU B 86 11.64 13.05 14.26
CA GLU B 86 12.80 13.93 14.48
C GLU B 86 13.60 14.08 13.18
N ARG B 87 13.78 12.99 12.41
CA ARG B 87 14.51 13.07 11.15
C ARG B 87 13.75 13.92 10.13
N CYS B 88 12.40 13.82 10.13
CA CYS B 88 11.46 14.59 9.31
C CYS B 88 11.60 16.12 9.56
N ARG B 89 11.56 16.53 10.86
CA ARG B 89 11.72 17.93 11.27
C ARG B 89 12.96 18.57 10.68
N ILE B 90 14.14 17.91 10.85
CA ILE B 90 15.44 18.35 10.31
C ILE B 90 15.46 18.38 8.75
N LEU B 91 14.88 17.36 8.07
CA LEU B 91 14.84 17.35 6.60
C LEU B 91 13.88 18.43 6.03
N LEU B 92 12.77 18.74 6.75
CA LEU B 92 11.80 19.79 6.36
C LEU B 92 12.45 21.19 6.55
N GLU B 93 13.31 21.34 7.58
CA GLU B 93 14.07 22.57 7.81
C GLU B 93 15.08 22.79 6.67
N ALA B 94 15.81 21.71 6.25
CA ALA B 94 16.76 21.77 5.13
C ALA B 94 16.03 22.15 3.84
N ALA B 95 14.81 21.56 3.60
CA ALA B 95 13.95 21.94 2.46
C ALA B 95 13.55 23.45 2.50
N ARG B 96 13.26 23.99 3.71
CA ARG B 96 12.95 25.41 3.89
C ARG B 96 14.17 26.31 3.62
N ILE B 97 15.36 25.90 4.10
CA ILE B 97 16.62 26.60 3.87
C ILE B 97 16.98 26.62 2.36
N ILE B 98 16.84 25.49 1.65
CA ILE B 98 17.05 25.41 0.18
C ILE B 98 16.15 26.39 -0.57
N ARG B 99 14.84 26.43 -0.21
CA ARG B 99 13.79 27.28 -0.76
C ARG B 99 14.06 28.76 -0.52
N GLU B 100 14.56 29.11 0.68
CA GLU B 100 14.90 30.48 1.04
C GLU B 100 16.15 30.96 0.32
N ARG B 101 17.11 30.06 0.09
CA ARG B 101 18.40 30.33 -0.54
C ARG B 101 18.47 29.89 -2.03
N GLU B 102 17.30 29.56 -2.63
CA GLU B 102 17.08 29.07 -4.00
C GLU B 102 17.90 29.77 -5.07
N ASP B 103 17.83 31.12 -5.09
CA ASP B 103 18.52 31.96 -6.06
C ASP B 103 20.00 31.92 -5.92
N GLU B 104 20.50 31.92 -4.65
CA GLU B 104 21.92 31.84 -4.32
C GLU B 104 22.46 30.48 -4.77
N ILE B 105 21.68 29.40 -4.54
CA ILE B 105 22.05 28.04 -4.93
C ILE B 105 22.02 27.94 -6.48
N ALA B 106 20.94 28.41 -7.10
CA ALA B 106 20.78 28.40 -8.56
C ALA B 106 21.91 29.14 -9.25
N THR B 107 22.31 30.31 -8.72
CA THR B 107 23.42 31.12 -9.20
C THR B 107 24.74 30.34 -9.16
N MET B 108 25.04 29.74 -8.01
CA MET B 108 26.25 28.96 -7.79
C MET B 108 26.27 27.70 -8.69
N GLU B 109 25.09 27.13 -8.93
CA GLU B 109 24.95 25.99 -9.84
C GLU B 109 25.30 26.42 -11.29
N CYS B 110 24.82 27.59 -11.70
CA CYS B 110 25.00 28.17 -13.05
C CYS B 110 26.44 28.48 -13.35
N ILE B 111 27.14 29.09 -12.40
CA ILE B 111 28.54 29.48 -12.50
C ILE B 111 29.43 28.28 -12.80
N ASN B 112 29.19 27.15 -12.13
CA ASN B 112 30.05 25.99 -12.30
C ASN B 112 29.63 25.04 -13.43
N ASN B 113 28.32 24.89 -13.65
CA ASN B 113 27.79 23.96 -14.64
C ASN B 113 27.49 24.58 -16.05
N GLY B 114 27.03 25.84 -16.09
CA GLY B 114 26.69 26.52 -17.34
C GLY B 114 25.22 26.54 -17.74
N LYS B 115 24.34 25.76 -17.07
CA LYS B 115 22.91 25.79 -17.45
C LYS B 115 22.27 27.14 -17.12
N SER B 116 21.15 27.43 -17.77
CA SER B 116 20.39 28.67 -17.56
C SER B 116 19.83 28.72 -16.15
N ILE B 117 19.76 29.93 -15.57
CA ILE B 117 19.16 30.22 -14.25
C ILE B 117 17.68 29.72 -14.25
N PHE B 118 17.08 29.68 -15.44
CA PHE B 118 15.76 29.16 -15.68
C PHE B 118 15.70 27.67 -15.30
N GLU B 119 16.63 26.86 -15.85
CA GLU B 119 16.72 25.42 -15.63
C GLU B 119 17.30 25.09 -14.26
N ALA B 120 18.26 25.90 -13.76
CA ALA B 120 18.84 25.67 -12.44
C ALA B 120 17.77 25.79 -11.34
N ARG B 121 16.87 26.80 -11.42
CA ARG B 121 15.76 26.99 -10.48
C ARG B 121 14.85 25.78 -10.47
N LEU B 122 14.54 25.23 -11.66
CA LEU B 122 13.75 24.02 -11.79
C LEU B 122 14.38 22.81 -11.06
N ASP B 123 15.73 22.64 -11.16
CA ASP B 123 16.48 21.59 -10.46
C ASP B 123 16.43 21.77 -8.93
N ILE B 124 16.57 23.03 -8.47
CA ILE B 124 16.54 23.39 -7.03
C ILE B 124 15.15 23.09 -6.43
N ASP B 125 14.06 23.36 -7.22
CA ASP B 125 12.68 23.09 -6.85
C ASP B 125 12.48 21.60 -6.56
N ILE B 126 12.92 20.72 -7.49
CA ILE B 126 12.87 19.26 -7.40
C ILE B 126 13.69 18.82 -6.18
N SER B 127 14.76 19.58 -5.87
CA SER B 127 15.66 19.28 -4.78
C SER B 127 15.03 19.46 -3.41
N TRP B 128 14.30 20.58 -3.21
CA TRP B 128 13.65 20.76 -1.92
C TRP B 128 12.35 19.97 -1.83
N GLN B 129 11.70 19.69 -3.00
CA GLN B 129 10.49 18.86 -3.13
C GLN B 129 10.74 17.43 -2.70
N CYS B 130 11.93 16.90 -3.08
CA CYS B 130 12.51 15.58 -2.83
C CYS B 130 12.71 15.41 -1.33
N LEU B 131 13.34 16.41 -0.69
CA LEU B 131 13.59 16.42 0.74
C LEU B 131 12.29 16.37 1.51
N GLU B 132 11.27 17.23 1.15
CA GLU B 132 9.97 17.16 1.83
C GLU B 132 9.29 15.82 1.71
N TYR B 133 9.31 15.22 0.50
CA TYR B 133 8.74 13.91 0.23
C TYR B 133 9.29 12.83 1.15
N TYR B 134 10.61 12.61 1.14
CA TYR B 134 11.27 11.64 1.99
C TYR B 134 11.13 11.97 3.49
N ALA B 135 11.13 13.26 3.87
CA ALA B 135 10.93 13.67 5.28
C ALA B 135 9.56 13.16 5.73
N GLY B 136 8.53 13.38 4.89
CA GLY B 136 7.19 12.86 5.09
C GLY B 136 7.15 11.37 5.28
N LEU B 137 7.94 10.62 4.47
CA LEU B 137 8.00 9.17 4.53
C LEU B 137 8.73 8.69 5.78
N ALA B 138 9.76 9.45 6.24
CA ALA B 138 10.52 9.17 7.47
C ALA B 138 9.59 9.23 8.67
N ALA B 139 8.71 10.22 8.70
CA ALA B 139 7.73 10.43 9.77
C ALA B 139 6.61 9.41 9.82
N SER B 140 6.20 8.84 8.66
CA SER B 140 5.06 7.94 8.55
C SER B 140 5.39 6.48 8.30
N MET B 141 6.68 6.12 8.28
CA MET B 141 7.11 4.74 8.08
C MET B 141 6.53 3.78 9.12
N ALA B 142 6.20 2.57 8.66
CA ALA B 142 5.63 1.50 9.46
C ALA B 142 6.03 0.17 8.84
N GLY B 143 6.26 -0.80 9.71
CA GLY B 143 6.51 -2.17 9.31
C GLY B 143 5.22 -2.95 9.39
N GLU B 144 5.32 -4.25 9.23
CA GLU B 144 4.15 -5.09 9.28
C GLU B 144 4.03 -5.82 10.60
N HIS B 145 2.78 -5.98 11.05
CA HIS B 145 2.46 -6.75 12.23
C HIS B 145 1.59 -7.95 11.79
N ILE B 146 1.93 -9.17 12.27
CA ILE B 146 1.18 -10.37 11.90
C ILE B 146 0.86 -11.27 13.09
N GLN B 147 -0.34 -11.86 13.07
CA GLN B 147 -0.75 -12.78 14.14
C GLN B 147 -0.39 -14.21 13.78
N LEU B 148 0.12 -14.93 14.78
CA LEU B 148 0.50 -16.34 14.65
C LEU B 148 -0.37 -17.11 15.67
N PRO B 149 -0.57 -18.44 15.53
CA PRO B 149 -1.46 -19.13 16.48
C PRO B 149 -1.01 -19.08 17.95
N GLY B 150 -2.02 -18.98 18.82
CA GLY B 150 -1.86 -18.96 20.28
C GLY B 150 -1.33 -17.69 20.90
N GLY B 151 -1.58 -16.56 20.25
CA GLY B 151 -1.16 -15.24 20.71
C GLY B 151 0.23 -14.81 20.30
N SER B 152 0.95 -15.70 19.58
CA SER B 152 2.30 -15.43 19.08
C SER B 152 2.23 -14.43 17.93
N PHE B 153 3.28 -13.65 17.69
CA PHE B 153 3.25 -12.64 16.63
C PHE B 153 4.63 -12.33 16.00
N GLY B 154 4.59 -11.98 14.72
CA GLY B 154 5.75 -11.60 13.95
C GLY B 154 5.66 -10.15 13.51
N TYR B 155 6.79 -9.45 13.49
CA TYR B 155 6.77 -8.06 13.07
C TYR B 155 8.06 -7.66 12.36
N THR B 156 7.91 -6.67 11.49
CA THR B 156 8.98 -6.17 10.66
C THR B 156 9.22 -4.71 10.89
N ARG B 157 10.42 -4.26 10.50
CA ARG B 157 10.87 -2.88 10.59
C ARG B 157 11.99 -2.68 9.56
N ARG B 158 12.01 -1.52 8.91
CA ARG B 158 13.07 -1.16 7.98
C ARG B 158 14.13 -0.37 8.75
N GLU B 159 15.36 -0.89 8.74
CA GLU B 159 16.49 -0.30 9.44
C GLU B 159 17.43 0.30 8.43
N PRO B 160 18.17 1.38 8.75
CA PRO B 160 19.19 1.89 7.81
C PRO B 160 20.36 0.93 7.62
N LEU B 161 21.15 1.15 6.59
CA LEU B 161 22.30 0.29 6.25
C LEU B 161 23.57 0.68 6.99
N GLY B 162 23.81 1.99 7.15
CA GLY B 162 24.98 2.57 7.77
C GLY B 162 25.48 3.74 6.94
N VAL B 163 26.71 3.61 6.46
CA VAL B 163 27.38 4.59 5.62
C VAL B 163 27.10 4.31 4.16
N CYS B 164 26.32 5.20 3.55
CA CYS B 164 26.00 5.11 2.13
C CYS B 164 26.86 6.10 1.35
N VAL B 165 27.20 5.75 0.13
CA VAL B 165 28.02 6.60 -0.71
C VAL B 165 27.15 7.15 -1.86
N GLY B 166 27.26 8.44 -2.15
CA GLY B 166 26.57 9.01 -3.29
C GLY B 166 27.57 9.36 -4.36
N ILE B 167 27.37 8.92 -5.61
CA ILE B 167 28.26 9.30 -6.72
C ILE B 167 27.57 10.38 -7.55
N GLY B 168 28.25 11.52 -7.75
CA GLY B 168 27.69 12.62 -8.50
C GLY B 168 27.96 12.64 -9.97
N ALA B 169 27.16 13.39 -10.70
CA ALA B 169 27.28 13.63 -12.15
C ALA B 169 27.33 15.14 -12.36
N TRP B 170 27.95 15.58 -13.46
CA TRP B 170 28.11 17.02 -13.76
C TRP B 170 26.86 17.68 -14.34
N ASN B 171 25.96 16.92 -15.00
CA ASN B 171 24.78 17.51 -15.63
C ASN B 171 23.68 18.03 -14.65
N TYR B 172 23.50 17.40 -13.46
CA TYR B 172 22.56 17.93 -12.45
C TYR B 172 23.25 17.89 -11.08
N PRO B 173 24.27 18.75 -10.82
CA PRO B 173 25.06 18.62 -9.58
C PRO B 173 24.29 18.66 -8.26
N PHE B 174 23.57 19.77 -8.00
CA PHE B 174 22.78 19.93 -6.76
C PHE B 174 21.64 18.91 -6.67
N GLN B 175 20.92 18.69 -7.75
CA GLN B 175 19.80 17.76 -7.81
C GLN B 175 20.11 16.29 -7.40
N ILE B 176 21.26 15.76 -7.88
CA ILE B 176 21.76 14.40 -7.69
C ILE B 176 22.17 14.22 -6.23
N ALA B 177 22.83 15.25 -5.67
CA ALA B 177 23.29 15.31 -4.31
C ALA B 177 22.08 15.28 -3.39
N SER B 178 21.01 16.07 -3.65
CA SER B 178 19.78 16.03 -2.83
C SER B 178 19.02 14.74 -3.05
N TRP B 179 18.92 14.29 -4.32
CA TRP B 179 18.20 13.08 -4.69
C TRP B 179 18.76 11.79 -4.08
N LYS B 180 20.06 11.71 -3.85
CA LYS B 180 20.65 10.54 -3.23
C LYS B 180 20.67 10.69 -1.71
N SER B 181 20.99 11.91 -1.19
CA SER B 181 21.07 12.10 0.26
C SER B 181 19.75 12.14 0.96
N ALA B 182 18.71 12.81 0.38
CA ALA B 182 17.43 12.89 1.07
C ALA B 182 16.91 11.51 1.43
N PRO B 183 16.73 10.52 0.51
CA PRO B 183 16.22 9.21 0.96
C PRO B 183 17.15 8.47 1.91
N ALA B 184 18.46 8.45 1.63
CA ALA B 184 19.45 7.79 2.45
C ALA B 184 19.36 8.28 3.91
N LEU B 185 19.27 9.59 4.10
CA LEU B 185 19.19 10.24 5.40
C LEU B 185 17.83 10.02 6.06
N ALA B 186 16.71 10.08 5.28
CA ALA B 186 15.34 9.84 5.77
C ALA B 186 15.21 8.45 6.44
N CYS B 187 16.00 7.46 5.94
CA CYS B 187 16.09 6.07 6.39
C CYS B 187 16.85 5.90 7.70
N GLY B 188 17.73 6.84 8.01
CA GLY B 188 18.56 6.76 9.20
C GLY B 188 20.03 6.53 8.90
N ASN B 189 20.41 6.55 7.59
CA ASN B 189 21.80 6.39 7.12
C ASN B 189 22.54 7.71 7.14
N ALA B 190 23.88 7.61 7.02
CA ALA B 190 24.84 8.70 6.85
C ALA B 190 25.30 8.54 5.41
N MET B 191 25.66 9.65 4.75
CA MET B 191 26.15 9.63 3.39
C MET B 191 27.51 10.30 3.22
N VAL B 192 28.38 9.65 2.42
CA VAL B 192 29.63 10.24 1.96
C VAL B 192 29.34 10.51 0.47
N PHE B 193 29.36 11.78 0.05
CA PHE B 193 29.04 12.13 -1.33
C PHE B 193 30.28 12.52 -2.12
N LYS B 194 30.42 11.95 -3.33
CA LYS B 194 31.51 12.29 -4.20
C LYS B 194 30.97 12.95 -5.45
N PRO B 195 31.04 14.31 -5.50
CA PRO B 195 30.62 15.03 -6.72
C PRO B 195 31.53 14.72 -7.92
N SER B 196 31.06 15.10 -9.13
CA SER B 196 31.82 14.96 -10.35
C SER B 196 32.98 15.95 -10.23
N PRO B 197 34.24 15.59 -10.59
CA PRO B 197 35.33 16.58 -10.50
C PRO B 197 35.10 17.82 -11.38
N PHE B 198 34.13 17.76 -12.33
CA PHE B 198 33.76 18.88 -13.19
C PHE B 198 32.96 19.91 -12.41
N THR B 199 32.11 19.45 -11.46
CA THR B 199 31.22 20.31 -10.67
C THR B 199 31.36 20.09 -9.12
N PRO B 200 32.49 20.51 -8.49
CA PRO B 200 32.64 20.26 -7.05
C PRO B 200 31.88 21.17 -6.09
N VAL B 201 31.56 22.38 -6.52
CA VAL B 201 31.07 23.50 -5.72
C VAL B 201 29.63 23.37 -5.10
N SER B 202 28.58 23.13 -5.86
CA SER B 202 27.21 23.17 -5.34
C SER B 202 26.87 22.15 -4.23
N ALA B 203 27.59 21.02 -4.14
CA ALA B 203 27.32 20.00 -3.12
C ALA B 203 27.68 20.46 -1.71
N LEU B 204 28.56 21.46 -1.60
CA LEU B 204 29.01 22.03 -0.33
C LEU B 204 27.95 22.94 0.21
N LEU B 205 27.14 23.53 -0.66
CA LEU B 205 26.01 24.34 -0.24
C LEU B 205 25.00 23.44 0.47
N LEU B 206 24.76 22.23 -0.09
CA LEU B 206 23.91 21.20 0.47
C LEU B 206 24.45 20.72 1.82
N ALA B 207 25.76 20.39 1.89
CA ALA B 207 26.43 19.98 3.13
C ALA B 207 26.20 21.02 4.24
N GLU B 208 26.49 22.31 3.92
CA GLU B 208 26.34 23.45 4.82
C GLU B 208 24.89 23.62 5.29
N ILE B 209 23.90 23.44 4.37
CA ILE B 209 22.47 23.56 4.64
C ILE B 209 21.98 22.44 5.60
N TYR B 210 22.46 21.19 5.42
CA TYR B 210 22.10 20.07 6.30
C TYR B 210 22.55 20.36 7.75
N SER B 211 23.80 20.84 7.89
CA SER B 211 24.39 21.25 9.16
C SER B 211 23.55 22.30 9.84
N GLU B 212 23.14 23.35 9.10
CA GLU B 212 22.27 24.44 9.57
C GLU B 212 20.90 23.90 10.04
N ALA B 213 20.34 22.91 9.33
CA ALA B 213 19.06 22.27 9.61
C ALA B 213 19.09 21.45 10.91
N GLY B 214 20.28 21.03 11.31
CA GLY B 214 20.47 20.29 12.55
C GLY B 214 20.95 18.85 12.43
N VAL B 215 21.47 18.45 11.24
CA VAL B 215 22.02 17.09 11.10
C VAL B 215 23.30 17.00 11.97
N PRO B 216 23.58 15.83 12.61
CA PRO B 216 24.82 15.70 13.38
C PRO B 216 26.07 15.78 12.47
N PRO B 217 27.18 16.40 12.97
CA PRO B 217 28.41 16.48 12.16
C PRO B 217 28.88 15.11 11.68
N GLY B 218 29.11 14.99 10.38
CA GLY B 218 29.47 13.73 9.74
C GLY B 218 28.39 13.07 8.89
N LEU B 219 27.12 13.43 9.09
CA LEU B 219 25.99 12.78 8.43
C LEU B 219 25.99 12.95 6.91
N PHE B 220 26.40 14.15 6.45
CA PHE B 220 26.55 14.39 5.03
C PHE B 220 27.93 14.95 4.78
N ASN B 221 28.83 14.04 4.39
CA ASN B 221 30.20 14.39 4.07
C ASN B 221 30.37 14.49 2.57
N VAL B 222 31.37 15.28 2.15
CA VAL B 222 31.70 15.47 0.76
C VAL B 222 33.19 15.27 0.60
N VAL B 223 33.59 14.33 -0.25
CA VAL B 223 34.97 14.12 -0.65
C VAL B 223 35.03 14.42 -2.14
N GLN B 224 35.91 15.32 -2.58
CA GLN B 224 36.13 15.58 -4.00
C GLN B 224 37.11 14.53 -4.58
N GLY B 225 36.98 14.30 -5.89
CA GLY B 225 37.82 13.37 -6.60
C GLY B 225 37.20 12.75 -7.84
N GLY B 226 38.03 12.01 -8.56
CA GLY B 226 37.68 11.30 -9.79
C GLY B 226 37.49 9.82 -9.52
N ALA B 227 37.91 9.00 -10.50
CA ALA B 227 37.80 7.53 -10.50
C ALA B 227 38.49 6.86 -9.34
N ALA B 228 39.73 7.31 -9.00
CA ALA B 228 40.52 6.75 -7.91
C ALA B 228 39.85 6.95 -6.55
N THR B 229 39.23 8.12 -6.34
CA THR B 229 38.46 8.48 -5.13
C THR B 229 37.22 7.57 -5.04
N GLY B 230 36.54 7.38 -6.19
CA GLY B 230 35.35 6.55 -6.33
C GLY B 230 35.60 5.10 -5.97
N GLN B 231 36.76 4.59 -6.41
CA GLN B 231 37.26 3.24 -6.16
C GLN B 231 37.57 3.08 -4.67
N PHE B 232 38.22 4.11 -4.05
CA PHE B 232 38.51 4.07 -2.62
C PHE B 232 37.23 3.95 -1.83
N LEU B 233 36.18 4.73 -2.20
CA LEU B 233 34.86 4.68 -1.57
C LEU B 233 34.16 3.32 -1.70
N CYS B 234 34.12 2.75 -2.93
CA CYS B 234 33.53 1.42 -3.22
C CYS B 234 34.21 0.30 -2.41
N GLN B 235 35.56 0.32 -2.35
CA GLN B 235 36.38 -0.66 -1.65
C GLN B 235 36.41 -0.48 -0.11
N HIS B 236 35.91 0.67 0.41
CA HIS B 236 35.95 0.88 1.86
C HIS B 236 35.07 -0.12 2.59
N PRO B 237 35.71 -0.89 3.53
CA PRO B 237 34.98 -1.94 4.26
C PRO B 237 33.81 -1.45 5.11
N ASP B 238 33.79 -0.17 5.50
CA ASP B 238 32.69 0.33 6.31
C ASP B 238 31.57 0.93 5.49
N VAL B 239 31.74 0.99 4.15
CA VAL B 239 30.70 1.48 3.24
C VAL B 239 29.68 0.39 3.02
N ALA B 240 28.41 0.68 3.37
CA ALA B 240 27.29 -0.28 3.25
C ALA B 240 26.80 -0.43 1.82
N LYS B 241 26.62 0.70 1.11
CA LYS B 241 26.12 0.72 -0.26
C LYS B 241 26.61 1.97 -1.00
N VAL B 242 26.78 1.82 -2.32
CA VAL B 242 27.22 2.87 -3.23
C VAL B 242 26.07 3.11 -4.19
N SER B 243 25.64 4.35 -4.32
CA SER B 243 24.55 4.73 -5.21
C SER B 243 25.16 5.49 -6.41
N PHE B 244 25.33 4.77 -7.55
CA PHE B 244 25.92 5.32 -8.78
C PHE B 244 25.00 6.22 -9.56
N THR B 245 25.58 7.33 -10.10
CA THR B 245 25.00 8.40 -10.93
C THR B 245 23.47 8.36 -11.07
N GLY B 271 20.59 1.58 -29.48
CA GLY B 271 20.14 2.83 -30.07
C GLY B 271 19.71 3.85 -29.03
N LYS B 272 19.72 5.16 -29.41
CA LYS B 272 19.36 6.28 -28.53
C LYS B 272 17.87 6.69 -28.62
N SER B 273 17.36 7.35 -27.53
CA SER B 273 15.99 7.83 -27.35
C SER B 273 15.31 8.43 -28.61
N PRO B 274 14.25 7.78 -29.14
CA PRO B 274 13.61 8.30 -30.36
C PRO B 274 12.37 9.18 -30.11
N LEU B 275 12.06 10.00 -31.11
CA LEU B 275 10.91 10.88 -31.12
C LEU B 275 10.23 10.68 -32.46
N ILE B 276 8.98 10.22 -32.43
CA ILE B 276 8.25 9.91 -33.65
C ILE B 276 7.17 10.94 -33.87
N ILE B 277 7.29 11.66 -34.99
CA ILE B 277 6.41 12.75 -35.42
C ILE B 277 5.64 12.31 -36.66
N PHE B 278 4.39 11.84 -36.46
CA PHE B 278 3.51 11.42 -37.54
C PHE B 278 2.93 12.65 -38.25
N SER B 279 2.41 12.48 -39.48
CA SER B 279 1.86 13.61 -40.24
C SER B 279 0.47 14.08 -39.74
N ASP B 280 -0.19 13.30 -38.86
CA ASP B 280 -1.51 13.64 -38.29
C ASP B 280 -1.40 14.41 -36.95
N CYS B 281 -0.16 14.70 -36.51
CA CYS B 281 0.15 15.43 -35.28
C CYS B 281 -0.22 16.93 -35.37
N ASP B 282 -0.15 17.65 -34.23
CA ASP B 282 -0.32 19.09 -34.16
C ASP B 282 1.11 19.65 -34.31
N MET B 283 1.37 20.28 -35.47
CA MET B 283 2.65 20.82 -35.92
C MET B 283 3.40 21.64 -34.83
N ASN B 284 2.75 22.70 -34.29
CA ASN B 284 3.34 23.60 -33.29
C ASN B 284 3.80 22.87 -32.04
N ASN B 285 2.97 21.93 -31.55
CA ASN B 285 3.28 21.12 -30.37
C ASN B 285 4.44 20.17 -30.61
N ALA B 286 4.54 19.62 -31.82
CA ALA B 286 5.62 18.72 -32.23
C ALA B 286 6.95 19.47 -32.32
N VAL B 287 6.91 20.67 -32.90
CA VAL B 287 8.09 21.54 -33.05
C VAL B 287 8.57 21.94 -31.64
N LYS B 288 7.64 22.38 -30.76
CA LYS B 288 7.94 22.77 -29.37
C LYS B 288 8.55 21.59 -28.62
N GLY B 289 7.92 20.42 -28.74
CA GLY B 289 8.41 19.18 -28.12
C GLY B 289 9.80 18.82 -28.62
N ALA B 290 10.03 18.90 -29.95
CA ALA B 290 11.32 18.60 -30.59
C ALA B 290 12.46 19.43 -29.98
N LEU B 291 12.29 20.77 -29.95
CA LEU B 291 13.26 21.73 -29.40
C LEU B 291 13.50 21.51 -27.90
N MET B 292 12.43 21.19 -27.14
CA MET B 292 12.53 20.91 -25.71
C MET B 292 13.34 19.62 -25.49
N ALA B 293 13.06 18.59 -26.30
CA ALA B 293 13.72 17.27 -26.26
C ALA B 293 15.19 17.24 -26.70
N ASN B 294 15.70 18.33 -27.30
CA ASN B 294 17.05 18.37 -27.85
C ASN B 294 17.95 19.41 -27.29
N PHE B 295 17.40 20.59 -26.99
CA PHE B 295 18.19 21.76 -26.65
C PHE B 295 18.11 22.25 -25.20
N LEU B 296 17.38 21.53 -24.32
CA LEU B 296 17.36 21.88 -22.90
C LEU B 296 18.62 21.29 -22.31
N THR B 297 19.20 21.97 -21.27
CA THR B 297 20.45 21.61 -20.55
C THR B 297 21.63 21.47 -21.55
N GLN B 298 21.55 22.25 -22.67
CA GLN B 298 22.47 22.28 -23.82
C GLN B 298 22.55 20.88 -24.49
N GLY B 299 21.47 20.11 -24.35
CA GLY B 299 21.36 18.76 -24.87
C GLY B 299 22.39 17.78 -24.34
N GLN B 300 22.85 18.01 -23.10
CA GLN B 300 23.90 17.21 -22.45
C GLN B 300 23.37 16.04 -21.60
N VAL B 301 22.05 15.81 -21.65
CA VAL B 301 21.33 14.74 -20.96
C VAL B 301 21.32 13.51 -21.88
N CYS B 302 21.32 12.30 -21.30
CA CYS B 302 21.27 11.04 -22.04
C CYS B 302 19.82 10.75 -22.48
N CYS B 303 18.84 11.20 -21.67
CA CYS B 303 17.44 10.90 -21.95
C CYS B 303 16.87 11.63 -23.18
N ASN B 304 17.49 12.77 -23.60
CA ASN B 304 17.14 13.61 -24.77
C ASN B 304 16.63 12.80 -25.98
N GLY B 305 15.53 13.24 -26.59
CA GLY B 305 14.96 12.64 -27.78
C GLY B 305 15.59 13.18 -29.04
N THR B 306 16.84 12.79 -29.26
CA THR B 306 17.76 13.21 -30.33
C THR B 306 17.46 12.63 -31.72
N ARG B 307 16.97 11.37 -31.79
CA ARG B 307 16.59 10.75 -33.07
C ARG B 307 15.17 11.20 -33.33
N VAL B 308 14.99 12.14 -34.28
CA VAL B 308 13.66 12.69 -34.59
C VAL B 308 13.13 12.13 -35.92
N PHE B 309 12.39 11.02 -35.83
CA PHE B 309 11.73 10.36 -36.96
C PHE B 309 10.50 11.18 -37.29
N VAL B 310 10.45 11.73 -38.51
CA VAL B 310 9.37 12.59 -38.99
C VAL B 310 8.73 11.99 -40.25
N GLN B 311 7.38 11.89 -40.29
CA GLN B 311 6.66 11.30 -41.42
C GLN B 311 6.79 12.14 -42.69
N LYS B 312 7.16 11.47 -43.81
CA LYS B 312 7.46 11.97 -45.16
C LYS B 312 6.62 13.17 -45.67
N GLU B 313 5.30 13.17 -45.38
CA GLU B 313 4.36 14.21 -45.83
C GLU B 313 4.63 15.57 -45.19
N ILE B 314 4.92 15.61 -43.86
CA ILE B 314 5.18 16.86 -43.12
C ILE B 314 6.67 17.18 -42.93
N LEU B 315 7.61 16.30 -43.39
CA LEU B 315 9.06 16.48 -43.25
C LEU B 315 9.54 17.91 -43.49
N ASP B 316 9.23 18.47 -44.67
CA ASP B 316 9.66 19.81 -45.08
C ASP B 316 9.15 20.94 -44.16
N LYS B 317 7.83 20.93 -43.83
CA LYS B 317 7.16 21.94 -42.98
C LYS B 317 7.68 21.88 -41.57
N PHE B 318 7.87 20.65 -41.04
CA PHE B 318 8.39 20.41 -39.73
C PHE B 318 9.85 20.85 -39.66
N THR B 319 10.70 20.47 -40.67
CA THR B 319 12.12 20.85 -40.71
C THR B 319 12.30 22.39 -40.71
N GLU B 320 11.53 23.11 -41.55
CA GLU B 320 11.57 24.57 -41.68
C GLU B 320 11.16 25.29 -40.39
N GLU B 321 10.04 24.86 -39.77
CA GLU B 321 9.54 25.45 -38.53
C GLU B 321 10.52 25.24 -37.35
N VAL B 322 11.20 24.08 -37.31
CA VAL B 322 12.19 23.74 -36.28
C VAL B 322 13.40 24.67 -36.42
N VAL B 323 13.98 24.79 -37.63
CA VAL B 323 15.14 25.65 -37.91
C VAL B 323 14.85 27.10 -37.49
N LYS B 324 13.64 27.57 -37.79
CA LYS B 324 13.10 28.90 -37.47
C LYS B 324 13.11 29.16 -35.94
N GLN B 325 12.55 28.22 -35.16
CA GLN B 325 12.49 28.31 -33.70
C GLN B 325 13.89 28.16 -33.07
N THR B 326 14.75 27.28 -33.65
CA THR B 326 16.11 27.01 -33.17
C THR B 326 17.02 28.22 -33.29
N GLN B 327 16.91 28.95 -34.40
CA GLN B 327 17.70 30.15 -34.68
C GLN B 327 17.33 31.30 -33.74
N ARG B 328 16.15 31.21 -33.08
CA ARG B 328 15.63 32.19 -32.12
C ARG B 328 16.06 31.91 -30.67
N ILE B 329 16.64 30.70 -30.38
CA ILE B 329 17.09 30.31 -29.03
C ILE B 329 18.15 31.28 -28.51
N LYS B 330 17.86 31.92 -27.35
CA LYS B 330 18.74 32.90 -26.73
C LYS B 330 19.97 32.26 -26.07
N ILE B 331 21.16 32.41 -26.72
CA ILE B 331 22.45 31.89 -26.26
C ILE B 331 23.21 33.01 -25.51
N GLY B 332 23.69 32.73 -24.28
CA GLY B 332 24.46 33.71 -23.51
C GLY B 332 24.80 33.36 -22.07
N ASP B 333 25.03 34.42 -21.26
CA ASP B 333 25.34 34.38 -19.82
C ASP B 333 24.20 33.63 -19.13
N PRO B 334 24.49 32.49 -18.45
CA PRO B 334 23.40 31.71 -17.84
C PRO B 334 22.63 32.42 -16.72
N LEU B 335 23.27 33.42 -16.06
CA LEU B 335 22.70 34.21 -14.97
C LEU B 335 21.59 35.18 -15.43
N LEU B 336 21.44 35.34 -16.76
CA LEU B 336 20.42 36.20 -17.36
C LEU B 336 19.11 35.44 -17.48
N GLU B 337 17.99 36.10 -17.06
CA GLU B 337 16.63 35.52 -17.06
C GLU B 337 16.10 35.09 -18.44
N ASP B 338 16.57 35.74 -19.51
CA ASP B 338 16.14 35.41 -20.87
C ASP B 338 17.02 34.35 -21.55
N THR B 339 18.19 33.98 -20.95
CA THR B 339 19.04 32.94 -21.53
C THR B 339 18.36 31.56 -21.44
N ARG B 340 18.32 30.84 -22.57
CA ARG B 340 17.78 29.49 -22.67
C ARG B 340 18.87 28.52 -23.11
N MET B 341 20.05 29.05 -23.49
CA MET B 341 21.20 28.23 -23.83
C MET B 341 22.49 28.83 -23.34
N GLY B 342 23.07 28.16 -22.37
CA GLY B 342 24.36 28.58 -21.85
C GLY B 342 25.49 27.87 -22.58
N PRO B 343 26.66 27.76 -21.94
CA PRO B 343 27.78 27.05 -22.59
C PRO B 343 27.77 25.54 -22.26
N LEU B 344 28.63 24.79 -22.95
CA LEU B 344 28.89 23.38 -22.72
C LEU B 344 29.85 23.31 -21.52
N ILE B 345 29.76 22.24 -20.73
CA ILE B 345 30.47 22.02 -19.45
C ILE B 345 31.98 22.23 -19.51
N ASN B 346 32.67 21.76 -20.57
CA ASN B 346 34.13 21.79 -20.73
C ASN B 346 34.52 22.16 -22.14
N ARG B 347 35.83 22.42 -22.33
CA ARG B 347 36.49 22.67 -23.62
C ARG B 347 36.64 21.32 -24.33
N PRO B 348 37.11 20.22 -23.65
CA PRO B 348 37.18 18.90 -24.34
C PRO B 348 35.81 18.36 -24.76
N HIS B 349 34.76 18.70 -23.98
CA HIS B 349 33.36 18.34 -24.20
C HIS B 349 32.81 19.07 -25.42
N LEU B 350 33.05 20.41 -25.50
CA LEU B 350 32.66 21.28 -26.62
C LEU B 350 33.36 20.78 -27.89
N GLU B 351 34.69 20.47 -27.79
CA GLU B 351 35.52 19.97 -28.90
C GLU B 351 34.95 18.67 -29.50
N ARG B 352 34.46 17.77 -28.62
CA ARG B 352 33.86 16.48 -28.97
C ARG B 352 32.57 16.66 -29.79
N VAL B 353 31.63 17.52 -29.29
CA VAL B 353 30.35 17.82 -29.95
C VAL B 353 30.60 18.44 -31.35
N LEU B 354 31.57 19.37 -31.46
CA LEU B 354 31.96 20.00 -32.73
C LEU B 354 32.54 18.97 -33.72
N GLY B 355 33.21 17.94 -33.18
CA GLY B 355 33.79 16.85 -33.93
C GLY B 355 32.74 15.96 -34.56
N PHE B 356 31.62 15.74 -33.84
CA PHE B 356 30.47 14.93 -34.28
C PHE B 356 29.80 15.61 -35.46
N VAL B 357 29.65 16.95 -35.42
CA VAL B 357 29.06 17.76 -36.49
C VAL B 357 29.91 17.63 -37.75
N LYS B 358 31.25 17.75 -37.62
CA LYS B 358 32.23 17.61 -38.71
C LYS B 358 32.08 16.23 -39.40
N VAL B 359 31.99 15.14 -38.59
CA VAL B 359 31.83 13.76 -39.07
C VAL B 359 30.44 13.55 -39.71
N ALA B 360 29.39 14.20 -39.16
CA ALA B 360 28.01 14.12 -39.67
C ALA B 360 27.90 14.60 -41.14
N LYS B 361 28.43 15.80 -41.44
CA LYS B 361 28.40 16.36 -42.80
C LYS B 361 29.33 15.58 -43.76
N GLU B 362 30.36 14.90 -43.23
CA GLU B 362 31.27 14.05 -44.00
C GLU B 362 30.51 12.81 -44.44
N GLN B 363 29.67 12.27 -43.51
CA GLN B 363 28.84 11.07 -43.72
C GLN B 363 27.61 11.32 -44.61
N GLY B 364 27.32 12.59 -44.91
CA GLY B 364 26.22 12.97 -45.80
C GLY B 364 25.08 13.78 -45.22
N ALA B 365 25.21 14.26 -43.97
CA ALA B 365 24.16 15.07 -43.34
C ALA B 365 24.16 16.49 -43.88
N LYS B 366 22.98 17.13 -43.88
CA LYS B 366 22.83 18.51 -44.32
C LYS B 366 22.56 19.38 -43.08
N VAL B 367 23.57 20.19 -42.67
CA VAL B 367 23.49 21.09 -41.51
C VAL B 367 22.58 22.25 -41.90
N LEU B 368 21.46 22.43 -41.18
CA LEU B 368 20.51 23.51 -41.46
C LEU B 368 20.87 24.78 -40.70
N CYS B 369 21.25 24.64 -39.42
CA CYS B 369 21.66 25.73 -38.54
C CYS B 369 22.58 25.16 -37.45
N GLY B 370 23.38 26.03 -36.82
CA GLY B 370 24.30 25.71 -35.74
C GLY B 370 25.41 24.70 -36.06
N GLY B 371 25.94 24.10 -34.99
CA GLY B 371 27.00 23.11 -35.05
C GLY B 371 28.40 23.71 -35.16
N ASP B 372 28.52 24.98 -34.77
CA ASP B 372 29.75 25.76 -34.83
C ASP B 372 29.87 26.66 -33.60
N ILE B 373 31.13 27.10 -33.32
CA ILE B 373 31.51 28.01 -32.23
C ILE B 373 30.61 29.25 -32.25
N TYR B 374 30.09 29.62 -31.08
CA TYR B 374 29.30 30.82 -30.94
C TYR B 374 30.08 31.87 -30.17
N VAL B 375 30.18 33.09 -30.70
CA VAL B 375 30.88 34.18 -30.02
C VAL B 375 29.82 35.15 -29.53
N PRO B 376 29.55 35.19 -28.20
CA PRO B 376 28.52 36.10 -27.68
C PRO B 376 28.91 37.57 -27.81
N GLU B 377 27.92 38.47 -27.65
CA GLU B 377 28.07 39.92 -27.70
C GLU B 377 28.96 40.40 -26.54
N ASP B 378 28.70 39.87 -25.31
CA ASP B 378 29.42 40.19 -24.07
C ASP B 378 30.87 39.69 -24.12
N PRO B 379 31.86 40.64 -24.08
CA PRO B 379 33.27 40.25 -24.18
C PRO B 379 33.80 39.46 -22.98
N LYS B 380 33.08 39.44 -21.84
CA LYS B 380 33.48 38.65 -20.67
C LYS B 380 33.17 37.17 -20.93
N LEU B 381 32.40 36.88 -22.01
CA LEU B 381 31.99 35.52 -22.37
C LEU B 381 32.83 34.99 -23.51
N LYS B 382 33.83 35.75 -23.96
CA LYS B 382 34.67 35.44 -25.13
C LYS B 382 35.38 34.10 -25.04
N ASP B 383 35.85 33.71 -23.86
CA ASP B 383 36.55 32.43 -23.77
C ASP B 383 35.68 31.29 -23.22
N GLY B 384 34.36 31.55 -23.13
CA GLY B 384 33.35 30.60 -22.72
C GLY B 384 33.13 29.52 -23.76
N TYR B 385 32.62 28.34 -23.31
CA TYR B 385 32.43 27.15 -24.15
C TYR B 385 31.07 27.14 -24.89
N TYR B 386 30.86 28.16 -25.73
CA TYR B 386 29.62 28.35 -26.50
C TYR B 386 29.66 27.81 -27.92
N MET B 387 28.51 27.24 -28.34
CA MET B 387 28.23 26.76 -29.70
C MET B 387 26.75 26.97 -30.06
N ARG B 388 26.46 27.19 -31.36
CA ARG B 388 25.09 27.38 -31.84
C ARG B 388 24.32 26.02 -31.91
N PRO B 389 23.02 25.98 -31.51
CA PRO B 389 22.27 24.71 -31.58
C PRO B 389 22.13 24.18 -33.00
N CYS B 390 22.40 22.87 -33.18
CA CYS B 390 22.43 22.19 -34.47
C CYS B 390 21.17 21.41 -34.82
N VAL B 391 20.74 21.53 -36.08
CA VAL B 391 19.61 20.80 -36.69
C VAL B 391 20.16 20.17 -37.97
N LEU B 392 20.17 18.83 -38.02
CA LEU B 392 20.66 18.02 -39.14
C LEU B 392 19.51 17.34 -39.87
N THR B 393 19.48 17.46 -41.21
CA THR B 393 18.50 16.79 -42.06
C THR B 393 19.25 15.79 -42.96
N ASN B 394 18.50 15.03 -43.78
CA ASN B 394 19.04 13.99 -44.68
C ASN B 394 19.88 12.95 -43.92
N CYS B 395 19.39 12.56 -42.72
CA CYS B 395 20.02 11.59 -41.83
C CYS B 395 19.63 10.15 -42.17
N ARG B 396 20.55 9.21 -41.88
CA ARG B 396 20.36 7.78 -42.11
C ARG B 396 20.68 7.01 -40.84
N ASP B 397 20.11 5.80 -40.70
CA ASP B 397 20.29 4.92 -39.55
C ASP B 397 21.74 4.40 -39.39
N ASP B 398 22.53 4.37 -40.50
CA ASP B 398 23.92 3.91 -40.46
C ASP B 398 24.93 5.01 -40.06
N MET B 399 24.46 6.29 -40.02
CA MET B 399 25.28 7.46 -39.63
C MET B 399 25.59 7.43 -38.12
N THR B 400 26.85 7.70 -37.74
CA THR B 400 27.32 7.68 -36.33
C THR B 400 26.60 8.70 -35.43
N CYS B 401 26.07 9.79 -36.02
CA CYS B 401 25.34 10.82 -35.27
C CYS B 401 23.94 10.33 -34.83
N VAL B 402 23.40 9.33 -35.54
CA VAL B 402 22.11 8.72 -35.29
C VAL B 402 22.32 7.51 -34.33
N LYS B 403 23.48 6.84 -34.44
CA LYS B 403 23.85 5.68 -33.61
C LYS B 403 24.39 6.06 -32.23
N GLU B 404 25.40 6.96 -32.18
CA GLU B 404 26.09 7.39 -30.95
C GLU B 404 25.45 8.61 -30.25
N GLU B 405 25.61 8.69 -28.90
CA GLU B 405 25.11 9.78 -28.06
C GLU B 405 26.18 10.89 -28.05
N ILE B 406 25.81 12.09 -28.52
CA ILE B 406 26.70 13.25 -28.69
C ILE B 406 26.93 14.04 -27.37
N PHE B 407 25.86 14.27 -26.58
CA PHE B 407 25.88 15.07 -25.33
C PHE B 407 26.09 16.58 -25.61
N GLY B 408 25.44 17.07 -26.65
CA GLY B 408 25.46 18.45 -27.11
C GLY B 408 24.17 18.83 -27.80
N PRO B 409 23.95 20.12 -28.19
CA PRO B 409 22.67 20.49 -28.83
C PRO B 409 22.57 20.12 -30.31
N VAL B 410 22.47 18.82 -30.60
CA VAL B 410 22.44 18.30 -31.96
C VAL B 410 21.18 17.47 -32.23
N MET B 411 20.34 17.96 -33.18
CA MET B 411 19.11 17.27 -33.56
C MET B 411 19.26 16.57 -34.91
N SER B 412 19.01 15.25 -34.94
CA SER B 412 19.05 14.43 -36.15
C SER B 412 17.63 14.17 -36.63
N ILE B 413 17.28 14.69 -37.83
CA ILE B 413 15.97 14.51 -38.43
C ILE B 413 16.03 13.40 -39.50
N LEU B 414 15.29 12.31 -39.27
CA LEU B 414 15.21 11.14 -40.15
C LEU B 414 13.80 11.02 -40.67
N SER B 415 13.64 10.97 -42.02
CA SER B 415 12.34 10.84 -42.65
C SER B 415 11.87 9.39 -42.56
N PHE B 416 10.55 9.17 -42.40
CA PHE B 416 9.94 7.84 -42.35
C PHE B 416 8.63 7.80 -43.14
N ASP B 417 8.24 6.61 -43.63
CA ASP B 417 7.01 6.45 -44.42
C ASP B 417 5.81 5.96 -43.61
N THR B 418 5.94 4.81 -42.91
CA THR B 418 4.80 4.22 -42.19
C THR B 418 5.10 3.82 -40.75
N GLU B 419 4.01 3.62 -39.98
CA GLU B 419 4.01 3.19 -38.57
C GLU B 419 4.86 1.93 -38.35
N ALA B 420 4.77 0.97 -39.29
CA ALA B 420 5.52 -0.29 -39.25
C ALA B 420 7.03 -0.05 -39.41
N GLU B 421 7.41 0.88 -40.31
CA GLU B 421 8.81 1.24 -40.58
C GLU B 421 9.47 1.85 -39.35
N VAL B 422 8.86 2.92 -38.76
CA VAL B 422 9.41 3.59 -37.56
C VAL B 422 9.67 2.61 -36.46
N LEU B 423 8.68 1.81 -36.07
CA LEU B 423 8.78 0.83 -34.99
C LEU B 423 9.92 -0.20 -35.23
N GLU B 424 10.29 -0.47 -36.49
CA GLU B 424 11.40 -1.36 -36.83
C GLU B 424 12.74 -0.63 -36.57
N ARG B 425 12.92 0.56 -37.17
CA ARG B 425 14.12 1.41 -37.09
C ARG B 425 14.38 1.93 -35.67
N ALA B 426 13.31 2.37 -34.99
CA ALA B 426 13.34 2.94 -33.64
C ALA B 426 13.47 1.90 -32.52
N ASN B 427 12.86 0.70 -32.66
CA ASN B 427 12.96 -0.28 -31.58
C ASN B 427 14.24 -1.13 -31.70
N ASP B 428 15.27 -0.60 -31.05
CA ASP B 428 16.63 -1.08 -30.82
C ASP B 428 17.10 -0.25 -29.60
N THR B 429 16.10 0.40 -28.96
CA THR B 429 16.25 1.22 -27.77
C THR B 429 16.13 0.35 -26.53
N THR B 430 17.01 0.62 -25.55
CA THR B 430 17.02 -0.08 -24.29
C THR B 430 15.94 0.52 -23.37
N PHE B 431 15.60 -0.23 -22.30
CA PHE B 431 14.58 0.13 -21.32
C PHE B 431 14.92 1.43 -20.58
N GLY B 432 16.20 1.62 -20.24
CA GLY B 432 16.69 2.79 -19.52
C GLY B 432 16.54 4.13 -20.24
N LEU B 433 16.09 4.08 -21.50
CA LEU B 433 15.89 5.26 -22.32
C LEU B 433 14.42 5.68 -22.40
N ALA B 434 14.18 6.86 -22.99
CA ALA B 434 12.87 7.46 -23.17
C ALA B 434 12.45 7.52 -24.64
N ALA B 435 11.15 7.74 -24.88
CA ALA B 435 10.62 7.88 -26.21
C ALA B 435 9.43 8.81 -26.13
N GLY B 436 9.15 9.46 -27.25
CA GLY B 436 8.05 10.39 -27.39
C GLY B 436 7.38 10.17 -28.73
N VAL B 437 6.05 10.32 -28.76
CA VAL B 437 5.25 10.14 -29.98
C VAL B 437 4.24 11.28 -30.14
N PHE B 438 4.20 11.83 -31.34
CA PHE B 438 3.29 12.93 -31.66
C PHE B 438 2.33 12.52 -32.75
N THR B 439 1.04 12.42 -32.38
CA THR B 439 -0.10 12.04 -33.21
C THR B 439 -1.41 12.46 -32.53
N ARG B 440 -2.42 12.84 -33.33
CA ARG B 440 -3.72 13.21 -32.77
C ARG B 440 -4.58 11.97 -32.47
N ASP B 441 -4.31 10.85 -33.16
CA ASP B 441 -5.01 9.57 -32.96
C ASP B 441 -4.35 8.82 -31.81
N ILE B 442 -5.09 8.61 -30.72
CA ILE B 442 -4.58 7.96 -29.51
C ILE B 442 -4.40 6.44 -29.66
N GLN B 443 -5.17 5.79 -30.56
CA GLN B 443 -5.06 4.35 -30.80
C GLN B 443 -3.65 4.06 -31.34
N ARG B 444 -3.17 4.90 -32.27
CA ARG B 444 -1.84 4.86 -32.89
C ARG B 444 -0.78 5.09 -31.80
N ALA B 445 -1.00 6.14 -30.98
CA ALA B 445 -0.12 6.56 -29.89
C ALA B 445 0.11 5.44 -28.89
N HIS B 446 -0.98 4.82 -28.39
CA HIS B 446 -0.90 3.73 -27.41
C HIS B 446 -0.30 2.46 -28.01
N ARG B 447 -0.56 2.19 -29.30
CA ARG B 447 -0.04 1.06 -30.08
C ARG B 447 1.50 1.18 -30.17
N VAL B 448 2.00 2.37 -30.55
CA VAL B 448 3.43 2.72 -30.68
C VAL B 448 4.11 2.64 -29.30
N VAL B 449 3.43 3.15 -28.25
CA VAL B 449 3.96 3.13 -26.88
C VAL B 449 4.05 1.68 -26.33
N ALA B 450 3.09 0.83 -26.72
CA ALA B 450 3.07 -0.58 -26.35
C ALA B 450 4.20 -1.36 -27.03
N GLU B 451 4.52 -0.99 -28.29
CA GLU B 451 5.58 -1.62 -29.09
C GLU B 451 7.00 -1.25 -28.68
N LEU B 452 7.24 0.03 -28.33
CA LEU B 452 8.56 0.51 -27.95
C LEU B 452 9.04 -0.02 -26.59
N GLN B 453 10.33 -0.40 -26.52
CA GLN B 453 10.98 -0.95 -25.34
C GLN B 453 11.39 0.08 -24.28
N ALA B 454 11.22 1.38 -24.59
CA ALA B 454 11.55 2.52 -23.71
C ALA B 454 10.75 2.48 -22.40
N GLY B 455 11.44 2.64 -21.29
CA GLY B 455 10.89 2.62 -19.94
C GLY B 455 9.99 3.80 -19.64
N THR B 456 10.28 4.95 -20.25
CA THR B 456 9.50 6.17 -20.09
C THR B 456 9.04 6.64 -21.45
N CYS B 457 7.73 6.69 -21.63
CA CYS B 457 7.17 7.14 -22.90
C CYS B 457 6.33 8.37 -22.74
N PHE B 458 6.30 9.20 -23.79
CA PHE B 458 5.53 10.42 -23.80
C PHE B 458 4.66 10.45 -25.04
N ILE B 459 3.41 10.87 -24.86
CA ILE B 459 2.41 11.03 -25.89
C ILE B 459 2.10 12.52 -25.99
N ASN B 460 2.31 13.08 -27.19
CA ASN B 460 2.07 14.47 -27.58
C ASN B 460 2.81 15.49 -26.69
N ASN B 461 3.98 15.07 -26.17
CA ASN B 461 4.92 15.85 -25.36
C ASN B 461 6.27 15.11 -25.27
N TYR B 462 7.29 15.75 -24.71
CA TYR B 462 8.60 15.19 -24.42
C TYR B 462 9.26 16.00 -23.34
N ASN B 463 9.43 15.40 -22.18
CA ASN B 463 10.08 16.06 -21.06
C ASN B 463 11.51 15.57 -20.91
N VAL B 464 12.45 16.49 -20.75
CA VAL B 464 13.84 16.13 -20.51
C VAL B 464 14.06 16.24 -19.00
N SER B 465 14.18 15.07 -18.33
CA SER B 465 14.35 15.00 -16.88
C SER B 465 15.20 13.80 -16.44
N PRO B 466 15.93 13.88 -15.29
CA PRO B 466 16.70 12.72 -14.80
C PRO B 466 15.92 11.40 -14.74
N VAL B 467 16.62 10.28 -14.99
CA VAL B 467 16.06 8.91 -14.98
C VAL B 467 15.25 8.64 -13.71
N GLU B 468 15.82 9.03 -12.54
CA GLU B 468 15.28 8.86 -11.19
C GLU B 468 13.92 9.53 -10.95
N LEU B 469 13.57 10.53 -11.76
CA LEU B 469 12.31 11.26 -11.64
C LEU B 469 11.12 10.45 -12.19
N PRO B 470 10.04 10.26 -11.37
CA PRO B 470 8.88 9.51 -11.86
C PRO B 470 7.94 10.34 -12.71
N PHE B 471 7.09 9.68 -13.53
CA PHE B 471 6.06 10.30 -14.41
C PHE B 471 6.69 11.34 -15.35
N GLY B 472 7.86 10.98 -15.89
CA GLY B 472 8.66 11.77 -16.82
C GLY B 472 9.06 13.16 -16.35
N GLY B 473 9.21 13.32 -15.02
CA GLY B 473 9.62 14.57 -14.38
C GLY B 473 8.77 15.79 -14.66
N TYR B 474 7.43 15.61 -14.71
CA TYR B 474 6.46 16.70 -14.92
C TYR B 474 6.40 17.60 -13.68
N LYS B 475 6.08 18.90 -13.90
CA LYS B 475 6.03 19.97 -12.90
C LYS B 475 5.06 19.70 -11.70
N LYS B 476 3.73 19.80 -11.92
CA LYS B 476 2.72 19.60 -10.88
C LYS B 476 2.25 18.14 -10.88
N SER B 477 3.22 17.21 -10.87
CA SER B 477 2.99 15.76 -10.91
C SER B 477 2.96 15.08 -9.55
N GLY B 478 4.00 15.30 -8.76
CA GLY B 478 4.18 14.59 -7.50
C GLY B 478 4.97 13.33 -7.79
N PHE B 479 5.38 12.63 -6.75
CA PHE B 479 6.23 11.45 -6.87
C PHE B 479 5.41 10.15 -6.84
N GLY B 480 4.14 10.26 -6.45
CA GLY B 480 3.29 9.10 -6.25
C GLY B 480 3.71 8.43 -4.96
N ARG B 481 3.46 7.13 -4.83
CA ARG B 481 3.81 6.39 -3.62
C ARG B 481 4.93 5.36 -3.82
N GLU B 482 4.89 4.61 -4.93
CA GLU B 482 5.82 3.55 -5.29
C GLU B 482 7.28 3.96 -5.37
N ASN B 483 7.57 5.07 -6.05
CA ASN B 483 8.93 5.58 -6.24
C ASN B 483 9.65 5.66 -4.91
N GLY B 484 9.04 6.31 -3.91
CA GLY B 484 9.62 6.47 -2.59
C GLY B 484 9.78 5.17 -1.84
N ARG B 485 8.80 4.28 -1.97
CA ARG B 485 8.81 2.96 -1.33
C ARG B 485 10.02 2.17 -1.84
N VAL B 486 10.24 2.19 -3.15
CA VAL B 486 11.32 1.49 -3.85
C VAL B 486 12.69 2.09 -3.50
N THR B 487 12.80 3.43 -3.45
CA THR B 487 14.09 4.06 -3.14
C THR B 487 14.35 3.90 -1.62
N ILE B 488 13.30 3.91 -0.76
CA ILE B 488 13.44 3.60 0.68
C ILE B 488 14.06 2.19 0.83
N GLU B 489 13.53 1.18 0.08
CA GLU B 489 14.04 -0.19 0.08
C GLU B 489 15.54 -0.34 -0.26
N TYR B 490 16.05 0.51 -1.18
CA TYR B 490 17.44 0.54 -1.62
C TYR B 490 18.39 0.98 -0.49
N TYR B 491 17.90 1.85 0.41
CA TYR B 491 18.68 2.44 1.48
C TYR B 491 18.40 1.83 2.84
N SER B 492 17.75 0.69 2.85
CA SER B 492 17.38 0.06 4.09
C SER B 492 17.36 -1.46 3.99
N GLN B 493 17.10 -2.10 5.13
CA GLN B 493 16.98 -3.55 5.24
C GLN B 493 15.84 -3.91 6.18
N LEU B 494 15.13 -4.99 5.84
CA LEU B 494 14.03 -5.46 6.65
C LEU B 494 14.48 -6.39 7.79
N LYS B 495 14.23 -5.93 9.02
CA LYS B 495 14.46 -6.65 10.26
C LYS B 495 13.11 -7.27 10.69
N THR B 496 13.13 -8.58 10.97
CA THR B 496 12.00 -9.42 11.34
C THR B 496 12.20 -9.92 12.76
N VAL B 497 11.14 -9.84 13.58
CA VAL B 497 11.13 -10.28 14.98
C VAL B 497 9.90 -11.13 15.23
N CYS B 498 10.10 -12.33 15.81
CA CYS B 498 9.02 -13.24 16.16
C CYS B 498 9.01 -13.43 17.63
N VAL B 499 7.83 -13.23 18.23
CA VAL B 499 7.62 -13.41 19.64
C VAL B 499 6.71 -14.63 19.84
N GLU B 500 7.23 -15.64 20.54
CA GLU B 500 6.49 -16.85 20.89
C GLU B 500 5.78 -16.57 22.20
N MET B 501 4.44 -16.65 22.19
CA MET B 501 3.65 -16.41 23.40
C MET B 501 3.43 -17.69 24.19
N GLY B 502 3.09 -18.77 23.47
CA GLY B 502 2.87 -20.09 24.06
C GLY B 502 4.12 -20.91 24.26
N ASP B 503 4.00 -22.24 24.11
CA ASP B 503 5.10 -23.18 24.25
C ASP B 503 5.67 -23.60 22.89
N VAL B 504 6.93 -24.09 22.89
CA VAL B 504 7.63 -24.56 21.69
C VAL B 504 7.05 -25.95 21.31
N GLU B 505 6.60 -26.11 20.06
CA GLU B 505 6.07 -27.38 19.55
C GLU B 505 7.22 -28.20 18.95
N SER B 506 7.70 -29.19 19.72
CA SER B 506 8.80 -30.07 19.32
C SER B 506 8.36 -31.17 18.37
N ALA B 507 9.10 -31.31 17.25
CA ALA B 507 8.86 -32.33 16.23
C ALA B 507 9.34 -33.69 16.75
N PHE B 508 10.33 -33.67 17.65
CA PHE B 508 11.00 -34.83 18.26
C PHE B 508 10.24 -35.39 19.47
N PRO C 14 2.87 37.61 26.28
CA PRO C 14 2.49 38.74 27.13
C PRO C 14 1.06 38.63 27.68
N MET C 15 0.26 37.68 27.13
CA MET C 15 -1.12 37.43 27.51
C MET C 15 -1.17 36.60 28.81
N SER C 16 -1.92 37.10 29.81
CA SER C 16 -2.07 36.49 31.14
C SER C 16 -3.54 36.25 31.54
N THR C 17 -3.75 35.45 32.59
CA THR C 17 -5.05 35.08 33.14
C THR C 17 -5.75 36.27 33.80
N GLY C 18 -7.06 36.36 33.59
CA GLY C 18 -7.94 37.36 34.17
C GLY C 18 -7.97 38.69 33.46
N THR C 19 -7.49 38.73 32.21
CA THR C 19 -7.42 39.99 31.45
C THR C 19 -8.10 39.95 30.08
N PHE C 20 -8.04 38.80 29.38
CA PHE C 20 -8.56 38.67 28.02
C PHE C 20 -10.08 38.87 27.88
N VAL C 21 -10.45 39.62 26.82
CA VAL C 21 -11.82 39.87 26.40
C VAL C 21 -11.79 39.81 24.87
N VAL C 22 -12.71 39.03 24.25
CA VAL C 22 -12.87 38.97 22.80
C VAL C 22 -13.30 40.38 22.33
N SER C 23 -12.58 40.96 21.37
CA SER C 23 -12.85 42.31 20.87
C SER C 23 -13.19 42.34 19.36
N GLN C 24 -13.32 41.15 18.74
CA GLN C 24 -13.61 40.99 17.31
C GLN C 24 -14.78 40.01 17.12
N PRO C 25 -15.46 39.98 15.93
CA PRO C 25 -16.52 38.96 15.73
C PRO C 25 -15.93 37.54 15.69
N LEU C 26 -16.77 36.54 16.08
CA LEU C 26 -16.39 35.13 16.22
C LEU C 26 -16.80 34.24 15.05
N ASN C 27 -17.33 34.81 13.96
CA ASN C 27 -17.61 34.03 12.75
C ASN C 27 -16.48 34.32 11.76
N TYR C 28 -16.27 33.44 10.82
CA TYR C 28 -15.19 33.65 9.85
C TYR C 28 -15.64 33.19 8.47
N ARG C 29 -15.66 34.10 7.48
CA ARG C 29 -16.10 33.81 6.10
C ARG C 29 -15.35 34.73 5.18
N GLY C 30 -14.98 34.23 4.01
CA GLY C 30 -14.25 35.02 3.00
C GLY C 30 -12.95 35.63 3.47
N GLY C 31 -12.21 34.91 4.30
CA GLY C 31 -10.93 35.40 4.82
C GLY C 31 -10.99 36.51 5.83
N ALA C 32 -12.17 36.74 6.44
CA ALA C 32 -12.37 37.78 7.45
C ALA C 32 -13.36 37.36 8.52
N ARG C 33 -13.13 37.86 9.74
CA ARG C 33 -13.99 37.70 10.90
C ARG C 33 -15.26 38.50 10.65
N VAL C 34 -16.41 37.88 10.92
CA VAL C 34 -17.69 38.53 10.65
C VAL C 34 -18.68 38.27 11.74
N GLU C 35 -19.66 39.15 11.86
CA GLU C 35 -20.78 38.94 12.74
C GLU C 35 -21.76 38.07 11.99
N PRO C 36 -22.42 37.07 12.65
CA PRO C 36 -23.45 36.29 11.94
C PRO C 36 -24.58 37.17 11.36
N ALA C 37 -25.02 36.83 10.13
CA ALA C 37 -26.09 37.56 9.42
C ALA C 37 -27.47 37.33 10.06
N ASP C 38 -27.59 36.18 10.75
CA ASP C 38 -28.77 35.58 11.36
C ASP C 38 -28.40 35.03 12.76
N ALA C 39 -29.38 34.98 13.69
CA ALA C 39 -29.22 34.47 15.08
C ALA C 39 -30.04 33.19 15.36
N SER C 40 -29.48 32.25 16.15
CA SER C 40 -30.16 31.04 16.66
C SER C 40 -29.92 30.95 18.16
N GLY C 41 -29.40 32.04 18.70
CA GLY C 41 -29.12 32.14 20.11
C GLY C 41 -28.04 33.13 20.43
N THR C 42 -27.74 33.21 21.74
CA THR C 42 -26.67 34.03 22.31
C THR C 42 -25.97 33.24 23.42
N GLU C 43 -24.70 32.92 23.23
CA GLU C 43 -23.95 32.21 24.25
C GLU C 43 -22.88 33.07 24.87
N LYS C 44 -22.47 32.66 26.08
CA LYS C 44 -21.39 33.28 26.84
C LYS C 44 -20.24 32.28 26.89
N ALA C 45 -19.02 32.71 26.48
CA ALA C 45 -17.81 31.91 26.62
C ALA C 45 -17.08 32.45 27.85
N PHE C 46 -16.51 31.55 28.64
CA PHE C 46 -15.83 31.90 29.87
C PHE C 46 -14.36 31.55 29.88
N GLU C 47 -13.65 32.13 30.83
CA GLU C 47 -12.29 31.88 31.24
C GLU C 47 -12.50 31.04 32.52
N PRO C 48 -12.46 29.69 32.42
CA PRO C 48 -12.77 28.86 33.61
C PRO C 48 -11.91 29.12 34.86
N ALA C 49 -10.67 29.64 34.70
CA ALA C 49 -9.70 29.98 35.75
C ALA C 49 -10.17 31.11 36.69
N THR C 50 -11.00 32.03 36.17
CA THR C 50 -11.49 33.23 36.84
C THR C 50 -13.03 33.35 36.92
N GLY C 51 -13.74 32.62 36.08
CA GLY C 51 -15.19 32.66 35.99
C GLY C 51 -15.71 33.88 35.26
N ARG C 52 -14.79 34.62 34.58
CA ARG C 52 -15.03 35.82 33.80
C ARG C 52 -15.63 35.46 32.43
N VAL C 53 -16.46 36.36 31.88
CA VAL C 53 -17.08 36.21 30.56
C VAL C 53 -16.08 36.80 29.59
N ILE C 54 -15.59 35.99 28.68
CA ILE C 54 -14.60 36.48 27.72
C ILE C 54 -15.30 36.95 26.44
N ALA C 55 -16.53 36.45 26.20
CA ALA C 55 -17.33 36.81 25.02
C ALA C 55 -18.84 36.54 25.20
N THR C 56 -19.66 37.41 24.64
CA THR C 56 -21.11 37.24 24.52
C THR C 56 -21.28 37.25 23.02
N PHE C 57 -21.54 36.08 22.45
CA PHE C 57 -21.61 35.93 21.01
C PHE C 57 -22.95 35.37 20.57
N THR C 58 -23.27 35.64 19.31
CA THR C 58 -24.46 35.26 18.58
C THR C 58 -24.25 33.88 17.91
N CYS C 59 -25.22 32.97 18.09
CA CYS C 59 -25.27 31.65 17.46
C CYS C 59 -25.85 31.80 16.07
N SER C 60 -25.20 31.23 15.08
CA SER C 60 -25.57 31.41 13.67
C SER C 60 -26.90 30.82 13.34
N GLY C 61 -27.67 31.57 12.56
CA GLY C 61 -28.97 31.12 12.06
C GLY C 61 -28.82 30.44 10.72
N GLU C 62 -29.95 30.18 10.06
CA GLU C 62 -30.03 29.52 8.74
C GLU C 62 -29.35 30.32 7.61
N LYS C 63 -29.62 31.63 7.55
CA LYS C 63 -29.10 32.54 6.53
C LYS C 63 -27.60 32.68 6.63
N GLU C 64 -27.08 32.68 7.86
CA GLU C 64 -25.65 32.75 8.15
C GLU C 64 -24.95 31.46 7.73
N VAL C 65 -25.56 30.30 8.07
CA VAL C 65 -25.05 28.97 7.68
C VAL C 65 -25.05 28.92 6.13
N ASN C 66 -26.13 29.38 5.47
CA ASN C 66 -26.22 29.40 4.01
C ASN C 66 -25.06 30.21 3.37
N LEU C 67 -24.79 31.43 3.93
CA LEU C 67 -23.70 32.30 3.46
C LEU C 67 -22.33 31.63 3.57
N ALA C 68 -22.06 30.95 4.72
CA ALA C 68 -20.80 30.27 5.00
C ALA C 68 -20.60 29.06 4.07
N VAL C 69 -21.68 28.31 3.76
CA VAL C 69 -21.67 27.17 2.83
C VAL C 69 -21.48 27.64 1.35
N GLN C 70 -22.17 28.71 0.94
CA GLN C 70 -22.09 29.26 -0.43
C GLN C 70 -20.70 29.78 -0.72
N ASN C 71 -20.09 30.38 0.32
CA ASN C 71 -18.73 30.90 0.32
C ASN C 71 -17.72 29.75 0.24
N ALA C 72 -17.97 28.65 0.99
CA ALA C 72 -17.10 27.48 0.99
C ALA C 72 -17.19 26.79 -0.37
N LYS C 73 -18.41 26.73 -0.96
CA LYS C 73 -18.66 26.17 -2.29
C LYS C 73 -17.76 26.81 -3.35
N ALA C 74 -17.64 28.17 -3.32
CA ALA C 74 -16.85 28.95 -4.28
C ALA C 74 -15.34 28.70 -4.11
N ALA C 75 -14.90 28.60 -2.85
CA ALA C 75 -13.50 28.33 -2.51
C ALA C 75 -13.12 26.89 -2.91
N PHE C 76 -14.07 25.94 -2.74
CA PHE C 76 -13.92 24.55 -3.14
C PHE C 76 -13.60 24.47 -4.62
N LYS C 77 -14.38 25.16 -5.46
CA LYS C 77 -14.23 25.20 -6.92
C LYS C 77 -12.82 25.64 -7.35
N ILE C 78 -12.19 26.59 -6.59
CA ILE C 78 -10.83 27.07 -6.87
C ILE C 78 -9.80 26.05 -6.39
N TRP C 79 -9.86 25.71 -5.07
CA TRP C 79 -8.95 24.80 -4.39
C TRP C 79 -8.87 23.41 -5.01
N SER C 80 -10.02 22.82 -5.39
CA SER C 80 -10.07 21.47 -5.96
C SER C 80 -9.34 21.37 -7.30
N GLN C 81 -9.16 22.51 -7.97
CA GLN C 81 -8.51 22.67 -9.24
C GLN C 81 -6.99 22.87 -9.07
N LYS C 82 -6.53 23.05 -7.80
CA LYS C 82 -5.10 23.19 -7.52
C LYS C 82 -4.49 21.80 -7.47
N SER C 83 -3.20 21.68 -7.79
CA SER C 83 -2.52 20.40 -7.77
C SER C 83 -2.20 19.97 -6.31
N GLY C 84 -1.93 18.66 -6.12
CA GLY C 84 -1.58 18.10 -4.82
C GLY C 84 -0.41 18.84 -4.17
N MET C 85 0.67 19.06 -4.94
CA MET C 85 1.90 19.76 -4.53
C MET C 85 1.61 21.19 -4.08
N GLU C 86 0.67 21.89 -4.76
CA GLU C 86 0.27 23.24 -4.37
C GLU C 86 -0.51 23.21 -3.05
N ARG C 87 -1.40 22.24 -2.85
CA ARG C 87 -2.14 22.15 -1.60
C ARG C 87 -1.21 21.84 -0.42
N CYS C 88 -0.20 20.98 -0.67
CA CYS C 88 0.88 20.59 0.26
C CYS C 88 1.69 21.81 0.75
N ARG C 89 2.15 22.67 -0.20
CA ARG C 89 2.92 23.90 0.10
C ARG C 89 2.20 24.78 1.08
N ILE C 90 0.89 25.07 0.83
CA ILE C 90 0.02 25.90 1.68
C ILE C 90 -0.22 25.24 3.05
N LEU C 91 -0.46 23.92 3.11
CA LEU C 91 -0.65 23.22 4.39
C LEU C 91 0.65 23.14 5.21
N LEU C 92 1.84 23.00 4.56
CA LEU C 92 3.15 23.01 5.26
C LEU C 92 3.47 24.41 5.81
N GLU C 93 3.06 25.49 5.11
CA GLU C 93 3.20 26.87 5.57
C GLU C 93 2.33 27.09 6.82
N ALA C 94 1.08 26.58 6.78
CA ALA C 94 0.12 26.66 7.87
C ALA C 94 0.70 25.94 9.12
N ALA C 95 1.34 24.76 8.92
CA ALA C 95 2.03 24.02 9.99
C ALA C 95 3.22 24.82 10.59
N ARG C 96 3.97 25.56 9.74
CA ARG C 96 5.08 26.42 10.17
C ARG C 96 4.56 27.62 10.98
N ILE C 97 3.44 28.25 10.54
CA ILE C 97 2.79 29.35 11.24
C ILE C 97 2.26 28.90 12.62
N ILE C 98 1.62 27.73 12.73
CA ILE C 98 1.15 27.16 14.00
C ILE C 98 2.33 26.97 14.98
N ARG C 99 3.43 26.40 14.49
CA ARG C 99 4.70 26.13 15.23
C ARG C 99 5.37 27.41 15.73
N GLU C 100 5.34 28.46 14.89
CA GLU C 100 5.91 29.77 15.25
C GLU C 100 5.07 30.48 16.28
N ARG C 101 3.73 30.33 16.20
CA ARG C 101 2.75 30.97 17.08
C ARG C 101 2.22 30.06 18.19
N GLU C 102 2.87 28.90 18.40
CA GLU C 102 2.53 27.83 19.35
C GLU C 102 2.09 28.30 20.72
N ASP C 103 2.91 29.15 21.35
CA ASP C 103 2.69 29.70 22.69
C ASP C 103 1.50 30.61 22.75
N GLU C 104 1.31 31.45 21.72
CA GLU C 104 0.18 32.37 21.59
C GLU C 104 -1.12 31.57 21.43
N ILE C 105 -1.07 30.48 20.62
CA ILE C 105 -2.21 29.59 20.40
C ILE C 105 -2.49 28.82 21.69
N ALA C 106 -1.46 28.24 22.31
CA ALA C 106 -1.58 27.48 23.57
C ALA C 106 -2.18 28.34 24.68
N THR C 107 -1.75 29.61 24.79
CA THR C 107 -2.27 30.58 25.75
C THR C 107 -3.77 30.83 25.54
N MET C 108 -4.16 31.11 24.30
CA MET C 108 -5.55 31.38 23.93
C MET C 108 -6.43 30.13 24.14
N GLU C 109 -5.85 28.94 23.91
CA GLU C 109 -6.52 27.67 24.18
C GLU C 109 -6.81 27.53 25.71
N CYS C 110 -5.81 27.86 26.54
CA CYS C 110 -5.85 27.77 28.01
C CYS C 110 -6.87 28.68 28.64
N ILE C 111 -6.94 29.93 28.15
CA ILE C 111 -7.85 30.96 28.64
C ILE C 111 -9.28 30.52 28.52
N ASN C 112 -9.64 29.91 27.38
CA ASN C 112 -11.03 29.54 27.12
C ASN C 112 -11.43 28.15 27.61
N ASN C 113 -10.49 27.20 27.57
CA ASN C 113 -10.75 25.80 27.92
C ASN C 113 -10.38 25.42 29.38
N GLY C 114 -9.29 25.99 29.91
CA GLY C 114 -8.82 25.73 31.27
C GLY C 114 -7.76 24.65 31.44
N LYS C 115 -7.33 23.96 30.35
CA LYS C 115 -6.27 22.96 30.51
C LYS C 115 -4.93 23.66 30.74
N SER C 116 -3.98 22.93 31.31
CA SER C 116 -2.62 23.43 31.56
C SER C 116 -1.90 23.77 30.25
N ILE C 117 -1.08 24.81 30.28
CA ILE C 117 -0.20 25.25 29.18
C ILE C 117 0.70 24.06 28.75
N PHE C 118 0.96 23.16 29.69
CA PHE C 118 1.69 21.94 29.49
C PHE C 118 0.97 21.05 28.47
N GLU C 119 -0.33 20.77 28.72
CA GLU C 119 -1.18 19.93 27.88
C GLU C 119 -1.61 20.64 26.60
N ALA C 120 -1.85 21.98 26.66
CA ALA C 120 -2.20 22.75 25.47
C ALA C 120 -1.10 22.70 24.42
N ARG C 121 0.19 22.83 24.83
CA ARG C 121 1.35 22.74 23.93
C ARG C 121 1.40 21.40 23.24
N LEU C 122 1.13 20.32 23.99
CA LEU C 122 1.06 18.96 23.44
C LEU C 122 -0.03 18.84 22.34
N ASP C 123 -1.21 19.44 22.55
CA ASP C 123 -2.31 19.47 21.57
C ASP C 123 -1.91 20.25 20.30
N ILE C 124 -1.23 21.42 20.47
CA ILE C 124 -0.77 22.28 19.38
C ILE C 124 0.28 21.55 18.52
N ASP C 125 1.17 20.75 19.18
CA ASP C 125 2.17 19.92 18.53
C ASP C 125 1.53 18.90 17.56
N ILE C 126 0.52 18.15 18.04
CA ILE C 126 -0.26 17.17 17.29
C ILE C 126 -0.98 17.89 16.15
N SER C 127 -1.34 19.17 16.37
CA SER C 127 -2.06 19.98 15.40
C SER C 127 -1.23 20.34 14.20
N TRP C 128 0.03 20.75 14.41
CA TRP C 128 0.86 21.09 13.27
C TRP C 128 1.47 19.83 12.64
N GLN C 129 1.65 18.75 13.44
CA GLN C 129 2.11 17.42 13.00
C GLN C 129 1.15 16.78 12.00
N CYS C 130 -0.18 16.94 12.28
CA CYS C 130 -1.36 16.49 11.54
C CYS C 130 -1.38 17.16 10.18
N LEU C 131 -1.22 18.49 10.19
CA LEU C 131 -1.16 19.32 9.01
C LEU C 131 -0.04 18.88 8.07
N GLU C 132 1.22 18.68 8.60
CA GLU C 132 2.33 18.20 7.78
C GLU C 132 2.09 16.83 7.18
N TYR C 133 1.56 15.89 7.98
CA TYR C 133 1.22 14.54 7.53
C TYR C 133 0.31 14.54 6.30
N TYR C 134 -0.88 15.14 6.41
CA TYR C 134 -1.84 15.24 5.32
C TYR C 134 -1.28 16.04 4.12
N ALA C 135 -0.49 17.11 4.38
CA ALA C 135 0.15 17.87 3.30
C ALA C 135 1.03 16.92 2.47
N GLY C 136 1.86 16.12 3.16
CA GLY C 136 2.63 15.05 2.55
C GLY C 136 1.82 14.09 1.71
N LEU C 137 0.63 13.71 2.20
CA LEU C 137 -0.25 12.77 1.50
C LEU C 137 -0.92 13.42 0.29
N ALA C 138 -1.22 14.74 0.37
CA ALA C 138 -1.79 15.54 -0.73
C ALA C 138 -0.84 15.57 -1.89
N ALA C 139 0.46 15.75 -1.61
CA ALA C 139 1.55 15.80 -2.58
C ALA C 139 1.85 14.49 -3.26
N SER C 140 1.67 13.35 -2.55
CA SER C 140 2.05 12.03 -3.04
C SER C 140 0.90 11.12 -3.47
N MET C 141 -0.34 11.60 -3.41
CA MET C 141 -1.49 10.80 -3.81
C MET C 141 -1.41 10.29 -5.24
N ALA C 142 -1.92 9.06 -5.45
CA ALA C 142 -1.94 8.35 -6.72
C ALA C 142 -3.12 7.42 -6.76
N GLY C 143 -3.74 7.33 -7.93
CA GLY C 143 -4.81 6.38 -8.18
C GLY C 143 -4.22 5.11 -8.80
N GLU C 144 -5.10 4.23 -9.25
CA GLU C 144 -4.65 2.97 -9.83
C GLU C 144 -4.72 3.00 -11.34
N HIS C 145 -3.75 2.34 -11.97
CA HIS C 145 -3.74 2.11 -13.40
C HIS C 145 -3.84 0.59 -13.65
N ILE C 146 -4.75 0.17 -14.55
CA ILE C 146 -4.96 -1.26 -14.84
C ILE C 146 -5.03 -1.55 -16.33
N GLN C 147 -4.44 -2.69 -16.74
CA GLN C 147 -4.45 -3.11 -18.13
C GLN C 147 -5.67 -4.00 -18.39
N LEU C 148 -6.31 -3.74 -19.51
CA LEU C 148 -7.48 -4.49 -20.00
C LEU C 148 -7.02 -5.09 -21.36
N PRO C 149 -7.65 -6.19 -21.86
CA PRO C 149 -7.17 -6.78 -23.13
C PRO C 149 -7.25 -5.87 -24.36
N GLY C 150 -6.25 -6.01 -25.23
CA GLY C 150 -6.14 -5.27 -26.49
C GLY C 150 -5.71 -3.82 -26.41
N GLY C 151 -4.96 -3.48 -25.37
CA GLY C 151 -4.46 -2.12 -25.17
C GLY C 151 -5.40 -1.18 -24.41
N SER C 152 -6.60 -1.69 -24.05
CA SER C 152 -7.60 -0.94 -23.30
C SER C 152 -7.13 -0.80 -21.84
N PHE C 153 -7.55 0.27 -21.15
CA PHE C 153 -7.12 0.51 -19.77
C PHE C 153 -8.16 1.24 -18.88
N GLY C 154 -8.11 0.93 -17.60
CA GLY C 154 -8.96 1.51 -16.58
C GLY C 154 -8.14 2.19 -15.50
N TYR C 155 -8.51 3.43 -15.15
CA TYR C 155 -7.77 4.16 -14.12
C TYR C 155 -8.70 4.87 -13.11
N THR C 156 -8.19 4.96 -11.86
CA THR C 156 -8.91 5.57 -10.75
C THR C 156 -8.20 6.83 -10.23
N ARG C 157 -8.97 7.73 -9.59
CA ARG C 157 -8.52 9.00 -8.99
C ARG C 157 -9.47 9.31 -7.82
N ARG C 158 -8.91 9.82 -6.72
CA ARG C 158 -9.71 10.25 -5.57
C ARG C 158 -10.01 11.74 -5.71
N GLU C 159 -11.29 12.07 -5.75
CA GLU C 159 -11.76 13.44 -5.92
C GLU C 159 -12.33 13.93 -4.61
N PRO C 160 -12.20 15.24 -4.29
CA PRO C 160 -12.88 15.75 -3.08
C PRO C 160 -14.42 15.69 -3.16
N LEU C 161 -15.10 15.84 -2.05
CA LEU C 161 -16.56 15.77 -1.99
C LEU C 161 -17.24 17.11 -2.30
N GLY C 162 -16.65 18.21 -1.83
CA GLY C 162 -17.17 19.57 -1.94
C GLY C 162 -16.99 20.31 -0.62
N VAL C 163 -18.14 20.71 -0.03
CA VAL C 163 -18.24 21.40 1.24
C VAL C 163 -18.42 20.39 2.38
N CYS C 164 -17.39 20.26 3.18
CA CYS C 164 -17.43 19.39 4.35
C CYS C 164 -17.69 20.23 5.60
N VAL C 165 -18.44 19.69 6.54
CA VAL C 165 -18.70 20.35 7.81
C VAL C 165 -17.94 19.57 8.89
N GLY C 166 -17.30 20.27 9.80
CA GLY C 166 -16.64 19.66 10.93
C GLY C 166 -17.28 20.19 12.19
N ILE C 167 -17.61 19.29 13.13
CA ILE C 167 -18.24 19.70 14.40
C ILE C 167 -17.21 19.63 15.49
N GLY C 168 -17.10 20.71 16.27
CA GLY C 168 -16.11 20.80 17.34
C GLY C 168 -16.57 20.30 18.68
N ALA C 169 -15.60 20.02 19.55
CA ALA C 169 -15.85 19.62 20.94
C ALA C 169 -15.08 20.59 21.83
N TRP C 170 -15.50 20.74 23.11
CA TRP C 170 -14.85 21.66 24.05
C TRP C 170 -13.55 21.13 24.65
N ASN C 171 -13.37 19.81 24.76
CA ASN C 171 -12.18 19.25 25.41
C ASN C 171 -10.86 19.39 24.60
N TYR C 172 -10.88 19.39 23.26
CA TYR C 172 -9.65 19.64 22.46
C TYR C 172 -10.00 20.64 21.34
N PRO C 173 -10.27 21.93 21.66
CA PRO C 173 -10.80 22.86 20.63
C PRO C 173 -9.96 23.00 19.36
N PHE C 174 -8.70 23.45 19.49
CA PHE C 174 -7.79 23.68 18.36
C PHE C 174 -7.44 22.38 17.63
N GLN C 175 -7.17 21.33 18.39
CA GLN C 175 -6.80 20.02 17.91
C GLN C 175 -7.87 19.33 16.99
N ILE C 176 -9.17 19.32 17.43
CA ILE C 176 -10.34 18.79 16.69
C ILE C 176 -10.49 19.57 15.36
N ALA C 177 -10.32 20.90 15.43
CA ALA C 177 -10.42 21.78 14.28
C ALA C 177 -9.33 21.49 13.29
N SER C 178 -8.04 21.33 13.74
CA SER C 178 -6.91 20.97 12.86
C SER C 178 -7.11 19.59 12.28
N TRP C 179 -7.39 18.59 13.15
CA TRP C 179 -7.59 17.20 12.79
C TRP C 179 -8.74 16.95 11.79
N LYS C 180 -9.76 17.80 11.76
CA LYS C 180 -10.87 17.65 10.81
C LYS C 180 -10.54 18.35 9.52
N SER C 181 -10.04 19.61 9.62
CA SER C 181 -9.76 20.43 8.44
C SER C 181 -8.57 19.99 7.66
N ALA C 182 -7.44 19.58 8.33
CA ALA C 182 -6.25 19.22 7.57
C ALA C 182 -6.55 18.16 6.56
N PRO C 183 -7.13 16.96 6.88
CA PRO C 183 -7.37 15.96 5.82
C PRO C 183 -8.40 16.41 4.78
N ALA C 184 -9.51 17.02 5.22
CA ALA C 184 -10.57 17.52 4.34
C ALA C 184 -9.98 18.45 3.27
N LEU C 185 -9.11 19.39 3.69
CA LEU C 185 -8.45 20.36 2.81
C LEU C 185 -7.39 19.73 1.93
N ALA C 186 -6.59 18.78 2.48
CA ALA C 186 -5.55 18.03 1.74
C ALA C 186 -6.14 17.29 0.51
N CYS C 187 -7.43 16.88 0.61
CA CYS C 187 -8.23 16.18 -0.40
C CYS C 187 -8.74 17.07 -1.50
N GLY C 188 -8.87 18.36 -1.22
CA GLY C 188 -9.36 19.33 -2.19
C GLY C 188 -10.71 19.89 -1.83
N ASN C 189 -11.19 19.56 -0.61
CA ASN C 189 -12.46 20.04 -0.05
C ASN C 189 -12.33 21.42 0.62
N ALA C 190 -13.49 22.01 0.88
CA ALA C 190 -13.68 23.23 1.66
C ALA C 190 -14.35 22.77 2.94
N MET C 191 -14.10 23.44 4.07
CA MET C 191 -14.72 23.10 5.33
C MET C 191 -15.46 24.27 5.97
N VAL C 192 -16.66 23.99 6.51
CA VAL C 192 -17.41 24.92 7.35
C VAL C 192 -17.26 24.27 8.73
N PHE C 193 -16.60 24.98 9.67
CA PHE C 193 -16.39 24.41 11.02
C PHE C 193 -17.30 25.05 12.05
N LYS C 194 -17.91 24.20 12.89
CA LYS C 194 -18.73 24.69 13.97
C LYS C 194 -18.12 24.28 15.29
N PRO C 195 -17.45 25.22 15.97
CA PRO C 195 -16.87 24.92 17.28
C PRO C 195 -17.96 24.70 18.34
N SER C 196 -17.54 24.14 19.51
CA SER C 196 -18.43 23.95 20.64
C SER C 196 -18.79 25.35 21.14
N PRO C 197 -20.05 25.66 21.48
CA PRO C 197 -20.33 27.02 21.98
C PRO C 197 -19.57 27.35 23.29
N PHE C 198 -19.00 26.33 23.97
CA PHE C 198 -18.20 26.50 25.18
C PHE C 198 -16.85 27.07 24.85
N THR C 199 -16.28 26.68 23.67
CA THR C 199 -14.94 27.09 23.24
C THR C 199 -14.92 27.71 21.81
N PRO C 200 -15.47 28.93 21.61
CA PRO C 200 -15.51 29.50 20.24
C PRO C 200 -14.22 30.10 19.69
N VAL C 201 -13.34 30.55 20.58
CA VAL C 201 -12.17 31.37 20.32
C VAL C 201 -11.00 30.74 19.51
N SER C 202 -10.41 29.60 19.94
CA SER C 202 -9.21 29.08 19.30
C SER C 202 -9.34 28.69 17.81
N ALA C 203 -10.56 28.37 17.32
CA ALA C 203 -10.78 27.95 15.91
C ALA C 203 -10.55 29.10 14.94
N LEU C 204 -10.67 30.34 15.42
CA LEU C 204 -10.46 31.56 14.63
C LEU C 204 -9.01 31.80 14.40
N LEU C 205 -8.17 31.34 15.32
CA LEU C 205 -6.73 31.42 15.16
C LEU C 205 -6.32 30.52 13.99
N LEU C 206 -6.91 29.30 13.92
CA LEU C 206 -6.73 28.35 12.82
C LEU C 206 -7.22 28.94 11.49
N ALA C 207 -8.45 29.51 11.46
CA ALA C 207 -9.01 30.17 10.29
C ALA C 207 -8.04 31.24 9.75
N GLU C 208 -7.60 32.15 10.66
CA GLU C 208 -6.67 33.23 10.36
C GLU C 208 -5.32 32.72 9.81
N ILE C 209 -4.80 31.61 10.40
CA ILE C 209 -3.53 30.98 10.01
C ILE C 209 -3.61 30.37 8.60
N TYR C 210 -4.75 29.70 8.26
CA TYR C 210 -4.96 29.11 6.94
C TYR C 210 -4.91 30.21 5.86
N SER C 211 -5.60 31.31 6.13
CA SER C 211 -5.65 32.51 5.27
C SER C 211 -4.26 33.05 5.01
N GLU C 212 -3.45 33.20 6.08
CA GLU C 212 -2.05 33.66 6.04
C GLU C 212 -1.18 32.72 5.18
N ALA C 213 -1.41 31.40 5.29
CA ALA C 213 -0.72 30.33 4.55
C ALA C 213 -1.01 30.37 3.06
N GLY C 214 -2.16 30.93 2.69
CA GLY C 214 -2.55 31.09 1.28
C GLY C 214 -3.76 30.33 0.82
N VAL C 215 -4.61 29.82 1.76
CA VAL C 215 -5.85 29.15 1.34
C VAL C 215 -6.79 30.22 0.72
N PRO C 216 -7.55 29.88 -0.35
CA PRO C 216 -8.49 30.85 -0.92
C PRO C 216 -9.60 31.24 0.07
N PRO C 217 -10.04 32.51 0.05
CA PRO C 217 -11.13 32.93 0.97
C PRO C 217 -12.38 32.06 0.85
N GLY C 218 -12.84 31.54 1.97
CA GLY C 218 -13.97 30.63 2.03
C GLY C 218 -13.63 29.18 2.33
N LEU C 219 -12.37 28.77 2.13
CA LEU C 219 -11.96 27.37 2.28
C LEU C 219 -12.12 26.83 3.69
N PHE C 220 -11.80 27.66 4.70
CA PHE C 220 -12.03 27.29 6.08
C PHE C 220 -12.84 28.37 6.74
N ASN C 221 -14.16 28.11 6.82
CA ASN C 221 -15.09 29.02 7.44
C ASN C 221 -15.42 28.52 8.83
N VAL C 222 -15.82 29.45 9.69
CA VAL C 222 -16.22 29.16 11.06
C VAL C 222 -17.57 29.83 11.33
N VAL C 223 -18.56 29.04 11.70
CA VAL C 223 -19.85 29.54 12.16
C VAL C 223 -19.99 29.11 13.61
N GLN C 224 -20.23 30.05 14.52
CA GLN C 224 -20.49 29.73 15.93
C GLN C 224 -21.95 29.33 16.11
N GLY C 225 -22.22 28.51 17.13
CA GLY C 225 -23.55 28.06 17.49
C GLY C 225 -23.62 26.73 18.20
N GLY C 226 -24.83 26.37 18.56
CA GLY C 226 -25.14 25.14 19.27
C GLY C 226 -25.81 24.15 18.35
N ALA C 227 -26.80 23.39 18.91
CA ALA C 227 -27.58 22.34 18.26
C ALA C 227 -28.32 22.81 17.02
N ALA C 228 -28.96 24.02 17.10
CA ALA C 228 -29.74 24.57 15.99
C ALA C 228 -28.86 24.92 14.80
N THR C 229 -27.67 25.45 15.04
CA THR C 229 -26.63 25.77 14.04
C THR C 229 -26.15 24.47 13.37
N GLY C 230 -25.87 23.45 14.20
CA GLY C 230 -25.44 22.13 13.76
C GLY C 230 -26.44 21.48 12.82
N GLN C 231 -27.73 21.58 13.17
CA GLN C 231 -28.87 21.07 12.41
C GLN C 231 -28.97 21.80 11.07
N PHE C 232 -28.81 23.14 11.06
CA PHE C 232 -28.80 23.92 9.82
C PHE C 232 -27.68 23.43 8.90
N LEU C 233 -26.46 23.18 9.46
CA LEU C 233 -25.33 22.65 8.70
C LEU C 233 -25.59 21.27 8.10
N CYS C 234 -26.10 20.31 8.93
CA CYS C 234 -26.44 18.93 8.49
C CYS C 234 -27.48 18.94 7.36
N GLN C 235 -28.54 19.75 7.50
CA GLN C 235 -29.64 19.89 6.55
C GLN C 235 -29.30 20.71 5.30
N HIS C 236 -28.14 21.40 5.28
CA HIS C 236 -27.84 22.22 4.11
C HIS C 236 -27.61 21.37 2.88
N PRO C 237 -28.42 21.62 1.81
CA PRO C 237 -28.33 20.82 0.59
C PRO C 237 -26.97 20.83 -0.11
N ASP C 238 -26.15 21.85 0.13
CA ASP C 238 -24.84 21.92 -0.53
C ASP C 238 -23.74 21.30 0.30
N VAL C 239 -24.06 20.83 1.52
CA VAL C 239 -23.10 20.17 2.39
C VAL C 239 -22.94 18.73 1.93
N ALA C 240 -21.69 18.35 1.57
CA ALA C 240 -21.37 17.02 1.10
C ALA C 240 -21.30 15.97 2.23
N LYS C 241 -20.64 16.32 3.35
CA LYS C 241 -20.46 15.45 4.50
C LYS C 241 -20.27 16.24 5.80
N VAL C 242 -20.71 15.66 6.92
CA VAL C 242 -20.58 16.20 8.27
C VAL C 242 -19.66 15.28 9.07
N SER C 243 -18.60 15.84 9.66
CA SER C 243 -17.65 15.11 10.49
C SER C 243 -17.94 15.44 11.97
N PHE C 244 -18.59 14.50 12.66
CA PHE C 244 -18.99 14.61 14.07
C PHE C 244 -17.89 14.20 15.03
N THR C 245 -18.04 14.60 16.30
CA THR C 245 -17.13 14.27 17.41
C THR C 245 -17.90 13.63 18.57
N GLY C 270 -22.03 0.26 26.95
CA GLY C 270 -21.93 -0.48 28.21
C GLY C 270 -21.08 0.23 29.25
N GLY C 271 -20.08 -0.49 29.78
CA GLY C 271 -19.16 0.01 30.78
C GLY C 271 -18.07 0.92 30.24
N LYS C 272 -17.44 1.73 31.13
CA LYS C 272 -16.39 2.69 30.76
C LYS C 272 -14.96 2.10 30.83
N SER C 273 -14.03 2.68 30.06
CA SER C 273 -12.62 2.30 29.91
C SER C 273 -11.95 1.75 31.19
N PRO C 274 -11.56 0.46 31.21
CA PRO C 274 -10.96 -0.11 32.44
C PRO C 274 -9.43 -0.09 32.45
N LEU C 275 -8.88 -0.09 33.65
CA LEU C 275 -7.45 -0.11 33.89
C LEU C 275 -7.18 -1.23 34.88
N ILE C 276 -6.55 -2.32 34.42
CA ILE C 276 -6.32 -3.50 35.27
C ILE C 276 -4.90 -3.50 35.83
N ILE C 277 -4.82 -3.55 37.16
CA ILE C 277 -3.57 -3.51 37.92
C ILE C 277 -3.42 -4.82 38.69
N PHE C 278 -2.65 -5.77 38.13
CA PHE C 278 -2.37 -7.06 38.78
C PHE C 278 -1.33 -6.86 39.89
N SER C 279 -1.22 -7.82 40.82
CA SER C 279 -0.27 -7.71 41.93
C SER C 279 1.20 -7.96 41.52
N ASP C 280 1.44 -8.50 40.29
CA ASP C 280 2.80 -8.76 39.78
C ASP C 280 3.38 -7.58 38.98
N CYS C 281 2.63 -6.47 38.89
CA CYS C 281 3.01 -5.24 38.18
C CYS C 281 4.14 -4.48 38.90
N ASP C 282 4.69 -3.44 38.22
CA ASP C 282 5.67 -2.52 38.80
C ASP C 282 4.82 -1.38 39.38
N MET C 283 4.77 -1.32 40.73
CA MET C 283 3.98 -0.41 41.55
C MET C 283 4.04 1.06 41.09
N ASN C 284 5.25 1.66 41.01
CA ASN C 284 5.46 3.07 40.63
C ASN C 284 4.91 3.40 39.26
N ASN C 285 5.12 2.51 38.29
CA ASN C 285 4.62 2.67 36.93
C ASN C 285 3.09 2.59 36.86
N ALA C 286 2.49 1.70 37.67
CA ALA C 286 1.04 1.52 37.78
C ALA C 286 0.38 2.75 38.39
N VAL C 287 1.00 3.30 39.45
CA VAL C 287 0.52 4.50 40.14
C VAL C 287 0.60 5.68 39.16
N LYS C 288 1.75 5.84 38.47
CA LYS C 288 1.97 6.91 37.48
C LYS C 288 0.96 6.81 36.36
N GLY C 289 0.77 5.59 35.82
CA GLY C 289 -0.21 5.31 34.79
C GLY C 289 -1.62 5.63 35.24
N ALA C 290 -1.99 5.22 36.47
CA ALA C 290 -3.31 5.46 37.07
C ALA C 290 -3.66 6.95 37.09
N LEU C 291 -2.75 7.79 37.65
CA LEU C 291 -2.89 9.25 37.74
C LEU C 291 -2.94 9.92 36.37
N MET C 292 -2.14 9.42 35.40
CA MET C 292 -2.13 9.94 34.03
C MET C 292 -3.47 9.62 33.37
N ALA C 293 -3.98 8.40 33.56
CA ALA C 293 -5.25 7.89 33.01
C ALA C 293 -6.52 8.52 33.58
N ASN C 294 -6.41 9.28 34.67
CA ASN C 294 -7.58 9.83 35.36
C ASN C 294 -7.61 11.33 35.46
N PHE C 295 -6.45 11.95 35.68
CA PHE C 295 -6.36 13.35 36.05
C PHE C 295 -5.76 14.30 34.99
N LEU C 296 -5.43 13.79 33.79
CA LEU C 296 -4.98 14.64 32.69
C LEU C 296 -6.23 15.24 32.08
N THR C 297 -6.13 16.50 31.58
CA THR C 297 -7.21 17.31 30.96
C THR C 297 -8.39 17.48 31.95
N GLN C 298 -8.06 17.44 33.27
CA GLN C 298 -8.98 17.50 34.44
C GLN C 298 -9.94 16.32 34.42
N GLY C 299 -9.49 15.24 33.78
CA GLY C 299 -10.26 14.02 33.61
C GLY C 299 -11.52 14.18 32.78
N GLN C 300 -11.56 15.23 31.94
CA GLN C 300 -12.70 15.57 31.07
C GLN C 300 -12.54 14.96 29.65
N VAL C 301 -12.37 13.63 29.59
CA VAL C 301 -12.15 12.86 28.36
C VAL C 301 -12.88 11.52 28.54
N CYS C 302 -13.35 10.92 27.44
CA CYS C 302 -13.98 9.59 27.48
C CYS C 302 -12.90 8.50 27.35
N CYS C 303 -11.66 8.89 26.89
CA CYS C 303 -10.50 7.99 26.76
C CYS C 303 -10.13 7.42 28.14
N ASN C 304 -10.05 8.31 29.17
CA ASN C 304 -9.72 8.08 30.58
C ASN C 304 -10.04 6.66 31.12
N GLY C 305 -9.03 6.03 31.72
CA GLY C 305 -9.13 4.72 32.38
C GLY C 305 -9.55 4.93 33.82
N THR C 306 -10.84 5.29 33.99
CA THR C 306 -11.52 5.64 35.25
C THR C 306 -11.86 4.46 36.16
N ARG C 307 -12.19 3.28 35.59
CA ARG C 307 -12.46 2.07 36.36
C ARG C 307 -11.11 1.42 36.59
N VAL C 308 -10.60 1.53 37.82
CA VAL C 308 -9.27 0.99 38.16
C VAL C 308 -9.40 -0.29 38.99
N PHE C 309 -9.42 -1.44 38.30
CA PHE C 309 -9.47 -2.78 38.89
C PHE C 309 -8.08 -3.09 39.39
N VAL C 310 -7.94 -3.28 40.72
CA VAL C 310 -6.66 -3.54 41.38
C VAL C 310 -6.71 -4.87 42.13
N GLN C 311 -5.70 -5.74 41.92
CA GLN C 311 -5.64 -7.06 42.54
C GLN C 311 -5.49 -6.98 44.07
N LYS C 312 -6.36 -7.70 44.79
CA LYS C 312 -6.56 -7.81 46.26
C LYS C 312 -5.28 -7.71 47.14
N GLU C 313 -4.17 -8.33 46.72
CA GLU C 313 -2.89 -8.35 47.44
C GLU C 313 -2.22 -6.97 47.54
N ILE C 314 -2.18 -6.23 46.40
CA ILE C 314 -1.53 -4.92 46.37
C ILE C 314 -2.51 -3.75 46.58
N LEU C 315 -3.82 -4.03 46.77
CA LEU C 315 -4.87 -3.01 46.97
C LEU C 315 -4.44 -1.84 47.87
N ASP C 316 -4.10 -2.12 49.14
CA ASP C 316 -3.71 -1.18 50.20
C ASP C 316 -2.48 -0.33 49.84
N LYS C 317 -1.40 -0.96 49.32
CA LYS C 317 -0.14 -0.29 48.92
C LYS C 317 -0.36 0.65 47.74
N PHE C 318 -1.13 0.18 46.74
CA PHE C 318 -1.48 0.93 45.56
C PHE C 318 -2.36 2.13 45.95
N THR C 319 -3.44 1.89 46.73
CA THR C 319 -4.37 2.94 47.18
C THR C 319 -3.64 4.07 47.92
N GLU C 320 -2.76 3.72 48.87
CA GLU C 320 -1.98 4.68 49.64
C GLU C 320 -1.05 5.50 48.77
N GLU C 321 -0.29 4.86 47.87
CA GLU C 321 0.65 5.52 46.96
C GLU C 321 -0.07 6.46 45.99
N VAL C 322 -1.27 6.07 45.51
CA VAL C 322 -2.08 6.87 44.59
C VAL C 322 -2.55 8.15 45.30
N VAL C 323 -3.15 8.02 46.51
CA VAL C 323 -3.63 9.16 47.31
C VAL C 323 -2.50 10.17 47.56
N LYS C 324 -1.30 9.65 47.89
CA LYS C 324 -0.07 10.39 48.15
C LYS C 324 0.35 11.22 46.92
N GLN C 325 0.43 10.55 45.76
CA GLN C 325 0.80 11.17 44.49
C GLN C 325 -0.28 12.15 43.99
N THR C 326 -1.56 11.86 44.29
CA THR C 326 -2.75 12.66 43.89
C THR C 326 -2.82 13.99 44.64
N GLN C 327 -2.52 13.96 45.96
CA GLN C 327 -2.52 15.14 46.84
C GLN C 327 -1.38 16.12 46.52
N ARG C 328 -0.38 15.66 45.74
CA ARG C 328 0.77 16.46 45.29
C ARG C 328 0.53 17.20 43.95
N ILE C 329 -0.54 16.82 43.19
CA ILE C 329 -0.91 17.42 41.89
C ILE C 329 -1.12 18.93 42.04
N LYS C 330 -0.35 19.74 41.28
CA LYS C 330 -0.40 21.19 41.33
C LYS C 330 -1.63 21.75 40.63
N ILE C 331 -2.62 22.24 41.44
CA ILE C 331 -3.88 22.84 40.98
C ILE C 331 -3.72 24.37 40.98
N GLY C 332 -3.97 25.01 39.84
CA GLY C 332 -3.85 26.45 39.71
C GLY C 332 -4.14 27.01 38.33
N ASP C 333 -3.64 28.23 38.11
CA ASP C 333 -3.74 29.04 36.89
C ASP C 333 -3.14 28.25 35.75
N PRO C 334 -3.98 27.97 34.71
CA PRO C 334 -3.52 27.16 33.58
C PRO C 334 -2.31 27.71 32.82
N LEU C 335 -2.02 29.01 32.97
CA LEU C 335 -0.92 29.67 32.28
C LEU C 335 0.45 29.45 32.96
N LEU C 336 0.44 29.04 34.26
CA LEU C 336 1.63 28.76 35.04
C LEU C 336 2.25 27.41 34.62
N GLU C 337 3.55 27.40 34.23
CA GLU C 337 4.33 26.21 33.77
C GLU C 337 4.30 25.00 34.70
N ASP C 338 4.09 25.22 36.00
CA ASP C 338 4.05 24.15 36.99
C ASP C 338 2.63 23.59 37.22
N THR C 339 1.58 24.27 36.68
CA THR C 339 0.20 23.77 36.83
C THR C 339 0.00 22.48 36.02
N ARG C 340 -0.55 21.45 36.66
CA ARG C 340 -0.89 20.18 36.05
C ARG C 340 -2.39 19.92 36.15
N MET C 341 -3.11 20.79 36.91
CA MET C 341 -4.55 20.74 37.00
C MET C 341 -5.18 22.11 37.02
N GLY C 342 -5.81 22.45 35.91
CA GLY C 342 -6.56 23.69 35.78
C GLY C 342 -8.00 23.52 36.24
N PRO C 343 -8.89 24.46 35.88
CA PRO C 343 -10.31 24.32 36.28
C PRO C 343 -11.13 23.46 35.29
N LEU C 344 -12.38 23.11 35.72
CA LEU C 344 -13.31 22.38 34.88
C LEU C 344 -13.90 23.38 33.88
N ILE C 345 -14.36 22.90 32.71
CA ILE C 345 -14.81 23.74 31.60
C ILE C 345 -15.76 24.85 32.06
N ASN C 346 -16.77 24.52 32.87
CA ASN C 346 -17.67 25.51 33.41
C ASN C 346 -18.20 25.10 34.77
N ARG C 347 -19.01 26.01 35.33
CA ARG C 347 -19.71 25.97 36.60
C ARG C 347 -20.75 24.83 36.58
N PRO C 348 -21.71 24.74 35.60
CA PRO C 348 -22.61 23.57 35.57
C PRO C 348 -21.89 22.19 35.55
N HIS C 349 -20.75 22.10 34.83
CA HIS C 349 -19.90 20.91 34.70
C HIS C 349 -19.24 20.53 36.04
N LEU C 350 -18.70 21.53 36.77
CA LEU C 350 -18.09 21.35 38.09
C LEU C 350 -19.17 20.88 39.07
N GLU C 351 -20.39 21.46 39.01
CA GLU C 351 -21.50 21.05 39.88
C GLU C 351 -21.93 19.59 39.64
N ARG C 352 -21.92 19.15 38.36
CA ARG C 352 -22.27 17.79 37.97
C ARG C 352 -21.26 16.79 38.60
N VAL C 353 -19.94 17.06 38.44
CA VAL C 353 -18.85 16.23 38.98
C VAL C 353 -18.97 16.11 40.50
N LEU C 354 -19.19 17.25 41.20
CA LEU C 354 -19.38 17.26 42.65
C LEU C 354 -20.63 16.47 43.08
N GLY C 355 -21.66 16.46 42.22
CA GLY C 355 -22.90 15.72 42.43
C GLY C 355 -22.67 14.22 42.41
N PHE C 356 -21.77 13.74 41.50
CA PHE C 356 -21.36 12.35 41.36
C PHE C 356 -20.63 11.87 42.61
N VAL C 357 -19.78 12.73 43.21
CA VAL C 357 -19.03 12.43 44.44
C VAL C 357 -20.01 12.27 45.60
N LYS C 358 -21.00 13.19 45.72
CA LYS C 358 -22.06 13.15 46.75
C LYS C 358 -22.85 11.83 46.67
N VAL C 359 -23.25 11.42 45.45
CA VAL C 359 -23.99 10.17 45.18
C VAL C 359 -23.11 8.94 45.44
N ALA C 360 -21.80 9.02 45.13
CA ALA C 360 -20.84 7.92 45.34
C ALA C 360 -20.74 7.53 46.82
N LYS C 361 -20.54 8.50 47.73
CA LYS C 361 -20.43 8.23 49.16
C LYS C 361 -21.79 7.80 49.78
N GLU C 362 -22.92 8.18 49.13
CA GLU C 362 -24.27 7.78 49.54
C GLU C 362 -24.44 6.30 49.21
N GLN C 363 -23.90 5.88 48.04
CA GLN C 363 -23.94 4.51 47.52
C GLN C 363 -22.97 3.56 48.24
N GLY C 364 -22.07 4.09 49.06
CA GLY C 364 -21.13 3.31 49.86
C GLY C 364 -19.64 3.48 49.59
N ALA C 365 -19.26 4.44 48.73
CA ALA C 365 -17.84 4.68 48.42
C ALA C 365 -17.12 5.40 49.55
N LYS C 366 -15.81 5.16 49.68
CA LYS C 366 -14.98 5.82 50.69
C LYS C 366 -14.06 6.81 49.98
N VAL C 367 -14.33 8.12 50.15
CA VAL C 367 -13.54 9.20 49.54
C VAL C 367 -12.22 9.30 50.29
N LEU C 368 -11.10 9.10 49.59
CA LEU C 368 -9.76 9.16 50.19
C LEU C 368 -9.19 10.56 50.19
N CYS C 369 -9.36 11.28 49.06
CA CYS C 369 -8.92 12.65 48.86
C CYS C 369 -9.80 13.31 47.80
N GLY C 370 -9.83 14.65 47.80
CA GLY C 370 -10.55 15.48 46.85
C GLY C 370 -12.05 15.33 46.77
N GLY C 371 -12.58 15.57 45.57
CA GLY C 371 -14.02 15.50 45.29
C GLY C 371 -14.79 16.66 45.88
N ASP C 372 -14.07 17.76 46.14
CA ASP C 372 -14.58 18.99 46.74
C ASP C 372 -13.94 20.20 46.09
N ILE C 373 -14.60 21.38 46.23
CA ILE C 373 -14.14 22.67 45.72
C ILE C 373 -12.71 22.96 46.21
N TYR C 374 -11.82 23.32 45.29
CA TYR C 374 -10.45 23.73 45.66
C TYR C 374 -10.45 25.27 45.61
N VAL C 375 -9.94 25.92 46.67
CA VAL C 375 -9.88 27.38 46.69
C VAL C 375 -8.43 27.86 46.52
N PRO C 376 -8.09 28.49 45.38
CA PRO C 376 -6.71 29.00 45.22
C PRO C 376 -6.43 30.23 46.07
N GLU C 377 -5.15 30.46 46.33
CA GLU C 377 -4.65 31.58 47.11
C GLU C 377 -4.78 32.89 46.34
N ASP C 378 -4.59 32.86 45.01
CA ASP C 378 -4.69 34.04 44.15
C ASP C 378 -6.17 34.54 44.06
N PRO C 379 -6.45 35.80 44.48
CA PRO C 379 -7.83 36.30 44.43
C PRO C 379 -8.40 36.48 43.02
N LYS C 380 -7.56 36.49 41.97
CA LYS C 380 -8.07 36.56 40.58
C LYS C 380 -8.65 35.16 40.14
N LEU C 381 -8.27 34.07 40.85
CA LEU C 381 -8.79 32.75 40.51
C LEU C 381 -9.96 32.32 41.36
N LYS C 382 -10.42 33.20 42.27
CA LYS C 382 -11.44 32.90 43.26
C LYS C 382 -12.82 32.56 42.71
N ASP C 383 -13.19 33.02 41.53
CA ASP C 383 -14.48 32.60 40.96
C ASP C 383 -14.31 31.55 39.86
N GLY C 384 -13.08 31.05 39.72
CA GLY C 384 -12.69 29.99 38.82
C GLY C 384 -13.26 28.65 39.27
N TYR C 385 -13.44 27.73 38.29
CA TYR C 385 -14.12 26.43 38.43
C TYR C 385 -13.20 25.27 38.84
N TYR C 386 -12.67 25.35 40.05
CA TYR C 386 -11.72 24.38 40.55
C TYR C 386 -12.25 23.34 41.54
N MET C 387 -11.58 22.18 41.56
CA MET C 387 -11.84 21.07 42.48
C MET C 387 -10.60 20.21 42.70
N ARG C 388 -10.54 19.54 43.85
CA ARG C 388 -9.42 18.67 44.15
C ARG C 388 -9.63 17.31 43.48
N PRO C 389 -8.57 16.73 42.84
CA PRO C 389 -8.72 15.40 42.21
C PRO C 389 -9.16 14.35 43.25
N CYS C 390 -10.18 13.54 42.89
CA CYS C 390 -10.85 12.58 43.76
C CYS C 390 -10.44 11.14 43.52
N VAL C 391 -10.13 10.43 44.61
CA VAL C 391 -9.77 9.01 44.63
C VAL C 391 -10.79 8.30 45.54
N LEU C 392 -11.57 7.38 44.95
CA LEU C 392 -12.62 6.59 45.63
C LEU C 392 -12.22 5.13 45.78
N THR C 393 -12.36 4.59 47.00
CA THR C 393 -12.11 3.18 47.29
C THR C 393 -13.42 2.53 47.72
N ASN C 394 -13.42 1.20 47.96
CA ASN C 394 -14.59 0.38 48.34
C ASN C 394 -15.72 0.52 47.31
N CYS C 395 -15.34 0.53 46.02
CA CYS C 395 -16.25 0.65 44.88
C CYS C 395 -16.82 -0.71 44.44
N ARG C 396 -18.04 -0.68 43.87
CA ARG C 396 -18.75 -1.86 43.37
C ARG C 396 -19.21 -1.61 41.94
N ASP C 397 -19.43 -2.69 41.16
CA ASP C 397 -19.88 -2.63 39.77
C ASP C 397 -21.30 -2.06 39.59
N ASP C 398 -22.15 -2.14 40.64
CA ASP C 398 -23.53 -1.62 40.60
C ASP C 398 -23.63 -0.11 40.93
N MET C 399 -22.52 0.50 41.43
CA MET C 399 -22.43 1.93 41.74
C MET C 399 -22.41 2.78 40.46
N THR C 400 -23.22 3.87 40.43
CA THR C 400 -23.35 4.76 39.25
C THR C 400 -22.03 5.44 38.84
N CYS C 401 -21.08 5.62 39.79
CA CYS C 401 -19.78 6.22 39.53
C CYS C 401 -18.86 5.28 38.73
N VAL C 402 -19.13 3.97 38.81
CA VAL C 402 -18.39 2.92 38.12
C VAL C 402 -19.06 2.66 36.75
N LYS C 403 -20.39 2.83 36.68
CA LYS C 403 -21.19 2.64 35.47
C LYS C 403 -21.13 3.83 34.49
N GLU C 404 -21.27 5.07 35.00
CA GLU C 404 -21.32 6.29 34.16
C GLU C 404 -19.97 7.00 33.99
N GLU C 405 -19.80 7.68 32.84
CA GLU C 405 -18.60 8.48 32.54
C GLU C 405 -18.89 9.84 33.16
N ILE C 406 -18.11 10.22 34.19
CA ILE C 406 -18.26 11.44 34.98
C ILE C 406 -17.77 12.72 34.24
N PHE C 407 -16.59 12.68 33.56
CA PHE C 407 -15.94 13.79 32.87
C PHE C 407 -15.36 14.83 33.84
N GLY C 408 -14.75 14.32 34.93
CA GLY C 408 -14.11 15.09 35.98
C GLY C 408 -12.96 14.32 36.58
N PRO C 409 -12.14 14.92 37.48
CA PRO C 409 -11.01 14.17 38.05
C PRO C 409 -11.46 13.23 39.17
N VAL C 410 -12.07 12.10 38.81
CA VAL C 410 -12.60 11.10 39.73
C VAL C 410 -12.04 9.70 39.39
N MET C 411 -11.36 9.07 40.36
CA MET C 411 -10.83 7.72 40.18
C MET C 411 -11.58 6.72 41.05
N SER C 412 -12.14 5.67 40.43
CA SER C 412 -12.85 4.59 41.12
C SER C 412 -11.95 3.38 41.21
N ILE C 413 -11.59 2.99 42.45
CA ILE C 413 -10.75 1.82 42.71
C ILE C 413 -11.62 0.63 43.13
N LEU C 414 -11.61 -0.44 42.31
CA LEU C 414 -12.38 -1.67 42.53
C LEU C 414 -11.40 -2.80 42.74
N SER C 415 -11.54 -3.53 43.86
CA SER C 415 -10.69 -4.67 44.18
C SER C 415 -11.13 -5.88 43.38
N PHE C 416 -10.15 -6.71 42.95
CA PHE C 416 -10.41 -7.96 42.21
C PHE C 416 -9.51 -9.10 42.71
N ASP C 417 -9.95 -10.35 42.53
CA ASP C 417 -9.19 -11.51 42.98
C ASP C 417 -8.37 -12.19 41.89
N THR C 418 -9.00 -12.59 40.76
CA THR C 418 -8.30 -13.32 39.71
C THR C 418 -8.51 -12.77 38.30
N GLU C 419 -7.62 -13.18 37.37
CA GLU C 419 -7.60 -12.84 35.94
C GLU C 419 -8.96 -13.11 35.29
N ALA C 420 -9.60 -14.24 35.63
CA ALA C 420 -10.90 -14.66 35.12
C ALA C 420 -12.01 -13.71 35.57
N GLU C 421 -11.96 -13.25 36.85
CA GLU C 421 -12.93 -12.34 37.45
C GLU C 421 -12.91 -10.99 36.75
N VAL C 422 -11.71 -10.33 36.65
CA VAL C 422 -11.56 -9.02 35.99
C VAL C 422 -12.15 -9.03 34.62
N LEU C 423 -11.70 -9.98 33.77
CA LEU C 423 -12.14 -10.11 32.39
C LEU C 423 -13.65 -10.23 32.25
N GLU C 424 -14.34 -10.80 33.26
CA GLU C 424 -15.80 -10.90 33.28
C GLU C 424 -16.44 -9.53 33.58
N ARG C 425 -15.96 -8.86 34.65
CA ARG C 425 -16.44 -7.55 35.08
C ARG C 425 -16.08 -6.43 34.08
N ALA C 426 -14.92 -6.57 33.42
CA ALA C 426 -14.33 -5.62 32.48
C ALA C 426 -14.77 -5.80 31.03
N ASN C 427 -15.35 -6.94 30.66
CA ASN C 427 -15.76 -7.10 29.27
C ASN C 427 -17.25 -6.84 29.07
N ASP C 428 -17.58 -5.56 29.16
CA ASP C 428 -18.88 -4.94 28.93
C ASP C 428 -18.55 -3.56 28.31
N THR C 429 -17.26 -3.42 27.92
CA THR C 429 -16.66 -2.22 27.33
C THR C 429 -16.83 -2.22 25.81
N THR C 430 -17.20 -1.04 25.28
CA THR C 430 -17.42 -0.78 23.85
C THR C 430 -16.06 -0.80 23.12
N PHE C 431 -16.08 -1.12 21.81
CA PHE C 431 -14.88 -1.07 20.96
C PHE C 431 -14.29 0.34 20.94
N GLY C 432 -15.15 1.36 20.92
CA GLY C 432 -14.76 2.77 20.88
C GLY C 432 -14.00 3.26 22.10
N LEU C 433 -13.88 2.40 23.12
CA LEU C 433 -13.17 2.72 24.35
C LEU C 433 -11.76 2.11 24.40
N ALA C 434 -10.99 2.52 25.42
CA ALA C 434 -9.62 2.10 25.66
C ALA C 434 -9.49 1.25 26.91
N ALA C 435 -8.37 0.55 27.03
CA ALA C 435 -8.08 -0.27 28.20
C ALA C 435 -6.59 -0.28 28.38
N GLY C 436 -6.19 -0.51 29.61
CA GLY C 436 -4.79 -0.58 30.03
C GLY C 436 -4.64 -1.70 31.01
N VAL C 437 -3.53 -2.43 30.89
CA VAL C 437 -3.20 -3.53 31.79
C VAL C 437 -1.80 -3.31 32.34
N PHE C 438 -1.59 -3.63 33.62
CA PHE C 438 -0.31 -3.52 34.27
C PHE C 438 0.03 -4.85 34.91
N THR C 439 1.10 -5.48 34.37
CA THR C 439 1.66 -6.78 34.78
C THR C 439 3.07 -6.95 34.21
N ARG C 440 3.95 -7.63 34.95
CA ARG C 440 5.31 -7.89 34.45
C ARG C 440 5.35 -9.09 33.49
N ASP C 441 4.37 -10.02 33.62
CA ASP C 441 4.24 -11.19 32.75
C ASP C 441 3.48 -10.79 31.48
N ILE C 442 4.16 -10.88 30.33
CA ILE C 442 3.59 -10.47 29.04
C ILE C 442 2.55 -11.45 28.49
N GLN C 443 2.65 -12.74 28.86
CA GLN C 443 1.70 -13.77 28.42
C GLN C 443 0.30 -13.41 28.94
N ARG C 444 0.24 -12.98 30.22
CA ARG C 444 -0.97 -12.52 30.92
C ARG C 444 -1.50 -11.25 30.22
N ALA C 445 -0.59 -10.30 29.97
CA ALA C 445 -0.86 -9.01 29.34
C ALA C 445 -1.51 -9.19 27.97
N HIS C 446 -0.89 -10.00 27.10
CA HIS C 446 -1.40 -10.26 25.75
C HIS C 446 -2.71 -11.05 25.75
N ARG C 447 -2.88 -11.97 26.72
CA ARG C 447 -4.08 -12.79 26.95
C ARG C 447 -5.28 -11.86 27.30
N VAL C 448 -5.06 -10.93 28.26
CA VAL C 448 -6.03 -9.94 28.73
C VAL C 448 -6.38 -8.97 27.60
N VAL C 449 -5.37 -8.53 26.83
CA VAL C 449 -5.56 -7.61 25.70
C VAL C 449 -6.36 -8.30 24.56
N ALA C 450 -6.15 -9.60 24.37
CA ALA C 450 -6.86 -10.40 23.36
C ALA C 450 -8.33 -10.57 23.76
N GLU C 451 -8.61 -10.72 25.06
CA GLU C 451 -9.95 -10.93 25.61
C GLU C 451 -10.81 -9.66 25.65
N LEU C 452 -10.22 -8.50 25.98
CA LEU C 452 -10.96 -7.24 26.08
C LEU C 452 -11.41 -6.71 24.73
N GLN C 453 -12.65 -6.18 24.69
CA GLN C 453 -13.29 -5.67 23.48
C GLN C 453 -12.85 -4.25 23.08
N ALA C 454 -12.01 -3.61 23.90
CA ALA C 454 -11.48 -2.26 23.69
C ALA C 454 -10.64 -2.18 22.40
N GLY C 455 -10.92 -1.15 21.60
CA GLY C 455 -10.26 -0.88 20.33
C GLY C 455 -8.81 -0.48 20.47
N THR C 456 -8.50 0.21 21.59
CA THR C 456 -7.15 0.66 21.90
C THR C 456 -6.73 0.13 23.22
N CYS C 457 -5.67 -0.66 23.22
CA CYS C 457 -5.17 -1.27 24.45
C CYS C 457 -3.76 -0.84 24.77
N PHE C 458 -3.46 -0.76 26.07
CA PHE C 458 -2.14 -0.39 26.55
C PHE C 458 -1.64 -1.44 27.51
N ILE C 459 -0.35 -1.80 27.37
CA ILE C 459 0.37 -2.73 28.23
C ILE C 459 1.44 -1.95 28.96
N ASN C 460 1.38 -1.99 30.31
CA ASN C 460 2.28 -1.35 31.27
C ASN C 460 2.41 0.17 31.06
N ASN C 461 1.33 0.80 30.57
CA ASN C 461 1.17 2.24 30.33
C ASN C 461 -0.33 2.56 30.10
N TYR C 462 -0.67 3.84 30.02
CA TYR C 462 -1.99 4.35 29.70
C TYR C 462 -1.87 5.77 29.23
N ASN C 463 -2.17 5.97 27.94
CA ASN C 463 -2.13 7.29 27.35
C ASN C 463 -3.55 7.85 27.19
N VAL C 464 -3.73 9.11 27.61
CA VAL C 464 -5.02 9.77 27.43
C VAL C 464 -4.86 10.67 26.19
N SER C 465 -5.47 10.25 25.08
CA SER C 465 -5.39 10.95 23.81
C SER C 465 -6.69 10.82 23.01
N PRO C 466 -7.07 11.81 22.17
CA PRO C 466 -8.28 11.67 21.33
C PRO C 466 -8.31 10.37 20.51
N VAL C 467 -9.53 9.79 20.39
CA VAL C 467 -9.85 8.54 19.68
C VAL C 467 -9.15 8.44 18.31
N GLU C 468 -9.26 9.52 17.50
CA GLU C 468 -8.75 9.67 16.13
C GLU C 468 -7.25 9.44 15.98
N LEU C 469 -6.51 9.63 17.07
CA LEU C 469 -5.05 9.47 17.10
C LEU C 469 -4.62 8.00 17.01
N PRO C 470 -3.79 7.61 16.01
CA PRO C 470 -3.32 6.21 15.95
C PRO C 470 -2.24 5.93 16.99
N PHE C 471 -2.08 4.64 17.35
CA PHE C 471 -1.06 4.11 18.30
C PHE C 471 -1.15 4.77 19.70
N GLY C 472 -2.38 4.92 20.18
CA GLY C 472 -2.72 5.49 21.49
C GLY C 472 -2.19 6.87 21.80
N GLY C 473 -1.94 7.68 20.77
CA GLY C 473 -1.44 9.05 20.88
C GLY C 473 -0.11 9.23 21.57
N TYR C 474 0.87 8.36 21.24
CA TYR C 474 2.23 8.43 21.77
C TYR C 474 3.00 9.57 21.09
N LYS C 475 3.99 10.15 21.82
CA LYS C 475 4.81 11.29 21.41
C LYS C 475 5.63 11.07 20.12
N LYS C 476 6.71 10.25 20.16
CA LYS C 476 7.56 9.98 19.01
C LYS C 476 7.08 8.71 18.27
N SER C 477 5.78 8.69 17.96
CA SER C 477 5.10 7.57 17.32
C SER C 477 4.98 7.68 15.80
N GLY C 478 4.42 8.81 15.35
CA GLY C 478 4.09 8.99 13.95
C GLY C 478 2.66 8.48 13.74
N PHE C 479 2.13 8.68 12.54
CA PHE C 479 0.74 8.30 12.26
C PHE C 479 0.65 6.97 11.53
N GLY C 480 1.79 6.49 11.04
CA GLY C 480 1.84 5.30 10.22
C GLY C 480 1.30 5.64 8.85
N ARG C 481 0.78 4.65 8.11
CA ARG C 481 0.26 4.88 6.76
C ARG C 481 -1.26 4.74 6.63
N GLU C 482 -1.82 3.72 7.28
CA GLU C 482 -3.24 3.36 7.26
C GLU C 482 -4.20 4.44 7.73
N ASN C 483 -3.87 5.11 8.85
CA ASN C 483 -4.73 6.12 9.45
C ASN C 483 -5.08 7.22 8.45
N GLY C 484 -4.07 7.71 7.74
CA GLY C 484 -4.22 8.74 6.74
C GLY C 484 -4.97 8.27 5.51
N ARG C 485 -4.69 7.04 5.07
CA ARG C 485 -5.36 6.44 3.93
C ARG C 485 -6.89 6.37 4.20
N VAL C 486 -7.26 5.89 5.38
CA VAL C 486 -8.63 5.74 5.85
C VAL C 486 -9.32 7.09 6.03
N THR C 487 -8.59 8.10 6.57
CA THR C 487 -9.25 9.39 6.79
C THR C 487 -9.31 10.15 5.45
N ILE C 488 -8.34 9.95 4.54
CA ILE C 488 -8.35 10.55 3.19
C ILE C 488 -9.60 10.08 2.46
N GLU C 489 -9.90 8.76 2.51
CA GLU C 489 -11.04 8.18 1.83
C GLU C 489 -12.42 8.57 2.45
N TYR C 490 -12.45 9.06 3.71
CA TYR C 490 -13.67 9.55 4.37
C TYR C 490 -14.07 10.90 3.72
N TYR C 491 -13.06 11.70 3.31
CA TYR C 491 -13.20 13.03 2.71
C TYR C 491 -13.12 13.03 1.17
N SER C 492 -13.21 11.87 0.54
CA SER C 492 -13.10 11.80 -0.91
C SER C 492 -13.96 10.69 -1.52
N GLN C 493 -13.94 10.62 -2.84
CA GLN C 493 -14.66 9.60 -3.61
C GLN C 493 -13.80 9.14 -4.78
N LEU C 494 -13.89 7.85 -5.10
CA LEU C 494 -13.16 7.27 -6.19
C LEU C 494 -13.88 7.41 -7.54
N LYS C 495 -13.24 8.14 -8.46
CA LYS C 495 -13.67 8.33 -9.83
C LYS C 495 -12.85 7.32 -10.70
N THR C 496 -13.57 6.55 -11.53
CA THR C 496 -13.09 5.49 -12.40
C THR C 496 -13.33 5.89 -13.85
N VAL C 497 -12.30 5.67 -14.71
CA VAL C 497 -12.36 5.95 -16.14
C VAL C 497 -11.84 4.74 -16.92
N CYS C 498 -12.61 4.28 -17.91
CA CYS C 498 -12.23 3.17 -18.78
C CYS C 498 -12.10 3.66 -20.18
N VAL C 499 -10.95 3.35 -20.79
CA VAL C 499 -10.65 3.72 -22.16
C VAL C 499 -10.60 2.45 -22.99
N GLU C 500 -11.50 2.34 -23.99
CA GLU C 500 -11.52 1.24 -24.93
C GLU C 500 -10.58 1.61 -26.07
N MET C 501 -9.54 0.79 -26.28
CA MET C 501 -8.58 1.03 -27.37
C MET C 501 -9.01 0.36 -28.66
N GLY C 502 -9.45 -0.90 -28.56
CA GLY C 502 -9.91 -1.69 -29.70
C GLY C 502 -11.37 -1.45 -30.06
N ASP C 503 -12.05 -2.51 -30.53
CA ASP C 503 -13.47 -2.43 -30.93
C ASP C 503 -14.40 -2.96 -29.84
N VAL C 504 -15.67 -2.53 -29.87
CA VAL C 504 -16.70 -2.94 -28.91
C VAL C 504 -17.15 -4.38 -29.24
N GLU C 505 -17.09 -5.28 -28.24
CA GLU C 505 -17.53 -6.67 -28.41
C GLU C 505 -19.01 -6.78 -28.04
N SER C 506 -19.87 -6.84 -29.07
CA SER C 506 -21.32 -6.93 -28.94
C SER C 506 -21.78 -8.36 -28.62
N ALA C 507 -22.65 -8.47 -27.61
CA ALA C 507 -23.25 -9.74 -27.19
C ALA C 507 -24.33 -10.16 -28.17
N PHE C 508 -24.94 -9.17 -28.85
CA PHE C 508 -26.02 -9.32 -29.82
C PHE C 508 -25.54 -9.65 -31.26
N PRO D 14 -29.21 -30.81 -17.44
CA PRO D 14 -30.46 -31.57 -17.69
C PRO D 14 -31.73 -30.78 -17.32
N MET D 15 -31.56 -29.68 -16.58
CA MET D 15 -32.65 -28.81 -16.14
C MET D 15 -33.08 -27.86 -17.28
N SER D 16 -34.37 -27.84 -17.59
CA SER D 16 -34.96 -27.05 -18.68
C SER D 16 -36.13 -26.14 -18.20
N THR D 17 -36.52 -25.19 -19.07
CA THR D 17 -37.60 -24.23 -18.86
C THR D 17 -38.96 -24.88 -18.81
N GLY D 18 -39.79 -24.41 -17.88
CA GLY D 18 -41.17 -24.83 -17.69
C GLY D 18 -41.37 -26.09 -16.88
N THR D 19 -40.34 -26.51 -16.13
CA THR D 19 -40.41 -27.77 -15.37
C THR D 19 -40.08 -27.63 -13.88
N PHE D 20 -39.13 -26.74 -13.52
CA PHE D 20 -38.67 -26.60 -12.14
C PHE D 20 -39.74 -26.13 -11.13
N VAL D 21 -39.72 -26.79 -9.96
CA VAL D 21 -40.56 -26.48 -8.80
C VAL D 21 -39.64 -26.67 -7.59
N VAL D 22 -39.60 -25.67 -6.68
CA VAL D 22 -38.86 -25.76 -5.43
C VAL D 22 -39.51 -26.90 -4.60
N SER D 23 -38.71 -27.87 -4.13
CA SER D 23 -39.21 -29.02 -3.38
C SER D 23 -38.61 -29.11 -1.97
N GLN D 24 -37.83 -28.10 -1.57
CA GLN D 24 -37.15 -28.04 -0.26
C GLN D 24 -37.43 -26.69 0.41
N PRO D 25 -37.21 -26.53 1.75
CA PRO D 25 -37.39 -25.20 2.36
C PRO D 25 -36.34 -24.20 1.85
N LEU D 26 -36.72 -22.90 1.85
CA LEU D 26 -35.92 -21.79 1.31
C LEU D 26 -35.14 -20.99 2.37
N ASN D 27 -35.15 -21.42 3.64
CA ASN D 27 -34.33 -20.78 4.66
C ASN D 27 -33.10 -21.68 4.87
N TYR D 28 -32.03 -21.12 5.40
CA TYR D 28 -30.82 -21.91 5.62
C TYR D 28 -30.16 -21.51 6.92
N ARG D 29 -30.02 -22.45 7.87
CA ARG D 29 -29.40 -22.20 9.20
C ARG D 29 -28.77 -23.48 9.66
N GLY D 30 -27.63 -23.38 10.34
CA GLY D 30 -26.92 -24.54 10.87
C GLY D 30 -26.51 -25.59 9.85
N GLY D 31 -26.15 -25.15 8.65
CA GLY D 31 -25.74 -26.04 7.56
C GLY D 31 -26.84 -26.85 6.93
N ALA D 32 -28.11 -26.47 7.14
CA ALA D 32 -29.28 -27.15 6.59
C ALA D 32 -30.40 -26.20 6.21
N ARG D 33 -31.14 -26.58 5.16
CA ARG D 33 -32.33 -25.89 4.67
C ARG D 33 -33.43 -26.06 5.70
N VAL D 34 -34.11 -24.99 6.05
CA VAL D 34 -35.15 -25.04 7.09
C VAL D 34 -36.34 -24.21 6.71
N GLU D 35 -37.49 -24.55 7.32
CA GLU D 35 -38.68 -23.75 7.20
C GLU D 35 -38.57 -22.65 8.23
N PRO D 36 -38.97 -21.39 7.93
CA PRO D 36 -38.94 -20.34 8.97
C PRO D 36 -39.79 -20.70 10.19
N ALA D 37 -39.25 -20.39 11.40
CA ALA D 37 -39.90 -20.68 12.68
C ALA D 37 -41.13 -19.78 12.92
N ASP D 38 -41.12 -18.61 12.24
CA ASP D 38 -42.03 -17.48 12.34
C ASP D 38 -42.32 -16.95 10.92
N ALA D 39 -43.53 -16.37 10.70
CA ALA D 39 -43.97 -15.78 9.42
C ALA D 39 -44.15 -14.24 9.47
N SER D 40 -43.79 -13.53 8.37
CA SER D 40 -44.01 -12.08 8.23
C SER D 40 -44.67 -11.86 6.87
N GLY D 41 -45.10 -12.96 6.26
CA GLY D 41 -45.75 -12.96 4.97
C GLY D 41 -45.59 -14.28 4.23
N THR D 42 -46.17 -14.31 3.02
CA THR D 42 -46.09 -15.42 2.07
C THR D 42 -45.90 -14.86 0.66
N GLU D 43 -44.76 -15.15 0.04
CA GLU D 43 -44.51 -14.70 -1.31
C GLU D 43 -44.47 -15.83 -2.31
N LYS D 44 -44.71 -15.48 -3.58
CA LYS D 44 -44.64 -16.37 -4.73
C LYS D 44 -43.43 -15.98 -5.56
N ALA D 45 -42.54 -16.96 -5.87
CA ALA D 45 -41.41 -16.75 -6.77
C ALA D 45 -41.82 -17.37 -8.12
N PHE D 46 -41.46 -16.69 -9.22
CA PHE D 46 -41.80 -17.14 -10.58
C PHE D 46 -40.63 -17.47 -11.47
N GLU D 47 -40.97 -18.18 -12.52
CA GLU D 47 -40.13 -18.48 -13.66
C GLU D 47 -40.64 -17.45 -14.69
N PRO D 48 -39.96 -16.28 -14.84
CA PRO D 48 -40.50 -15.24 -15.75
C PRO D 48 -40.67 -15.66 -17.20
N ALA D 49 -39.91 -16.66 -17.69
CA ALA D 49 -39.98 -17.21 -19.04
C ALA D 49 -41.32 -17.88 -19.37
N THR D 50 -42.00 -18.45 -18.33
CA THR D 50 -43.26 -19.18 -18.44
C THR D 50 -44.46 -18.59 -17.63
N GLY D 51 -44.16 -17.77 -16.62
CA GLY D 51 -45.14 -17.19 -15.70
C GLY D 51 -45.64 -18.20 -14.67
N ARG D 52 -44.94 -19.35 -14.57
CA ARG D 52 -45.23 -20.42 -13.61
C ARG D 52 -44.73 -20.02 -12.21
N VAL D 53 -45.38 -20.54 -11.17
CA VAL D 53 -44.99 -20.33 -9.77
C VAL D 53 -43.99 -21.44 -9.47
N ILE D 54 -42.79 -21.07 -9.12
CA ILE D 54 -41.77 -22.08 -8.82
C ILE D 54 -41.74 -22.38 -7.31
N ALA D 55 -42.26 -21.42 -6.51
CA ALA D 55 -42.31 -21.54 -5.05
C ALA D 55 -43.35 -20.61 -4.39
N THR D 56 -43.99 -21.12 -3.33
CA THR D 56 -44.85 -20.36 -2.44
C THR D 56 -44.12 -20.53 -1.12
N PHE D 57 -43.49 -19.45 -0.66
CA PHE D 57 -42.66 -19.49 0.52
C PHE D 57 -43.09 -18.49 1.56
N THR D 58 -42.71 -18.79 2.79
CA THR D 58 -42.96 -18.03 4.00
C THR D 58 -41.85 -16.98 4.22
N CYS D 59 -42.23 -15.73 4.50
CA CYS D 59 -41.33 -14.62 4.85
C CYS D 59 -41.01 -14.72 6.33
N SER D 60 -39.76 -14.65 6.68
CA SER D 60 -39.29 -14.84 8.05
C SER D 60 -39.77 -13.78 9.00
N GLY D 61 -40.20 -14.21 10.17
CA GLY D 61 -40.63 -13.31 11.25
C GLY D 61 -39.46 -12.98 12.16
N GLU D 62 -39.76 -12.37 13.29
CA GLU D 62 -38.80 -11.95 14.30
C GLU D 62 -38.02 -13.11 14.95
N LYS D 63 -38.74 -14.18 15.33
CA LYS D 63 -38.20 -15.36 16.01
C LYS D 63 -37.25 -16.12 15.09
N GLU D 64 -37.58 -16.15 13.79
CA GLU D 64 -36.78 -16.79 12.77
C GLU D 64 -35.49 -16.02 12.53
N VAL D 65 -35.60 -14.67 12.41
CA VAL D 65 -34.47 -13.76 12.26
C VAL D 65 -33.55 -13.93 13.51
N ASN D 66 -34.13 -13.98 14.72
CA ASN D 66 -33.37 -14.17 15.97
C ASN D 66 -32.56 -15.48 15.94
N LEU D 67 -33.20 -16.60 15.51
CA LEU D 67 -32.56 -17.92 15.41
C LEU D 67 -31.37 -17.90 14.43
N ALA D 68 -31.54 -17.26 13.26
CA ALA D 68 -30.51 -17.16 12.23
C ALA D 68 -29.31 -16.31 12.69
N VAL D 69 -29.58 -15.23 13.44
CA VAL D 69 -28.54 -14.35 14.03
C VAL D 69 -27.78 -15.06 15.20
N GLN D 70 -28.51 -15.77 16.07
CA GLN D 70 -27.91 -16.49 17.21
C GLN D 70 -27.00 -17.60 16.74
N ASN D 71 -27.41 -18.26 15.64
CA ASN D 71 -26.70 -19.30 14.94
C ASN D 71 -25.45 -18.74 14.27
N ALA D 72 -25.57 -17.55 13.64
CA ALA D 72 -24.45 -16.89 12.97
C ALA D 72 -23.44 -16.44 14.03
N LYS D 73 -23.93 -15.95 15.19
CA LYS D 73 -23.09 -15.53 16.33
C LYS D 73 -22.15 -16.65 16.77
N ALA D 74 -22.68 -17.91 16.88
CA ALA D 74 -21.93 -19.07 17.32
C ALA D 74 -20.87 -19.49 16.29
N ALA D 75 -21.21 -19.39 15.00
CA ALA D 75 -20.31 -19.72 13.90
C ALA D 75 -19.20 -18.68 13.80
N PHE D 76 -19.55 -17.39 14.05
CA PHE D 76 -18.61 -16.27 14.08
C PHE D 76 -17.50 -16.55 15.09
N LYS D 77 -17.88 -16.97 16.32
CA LYS D 77 -16.97 -17.28 17.41
C LYS D 77 -15.93 -18.34 17.04
N ILE D 78 -16.33 -19.34 16.21
CA ILE D 78 -15.43 -20.40 15.73
C ILE D 78 -14.53 -19.86 14.60
N TRP D 79 -15.18 -19.35 13.52
CA TRP D 79 -14.53 -18.83 12.32
C TRP D 79 -13.54 -17.70 12.57
N SER D 80 -13.88 -16.75 13.46
CA SER D 80 -13.01 -15.60 13.74
C SER D 80 -11.67 -16.01 14.39
N GLN D 81 -11.68 -17.21 15.01
CA GLN D 81 -10.55 -17.81 15.70
C GLN D 81 -9.68 -18.61 14.72
N LYS D 82 -10.15 -18.80 13.46
CA LYS D 82 -9.37 -19.49 12.44
C LYS D 82 -8.37 -18.50 11.86
N SER D 83 -7.23 -19.00 11.37
CA SER D 83 -6.20 -18.16 10.78
C SER D 83 -6.63 -17.71 9.36
N GLY D 84 -5.98 -16.64 8.86
CA GLY D 84 -6.23 -16.12 7.52
C GLY D 84 -6.09 -17.19 6.45
N MET D 85 -5.00 -17.96 6.50
CA MET D 85 -4.66 -19.06 5.59
C MET D 85 -5.74 -20.14 5.58
N GLU D 86 -6.32 -20.44 6.76
CA GLU D 86 -7.39 -21.43 6.88
C GLU D 86 -8.68 -20.89 6.24
N ARG D 87 -9.00 -19.60 6.44
CA ARG D 87 -10.19 -19.02 5.83
C ARG D 87 -10.06 -18.97 4.30
N CYS D 88 -8.84 -18.70 3.80
CA CYS D 88 -8.44 -18.68 2.37
C CYS D 88 -8.70 -20.07 1.70
N ARG D 89 -8.20 -21.16 2.36
CA ARG D 89 -8.38 -22.53 1.86
CA ARG D 89 -8.37 -22.56 1.93
C ARG D 89 -9.83 -22.86 1.58
N ILE D 90 -10.75 -22.59 2.54
CA ILE D 90 -12.17 -22.84 2.42
C ILE D 90 -12.84 -21.92 1.37
N LEU D 91 -12.44 -20.64 1.29
CA LEU D 91 -13.00 -19.73 0.26
C LEU D 91 -12.54 -20.10 -1.16
N LEU D 92 -11.31 -20.65 -1.33
CA LEU D 92 -10.79 -21.11 -2.63
C LEU D 92 -11.48 -22.40 -3.08
N GLU D 93 -11.80 -23.29 -2.13
CA GLU D 93 -12.54 -24.51 -2.34
C GLU D 93 -13.99 -24.18 -2.78
N ALA D 94 -14.58 -23.12 -2.17
CA ALA D 94 -15.93 -22.69 -2.52
C ALA D 94 -15.91 -22.11 -3.96
N ALA D 95 -14.84 -21.34 -4.30
CA ALA D 95 -14.65 -20.81 -5.66
C ALA D 95 -14.51 -21.96 -6.69
N ARG D 96 -13.82 -23.06 -6.31
CA ARG D 96 -13.68 -24.26 -7.14
C ARG D 96 -15.02 -24.98 -7.34
N ILE D 97 -15.81 -25.11 -6.26
CA ILE D 97 -17.14 -25.71 -6.30
C ILE D 97 -18.11 -24.88 -7.19
N ILE D 98 -18.12 -23.54 -7.08
CA ILE D 98 -18.93 -22.64 -7.94
C ILE D 98 -18.58 -22.85 -9.43
N ARG D 99 -17.26 -22.90 -9.75
CA ARG D 99 -16.69 -23.10 -11.08
C ARG D 99 -17.06 -24.47 -11.68
N GLU D 100 -17.06 -25.51 -10.84
CA GLU D 100 -17.43 -26.87 -11.26
C GLU D 100 -18.93 -27.00 -11.50
N ARG D 101 -19.74 -26.28 -10.72
CA ARG D 101 -21.20 -26.31 -10.78
C ARG D 101 -21.83 -25.09 -11.50
N GLU D 102 -20.98 -24.32 -12.23
CA GLU D 102 -21.30 -23.08 -12.95
C GLU D 102 -22.59 -23.12 -13.74
N ASP D 103 -22.75 -24.15 -14.59
CA ASP D 103 -23.89 -24.34 -15.47
C ASP D 103 -25.16 -24.62 -14.73
N GLU D 104 -25.07 -25.45 -13.65
CA GLU D 104 -26.19 -25.78 -12.77
C GLU D 104 -26.66 -24.52 -12.03
N ILE D 105 -25.68 -23.70 -11.56
CA ILE D 105 -25.96 -22.44 -10.87
C ILE D 105 -26.58 -21.44 -11.88
N ALA D 106 -25.95 -21.27 -13.04
CA ALA D 106 -26.42 -20.37 -14.10
C ALA D 106 -27.84 -20.71 -14.54
N THR D 107 -28.15 -22.02 -14.69
CA THR D 107 -29.48 -22.52 -15.04
C THR D 107 -30.52 -22.11 -13.99
N MET D 108 -30.22 -22.37 -12.72
CA MET D 108 -31.09 -22.06 -11.59
C MET D 108 -31.29 -20.54 -11.44
N GLU D 109 -30.22 -19.77 -11.75
CA GLU D 109 -30.31 -18.31 -11.78
C GLU D 109 -31.30 -17.83 -12.87
N CYS D 110 -31.23 -18.43 -14.07
CA CYS D 110 -32.05 -18.11 -15.24
C CYS D 110 -33.50 -18.39 -15.05
N ILE D 111 -33.83 -19.55 -14.45
CA ILE D 111 -35.18 -19.99 -14.19
C ILE D 111 -35.93 -19.00 -13.33
N ASN D 112 -35.26 -18.47 -12.28
CA ASN D 112 -35.92 -17.55 -11.34
C ASN D 112 -35.87 -16.08 -11.74
N ASN D 113 -34.77 -15.65 -12.37
CA ASN D 113 -34.56 -14.25 -12.70
C ASN D 113 -34.96 -13.85 -14.16
N GLY D 114 -34.71 -14.74 -15.12
CA GLY D 114 -35.06 -14.51 -16.52
C GLY D 114 -33.96 -14.00 -17.41
N LYS D 115 -32.76 -13.74 -16.88
CA LYS D 115 -31.65 -13.30 -17.76
C LYS D 115 -31.16 -14.48 -18.59
N SER D 116 -30.50 -14.18 -19.69
CA SER D 116 -29.91 -15.18 -20.59
C SER D 116 -28.82 -15.97 -19.89
N ILE D 117 -28.71 -17.25 -20.23
CA ILE D 117 -27.66 -18.18 -19.76
C ILE D 117 -26.26 -17.59 -20.11
N PHE D 118 -26.23 -16.77 -21.14
CA PHE D 118 -25.07 -16.03 -21.56
C PHE D 118 -24.62 -15.07 -20.47
N GLU D 119 -25.54 -14.21 -19.97
CA GLU D 119 -25.29 -13.23 -18.93
C GLU D 119 -25.18 -13.86 -17.55
N ALA D 120 -25.96 -14.93 -17.28
CA ALA D 120 -25.88 -15.63 -15.99
C ALA D 120 -24.49 -16.22 -15.76
N ARG D 121 -23.88 -16.83 -16.80
CA ARG D 121 -22.52 -17.39 -16.74
C ARG D 121 -21.50 -16.32 -16.42
N LEU D 122 -21.64 -15.14 -17.04
CA LEU D 122 -20.80 -13.98 -16.75
C LEU D 122 -20.88 -13.55 -15.27
N ASP D 123 -22.09 -13.55 -14.67
CA ASP D 123 -22.31 -13.23 -13.24
C ASP D 123 -21.65 -14.26 -12.32
N ILE D 124 -21.76 -15.57 -12.68
CA ILE D 124 -21.21 -16.71 -11.92
C ILE D 124 -19.66 -16.62 -11.94
N ASP D 125 -19.08 -16.21 -13.09
CA ASP D 125 -17.65 -16.02 -13.26
C ASP D 125 -17.10 -14.97 -12.27
N ILE D 126 -17.77 -13.78 -12.19
CA ILE D 126 -17.45 -12.67 -11.28
C ILE D 126 -17.62 -13.16 -9.83
N SER D 127 -18.54 -14.11 -9.63
CA SER D 127 -18.83 -14.65 -8.32
C SER D 127 -17.71 -15.51 -7.78
N TRP D 128 -17.15 -16.40 -8.60
CA TRP D 128 -16.07 -17.22 -8.09
C TRP D 128 -14.73 -16.45 -8.11
N GLN D 129 -14.61 -15.46 -9.03
CA GLN D 129 -13.45 -14.53 -9.14
C GLN D 129 -13.27 -13.67 -7.87
N CYS D 130 -14.41 -13.21 -7.31
CA CYS D 130 -14.64 -12.41 -6.11
C CYS D 130 -14.16 -13.21 -4.90
N LEU D 131 -14.59 -14.46 -4.79
CA LEU D 131 -14.23 -15.39 -3.73
C LEU D 131 -12.74 -15.66 -3.71
N GLU D 132 -12.10 -15.88 -4.89
CA GLU D 132 -10.65 -16.06 -4.93
C GLU D 132 -9.89 -14.84 -4.50
N TYR D 133 -10.32 -13.67 -4.97
CA TYR D 133 -9.72 -12.38 -4.61
C TYR D 133 -9.64 -12.16 -3.10
N TYR D 134 -10.78 -12.16 -2.42
CA TYR D 134 -10.88 -11.99 -0.98
C TYR D 134 -10.17 -13.12 -0.22
N ALA D 135 -10.19 -14.38 -0.72
CA ALA D 135 -9.48 -15.49 -0.09
C ALA D 135 -7.99 -15.16 -0.05
N GLY D 136 -7.45 -14.72 -1.20
CA GLY D 136 -6.09 -14.22 -1.30
C GLY D 136 -5.77 -13.11 -0.29
N LEU D 137 -6.73 -12.18 -0.08
CA LEU D 137 -6.54 -11.06 0.86
C LEU D 137 -6.60 -11.53 2.32
N ALA D 138 -7.44 -12.56 2.60
CA ALA D 138 -7.56 -13.17 3.93
C ALA D 138 -6.26 -13.78 4.35
N ALA D 139 -5.59 -14.46 3.40
CA ALA D 139 -4.30 -15.12 3.60
C ALA D 139 -3.13 -14.18 3.79
N SER D 140 -3.16 -13.00 3.16
CA SER D 140 -2.03 -12.06 3.16
C SER D 140 -2.20 -10.80 4.02
N MET D 141 -3.33 -10.68 4.75
CA MET D 141 -3.58 -9.54 5.61
C MET D 141 -2.47 -9.31 6.64
N ALA D 142 -2.19 -8.01 6.91
CA ALA D 142 -1.16 -7.57 7.84
C ALA D 142 -1.56 -6.24 8.42
N GLY D 143 -1.26 -6.05 9.69
CA GLY D 143 -1.46 -4.77 10.36
C GLY D 143 -0.15 -4.01 10.37
N GLU D 144 -0.13 -2.89 11.08
CA GLU D 144 1.07 -2.09 11.14
C GLU D 144 1.84 -2.28 12.43
N HIS D 145 3.18 -2.25 12.32
CA HIS D 145 4.06 -2.27 13.45
C HIS D 145 4.83 -0.93 13.52
N ILE D 146 4.90 -0.30 14.71
CA ILE D 146 5.58 0.99 14.86
C ILE D 146 6.52 1.02 16.07
N GLN D 147 7.68 1.67 15.90
CA GLN D 147 8.64 1.82 16.99
C GLN D 147 8.37 3.12 17.74
N LEU D 148 8.37 3.03 19.07
CA LEU D 148 8.16 4.15 19.98
C LEU D 148 9.47 4.31 20.77
N PRO D 149 9.79 5.50 21.36
CA PRO D 149 11.08 5.65 22.06
C PRO D 149 11.29 4.72 23.26
N GLY D 150 12.54 4.29 23.42
CA GLY D 150 12.98 3.43 24.51
C GLY D 150 12.62 1.96 24.42
N GLY D 151 12.44 1.46 23.19
CA GLY D 151 12.10 0.06 22.95
C GLY D 151 10.61 -0.27 22.97
N SER D 152 9.78 0.75 23.27
CA SER D 152 8.32 0.63 23.30
C SER D 152 7.80 0.49 21.86
N PHE D 153 6.62 -0.13 21.67
CA PHE D 153 6.06 -0.31 20.34
C PHE D 153 4.51 -0.38 20.30
N GLY D 154 3.97 0.09 19.18
CA GLY D 154 2.54 0.07 18.91
C GLY D 154 2.24 -0.81 17.71
N TYR D 155 1.11 -1.53 17.74
CA TYR D 155 0.74 -2.38 16.63
C TYR D 155 -0.76 -2.46 16.44
N THR D 156 -1.15 -2.68 15.16
CA THR D 156 -2.54 -2.74 14.75
C THR D 156 -2.88 -4.06 14.09
N ARG D 157 -4.18 -4.39 14.06
CA ARG D 157 -4.76 -5.60 13.47
C ARG D 157 -6.21 -5.30 13.10
N ARG D 158 -6.68 -5.83 11.96
CA ARG D 158 -8.07 -5.71 11.56
C ARG D 158 -8.83 -6.93 12.05
N GLU D 159 -9.86 -6.68 12.87
CA GLU D 159 -10.68 -7.73 13.47
C GLU D 159 -12.04 -7.73 12.81
N PRO D 160 -12.71 -8.89 12.69
CA PRO D 160 -14.09 -8.88 12.17
C PRO D 160 -15.08 -8.16 13.12
N LEU D 161 -16.25 -7.83 12.62
CA LEU D 161 -17.28 -7.14 13.39
C LEU D 161 -18.15 -8.09 14.19
N GLY D 162 -18.44 -9.28 13.63
CA GLY D 162 -19.34 -10.29 14.20
C GLY D 162 -20.33 -10.82 13.17
N VAL D 163 -21.63 -10.57 13.41
CA VAL D 163 -22.75 -10.97 12.54
C VAL D 163 -23.07 -9.83 11.57
N CYS D 164 -22.74 -10.05 10.32
CA CYS D 164 -23.04 -9.09 9.27
C CYS D 164 -24.30 -9.53 8.52
N VAL D 165 -25.09 -8.56 8.07
CA VAL D 165 -26.27 -8.85 7.31
C VAL D 165 -26.02 -8.37 5.87
N GLY D 166 -26.45 -9.16 4.88
CA GLY D 166 -26.40 -8.76 3.49
C GLY D 166 -27.81 -8.74 2.96
N ILE D 167 -28.20 -7.63 2.28
CA ILE D 167 -29.53 -7.52 1.67
C ILE D 167 -29.39 -7.74 0.18
N GLY D 168 -30.21 -8.63 -0.38
CA GLY D 168 -30.17 -8.98 -1.80
C GLY D 168 -31.01 -8.13 -2.70
N ALA D 169 -30.72 -8.18 -4.00
CA ALA D 169 -31.49 -7.53 -5.06
C ALA D 169 -31.88 -8.60 -6.08
N TRP D 170 -32.95 -8.37 -6.85
CA TRP D 170 -33.43 -9.33 -7.84
C TRP D 170 -32.64 -9.34 -9.15
N ASN D 171 -32.00 -8.23 -9.52
CA ASN D 171 -31.28 -8.13 -10.80
C ASN D 171 -29.96 -8.97 -10.87
N TYR D 172 -29.22 -9.15 -9.78
CA TYR D 172 -28.02 -10.03 -9.79
C TYR D 172 -28.07 -10.92 -8.55
N PRO D 173 -29.01 -11.90 -8.46
CA PRO D 173 -29.19 -12.66 -7.18
C PRO D 173 -27.95 -13.34 -6.61
N PHE D 174 -27.34 -14.27 -7.36
CA PHE D 174 -26.17 -15.02 -6.89
C PHE D 174 -24.93 -14.14 -6.78
N GLN D 175 -24.81 -13.17 -7.69
CA GLN D 175 -23.67 -12.26 -7.72
C GLN D 175 -23.56 -11.37 -6.46
N ILE D 176 -24.70 -10.74 -6.04
CA ILE D 176 -24.84 -9.89 -4.83
C ILE D 176 -24.57 -10.71 -3.54
N ALA D 177 -25.07 -11.96 -3.49
CA ALA D 177 -24.85 -12.85 -2.36
C ALA D 177 -23.38 -13.22 -2.27
N SER D 178 -22.66 -13.52 -3.40
CA SER D 178 -21.22 -13.81 -3.40
C SER D 178 -20.42 -12.58 -2.98
N TRP D 179 -20.69 -11.44 -3.62
CA TRP D 179 -20.00 -10.18 -3.43
C TRP D 179 -20.09 -9.63 -2.00
N LYS D 180 -21.21 -9.83 -1.30
CA LYS D 180 -21.37 -9.37 0.08
C LYS D 180 -20.76 -10.39 1.06
N SER D 181 -21.00 -11.71 0.82
CA SER D 181 -20.49 -12.74 1.73
C SER D 181 -19.00 -12.98 1.62
N ALA D 182 -18.41 -13.03 0.38
CA ALA D 182 -17.01 -13.32 0.26
C ALA D 182 -16.18 -12.39 1.11
N PRO D 183 -16.24 -11.03 0.98
CA PRO D 183 -15.40 -10.19 1.85
C PRO D 183 -15.71 -10.29 3.32
N ALA D 184 -17.01 -10.30 3.70
CA ALA D 184 -17.46 -10.41 5.08
C ALA D 184 -16.85 -11.64 5.76
N LEU D 185 -16.88 -12.79 5.07
CA LEU D 185 -16.35 -14.06 5.55
C LEU D 185 -14.83 -14.07 5.56
N ALA D 186 -14.17 -13.50 4.52
CA ALA D 186 -12.69 -13.40 4.42
C ALA D 186 -12.09 -12.66 5.63
N CYS D 187 -12.87 -11.72 6.23
CA CYS D 187 -12.56 -10.89 7.40
C CYS D 187 -12.66 -11.61 8.71
N GLY D 188 -13.46 -12.67 8.75
CA GLY D 188 -13.68 -13.45 9.95
C GLY D 188 -15.08 -13.32 10.51
N ASN D 189 -15.98 -12.67 9.76
CA ASN D 189 -17.38 -12.47 10.12
C ASN D 189 -18.26 -13.65 9.66
N ALA D 190 -19.49 -13.63 10.21
CA ALA D 190 -20.58 -14.52 9.85
C ALA D 190 -21.57 -13.63 9.14
N MET D 191 -22.34 -14.15 8.19
CA MET D 191 -23.35 -13.40 7.47
C MET D 191 -24.74 -14.02 7.54
N VAL D 192 -25.76 -13.18 7.74
CA VAL D 192 -27.15 -13.57 7.62
C VAL D 192 -27.57 -12.83 6.31
N PHE D 193 -27.94 -13.61 5.27
CA PHE D 193 -28.30 -13.01 3.98
C PHE D 193 -29.82 -13.03 3.75
N LYS D 194 -30.35 -11.89 3.30
CA LYS D 194 -31.74 -11.81 2.96
C LYS D 194 -31.88 -11.53 1.48
N PRO D 195 -32.19 -12.56 0.68
CA PRO D 195 -32.41 -12.34 -0.75
C PRO D 195 -33.68 -11.52 -1.02
N SER D 196 -33.82 -11.02 -2.28
CA SER D 196 -35.00 -10.28 -2.71
C SER D 196 -36.13 -11.31 -2.71
N PRO D 197 -37.35 -10.99 -2.21
CA PRO D 197 -38.44 -11.98 -2.28
C PRO D 197 -38.79 -12.42 -3.71
N PHE D 198 -38.33 -11.66 -4.73
CA PHE D 198 -38.52 -11.98 -6.15
C PHE D 198 -37.64 -13.14 -6.56
N THR D 199 -36.41 -13.21 -6.00
CA THR D 199 -35.41 -14.23 -6.34
C THR D 199 -34.84 -15.00 -5.10
N PRO D 200 -35.65 -15.87 -4.45
CA PRO D 200 -35.13 -16.56 -3.25
C PRO D 200 -34.18 -17.74 -3.46
N VAL D 201 -34.28 -18.39 -4.60
CA VAL D 201 -33.67 -19.69 -4.93
C VAL D 201 -32.10 -19.76 -5.03
N SER D 202 -31.45 -18.96 -5.85
CA SER D 202 -30.01 -19.10 -6.10
C SER D 202 -29.08 -18.91 -4.88
N ALA D 203 -29.52 -18.17 -3.83
CA ALA D 203 -28.68 -17.92 -2.64
C ALA D 203 -28.48 -19.17 -1.80
N LEU D 204 -29.38 -20.15 -1.93
CA LEU D 204 -29.32 -21.42 -1.23
C LEU D 204 -28.27 -22.31 -1.84
N LEU D 205 -28.00 -22.14 -3.13
CA LEU D 205 -26.93 -22.85 -3.81
C LEU D 205 -25.59 -22.41 -3.22
N LEU D 206 -25.43 -21.07 -2.99
CA LEU D 206 -24.28 -20.47 -2.36
C LEU D 206 -24.12 -20.97 -0.91
N ALA D 207 -25.23 -20.95 -0.12
CA ALA D 207 -25.24 -21.45 1.26
C ALA D 207 -24.71 -22.91 1.30
N GLU D 208 -25.30 -23.79 0.44
CA GLU D 208 -24.96 -25.20 0.30
C GLU D 208 -23.48 -25.40 -0.08
N ILE D 209 -22.97 -24.56 -1.00
CA ILE D 209 -21.60 -24.59 -1.50
C ILE D 209 -20.59 -24.21 -0.38
N TYR D 210 -20.91 -23.18 0.44
CA TYR D 210 -20.04 -22.77 1.54
C TYR D 210 -19.89 -23.91 2.55
N SER D 211 -20.99 -24.57 2.88
CA SER D 211 -21.05 -25.73 3.76
C SER D 211 -20.16 -26.85 3.26
N GLU D 212 -20.27 -27.18 1.96
CA GLU D 212 -19.46 -28.20 1.26
C GLU D 212 -17.96 -27.85 1.32
N ALA D 213 -17.63 -26.55 1.19
CA ALA D 213 -16.31 -25.98 1.24
C ALA D 213 -15.67 -26.14 2.61
N GLY D 214 -16.48 -26.23 3.66
CA GLY D 214 -15.98 -26.40 5.01
C GLY D 214 -16.26 -25.27 5.98
N VAL D 215 -17.16 -24.31 5.63
CA VAL D 215 -17.50 -23.24 6.57
C VAL D 215 -18.27 -23.86 7.78
N PRO D 216 -18.05 -23.38 9.02
CA PRO D 216 -18.81 -23.89 10.16
C PRO D 216 -20.32 -23.62 10.05
N PRO D 217 -21.17 -24.55 10.53
CA PRO D 217 -22.63 -24.33 10.44
C PRO D 217 -23.06 -23.02 11.10
N GLY D 218 -23.80 -22.21 10.37
CA GLY D 218 -24.23 -20.90 10.82
C GLY D 218 -23.54 -19.72 10.16
N LEU D 219 -22.35 -19.92 9.55
CA LEU D 219 -21.53 -18.84 9.00
C LEU D 219 -22.21 -18.09 7.85
N PHE D 220 -22.93 -18.82 6.98
CA PHE D 220 -23.70 -18.19 5.94
C PHE D 220 -25.12 -18.70 6.01
N ASN D 221 -25.97 -17.89 6.66
CA ASN D 221 -27.37 -18.20 6.82
C ASN D 221 -28.18 -17.40 5.81
N VAL D 222 -29.34 -17.94 5.45
CA VAL D 222 -30.28 -17.30 4.54
C VAL D 222 -31.65 -17.27 5.17
N VAL D 223 -32.22 -16.08 5.33
CA VAL D 223 -33.61 -15.90 5.77
C VAL D 223 -34.33 -15.25 4.59
N GLN D 224 -35.44 -15.85 4.15
CA GLN D 224 -36.28 -15.24 3.10
C GLN D 224 -37.24 -14.21 3.73
N GLY D 225 -37.64 -13.24 2.93
CA GLY D 225 -38.56 -12.19 3.34
C GLY D 225 -38.44 -10.88 2.62
N GLY D 226 -39.35 -9.97 2.96
CA GLY D 226 -39.46 -8.63 2.40
C GLY D 226 -38.98 -7.60 3.39
N ALA D 227 -39.64 -6.42 3.37
CA ALA D 227 -39.38 -5.23 4.19
C ALA D 227 -39.42 -5.51 5.70
N ALA D 228 -40.41 -6.30 6.17
CA ALA D 228 -40.55 -6.63 7.57
C ALA D 228 -39.40 -7.48 8.09
N THR D 229 -38.95 -8.44 7.28
CA THR D 229 -37.80 -9.31 7.55
C THR D 229 -36.51 -8.47 7.64
N GLY D 230 -36.35 -7.56 6.67
CA GLY D 230 -35.21 -6.66 6.58
C GLY D 230 -35.09 -5.77 7.80
N GLN D 231 -36.24 -5.24 8.27
CA GLN D 231 -36.38 -4.39 9.45
C GLN D 231 -36.00 -5.19 10.70
N PHE D 232 -36.46 -6.47 10.80
CA PHE D 232 -36.10 -7.33 11.94
C PHE D 232 -34.59 -7.51 11.98
N LEU D 233 -33.94 -7.75 10.81
CA LEU D 233 -32.49 -7.89 10.70
C LEU D 233 -31.74 -6.63 11.09
N CYS D 234 -32.14 -5.46 10.57
CA CYS D 234 -31.54 -4.14 10.90
C CYS D 234 -31.61 -3.84 12.41
N GLN D 235 -32.78 -4.07 13.02
CA GLN D 235 -33.05 -3.83 14.43
C GLN D 235 -32.43 -4.88 15.38
N HIS D 236 -31.95 -6.02 14.86
CA HIS D 236 -31.42 -7.06 15.74
C HIS D 236 -30.20 -6.57 16.48
N PRO D 237 -30.27 -6.62 17.84
CA PRO D 237 -29.16 -6.11 18.66
C PRO D 237 -27.83 -6.81 18.47
N ASP D 238 -27.84 -8.06 17.96
CA ASP D 238 -26.58 -8.78 17.77
C ASP D 238 -26.00 -8.60 16.38
N VAL D 239 -26.72 -7.87 15.50
CA VAL D 239 -26.26 -7.59 14.14
C VAL D 239 -25.27 -6.46 14.20
N ALA D 240 -24.02 -6.70 13.76
CA ALA D 240 -22.94 -5.72 13.77
C ALA D 240 -23.08 -4.67 12.65
N LYS D 241 -23.38 -5.11 11.43
CA LYS D 241 -23.52 -4.25 10.26
C LYS D 241 -24.46 -4.85 9.21
N VAL D 242 -25.16 -3.98 8.47
CA VAL D 242 -26.08 -4.34 7.39
C VAL D 242 -25.50 -3.77 6.11
N SER D 243 -25.32 -4.63 5.09
CA SER D 243 -24.82 -4.21 3.78
C SER D 243 -26.00 -4.15 2.80
N PHE D 244 -26.42 -2.91 2.44
CA PHE D 244 -27.54 -2.66 1.53
C PHE D 244 -27.14 -2.68 0.05
N THR D 245 -28.10 -3.11 -0.82
CA THR D 245 -28.10 -3.27 -2.29
C THR D 245 -26.79 -3.95 -2.82
N GLY D 270 -30.78 13.46 -9.35
CA GLY D 270 -31.01 14.23 -10.56
C GLY D 270 -31.29 13.37 -11.79
N GLY D 271 -30.56 13.65 -12.88
CA GLY D 271 -30.70 12.92 -14.15
C GLY D 271 -30.14 11.51 -14.13
N LYS D 272 -30.40 10.72 -15.21
CA LYS D 272 -29.93 9.33 -15.30
C LYS D 272 -28.72 9.18 -16.24
N SER D 273 -27.93 8.10 -16.05
CA SER D 273 -26.70 7.78 -16.78
C SER D 273 -26.69 8.16 -18.28
N PRO D 274 -25.86 9.13 -18.70
CA PRO D 274 -25.85 9.54 -20.12
C PRO D 274 -24.81 8.85 -20.98
N LEU D 275 -25.10 8.77 -22.27
CA LEU D 275 -24.23 8.21 -23.29
C LEU D 275 -24.10 9.28 -24.38
N ILE D 276 -22.89 9.83 -24.55
CA ILE D 276 -22.67 10.87 -25.55
C ILE D 276 -22.01 10.27 -26.78
N ILE D 277 -22.63 10.51 -27.95
CA ILE D 277 -22.19 10.02 -29.24
C ILE D 277 -21.95 11.21 -30.16
N PHE D 278 -20.67 11.63 -30.28
CA PHE D 278 -20.26 12.73 -31.15
C PHE D 278 -20.24 12.25 -32.61
N SER D 279 -20.24 13.18 -33.58
CA SER D 279 -20.23 12.82 -35.00
C SER D 279 -18.87 12.33 -35.51
N ASP D 280 -17.78 12.51 -34.72
CA ASP D 280 -16.43 12.08 -35.10
C ASP D 280 -16.09 10.66 -34.58
N CYS D 281 -17.06 10.00 -33.92
CA CYS D 281 -16.95 8.63 -33.37
C CYS D 281 -16.90 7.56 -34.46
N ASP D 282 -16.60 6.30 -34.07
CA ASP D 282 -16.65 5.13 -34.95
C ASP D 282 -18.08 4.59 -34.80
N MET D 283 -18.89 4.76 -35.85
CA MET D 283 -20.31 4.42 -35.93
C MET D 283 -20.67 3.03 -35.37
N ASN D 284 -20.05 1.95 -35.90
CA ASN D 284 -20.32 0.56 -35.50
C ASN D 284 -20.09 0.33 -34.02
N ASN D 285 -19.00 0.88 -33.47
CA ASN D 285 -18.66 0.77 -32.05
C ASN D 285 -19.65 1.52 -31.16
N ALA D 286 -20.13 2.67 -31.63
CA ALA D 286 -21.12 3.50 -30.93
C ALA D 286 -22.47 2.79 -30.87
N VAL D 287 -22.88 2.18 -32.00
CA VAL D 287 -24.12 1.44 -32.11
C VAL D 287 -24.06 0.21 -31.17
N LYS D 288 -22.92 -0.54 -31.23
CA LYS D 288 -22.69 -1.72 -30.38
C LYS D 288 -22.73 -1.33 -28.90
N GLY D 289 -22.03 -0.24 -28.56
CA GLY D 289 -22.02 0.30 -27.21
C GLY D 289 -23.41 0.70 -26.75
N ALA D 290 -24.18 1.40 -27.61
CA ALA D 290 -25.55 1.85 -27.33
C ALA D 290 -26.46 0.68 -26.93
N LEU D 291 -26.50 -0.39 -27.77
CA LEU D 291 -27.29 -1.60 -27.56
C LEU D 291 -26.86 -2.36 -26.30
N MET D 292 -25.54 -2.42 -26.04
CA MET D 292 -24.99 -3.07 -24.84
C MET D 292 -25.43 -2.29 -23.59
N ALA D 293 -25.35 -0.95 -23.65
CA ALA D 293 -25.71 -0.02 -22.56
C ALA D 293 -27.21 0.06 -22.24
N ASN D 294 -28.07 -0.51 -23.07
CA ASN D 294 -29.52 -0.40 -22.90
C ASN D 294 -30.27 -1.69 -22.74
N PHE D 295 -29.83 -2.72 -23.47
CA PHE D 295 -30.60 -3.96 -23.62
C PHE D 295 -30.01 -5.20 -22.95
N LEU D 296 -28.89 -5.06 -22.23
CA LEU D 296 -28.34 -6.18 -21.45
C LEU D 296 -29.14 -6.24 -20.17
N THR D 297 -29.35 -7.48 -19.64
CA THR D 297 -30.12 -7.80 -18.42
C THR D 297 -31.58 -7.27 -18.54
N GLN D 298 -32.08 -7.20 -19.81
CA GLN D 298 -33.39 -6.69 -20.24
C GLN D 298 -33.53 -5.21 -19.85
N GLY D 299 -32.39 -4.52 -19.70
CA GLY D 299 -32.38 -3.13 -19.29
C GLY D 299 -32.83 -2.92 -17.85
N GLN D 300 -32.79 -3.99 -17.02
CA GLN D 300 -33.22 -3.95 -15.62
C GLN D 300 -32.02 -3.73 -14.67
N VAL D 301 -31.30 -2.63 -14.89
CA VAL D 301 -30.12 -2.23 -14.13
C VAL D 301 -30.16 -0.71 -14.05
N CYS D 302 -29.65 -0.14 -12.96
CA CYS D 302 -29.66 1.31 -12.78
C CYS D 302 -28.49 1.97 -13.53
N CYS D 303 -27.40 1.24 -13.71
CA CYS D 303 -26.18 1.73 -14.36
C CYS D 303 -26.28 1.90 -15.90
N ASN D 304 -27.34 1.33 -16.53
CA ASN D 304 -27.62 1.40 -17.97
C ASN D 304 -27.55 2.86 -18.51
N GLY D 305 -26.83 3.05 -19.63
CA GLY D 305 -26.69 4.33 -20.32
C GLY D 305 -27.88 4.53 -21.25
N THR D 306 -29.02 4.91 -20.65
CA THR D 306 -30.35 5.08 -21.25
C THR D 306 -30.56 6.41 -21.99
N ARG D 307 -29.95 7.53 -21.52
CA ARG D 307 -30.04 8.83 -22.18
C ARG D 307 -28.94 8.82 -23.22
N VAL D 308 -29.31 8.67 -24.50
CA VAL D 308 -28.34 8.60 -25.59
C VAL D 308 -28.32 9.91 -26.39
N PHE D 309 -27.44 10.85 -25.99
CA PHE D 309 -27.22 12.13 -26.65
C PHE D 309 -26.38 11.85 -27.89
N VAL D 310 -26.93 12.14 -29.07
CA VAL D 310 -26.29 11.88 -30.37
C VAL D 310 -26.15 13.19 -31.15
N GLN D 311 -24.94 13.48 -31.68
CA GLN D 311 -24.66 14.71 -32.42
C GLN D 311 -25.44 14.77 -33.76
N LYS D 312 -26.13 15.90 -33.97
CA LYS D 312 -27.04 16.29 -35.07
C LYS D 312 -26.67 15.77 -36.49
N GLU D 313 -25.36 15.77 -36.85
CA GLU D 313 -24.87 15.34 -38.16
C GLU D 313 -25.05 13.85 -38.40
N ILE D 314 -24.75 13.01 -37.40
CA ILE D 314 -24.84 11.55 -37.48
C ILE D 314 -26.14 10.98 -36.90
N LEU D 315 -27.07 11.84 -36.40
CA LEU D 315 -28.35 11.42 -35.81
C LEU D 315 -29.10 10.35 -36.62
N ASP D 316 -29.39 10.63 -37.91
CA ASP D 316 -30.15 9.76 -38.80
C ASP D 316 -29.50 8.38 -39.04
N LYS D 317 -28.18 8.37 -39.37
CA LYS D 317 -27.39 7.16 -39.64
C LYS D 317 -27.29 6.28 -38.39
N PHE D 318 -27.03 6.92 -37.22
CA PHE D 318 -26.94 6.23 -35.94
C PHE D 318 -28.29 5.58 -35.61
N THR D 319 -29.40 6.38 -35.66
CA THR D 319 -30.77 5.94 -35.37
C THR D 319 -31.15 4.70 -36.20
N GLU D 320 -30.95 4.78 -37.53
CA GLU D 320 -31.25 3.69 -38.47
C GLU D 320 -30.47 2.42 -38.16
N GLU D 321 -29.14 2.54 -37.95
CA GLU D 321 -28.27 1.42 -37.62
C GLU D 321 -28.65 0.77 -36.29
N VAL D 322 -29.06 1.58 -35.28
CA VAL D 322 -29.47 1.10 -33.96
C VAL D 322 -30.76 0.26 -34.09
N VAL D 323 -31.80 0.81 -34.76
CA VAL D 323 -33.09 0.14 -34.97
C VAL D 323 -32.88 -1.22 -35.66
N LYS D 324 -31.97 -1.24 -36.67
CA LYS D 324 -31.58 -2.42 -37.46
C LYS D 324 -30.99 -3.51 -36.57
N GLN D 325 -30.02 -3.16 -35.72
CA GLN D 325 -29.36 -4.10 -34.80
C GLN D 325 -30.28 -4.51 -33.64
N THR D 326 -31.20 -3.60 -33.19
CA THR D 326 -32.16 -3.84 -32.10
C THR D 326 -33.21 -4.88 -32.51
N GLN D 327 -33.69 -4.79 -33.77
CA GLN D 327 -34.69 -5.71 -34.33
C GLN D 327 -34.15 -7.13 -34.56
N ARG D 328 -32.82 -7.28 -34.53
CA ARG D 328 -32.11 -8.56 -34.67
C ARG D 328 -31.88 -9.28 -33.33
N ILE D 329 -32.07 -8.58 -32.17
CA ILE D 329 -31.86 -9.14 -30.81
C ILE D 329 -32.78 -10.37 -30.61
N LYS D 330 -32.16 -11.52 -30.30
CA LYS D 330 -32.87 -12.79 -30.09
C LYS D 330 -33.60 -12.84 -28.74
N ILE D 331 -34.94 -12.73 -28.77
CA ILE D 331 -35.83 -12.76 -27.60
C ILE D 331 -36.40 -14.19 -27.45
N GLY D 332 -36.27 -14.76 -26.25
CA GLY D 332 -36.81 -16.09 -25.98
C GLY D 332 -36.43 -16.68 -24.65
N ASP D 333 -36.52 -18.03 -24.59
CA ASP D 333 -36.23 -18.87 -23.44
C ASP D 333 -34.79 -18.60 -23.04
N PRO D 334 -34.59 -18.15 -21.77
CA PRO D 334 -33.24 -17.79 -21.31
C PRO D 334 -32.24 -18.93 -21.26
N LEU D 335 -32.70 -20.19 -21.30
CA LEU D 335 -31.82 -21.36 -21.25
C LEU D 335 -31.17 -21.68 -22.60
N LEU D 336 -31.69 -21.08 -23.70
CA LEU D 336 -31.15 -21.26 -25.05
C LEU D 336 -29.90 -20.43 -25.24
N GLU D 337 -28.79 -21.05 -25.70
CA GLU D 337 -27.48 -20.39 -25.91
C GLU D 337 -27.50 -19.16 -26.82
N ASP D 338 -28.48 -19.09 -27.72
CA ASP D 338 -28.60 -17.96 -28.65
C ASP D 338 -29.48 -16.82 -28.11
N THR D 339 -30.21 -17.05 -26.98
CA THR D 339 -31.04 -15.98 -26.40
C THR D 339 -30.17 -14.85 -25.81
N ARG D 340 -30.46 -13.62 -26.20
CA ARG D 340 -29.79 -12.42 -25.68
C ARG D 340 -30.80 -11.53 -24.94
N MET D 341 -32.11 -11.87 -25.03
CA MET D 341 -33.14 -11.16 -24.29
C MET D 341 -34.18 -12.11 -23.74
N GLY D 342 -34.13 -12.31 -22.44
CA GLY D 342 -35.09 -13.12 -21.71
C GLY D 342 -36.29 -12.28 -21.30
N PRO D 343 -37.15 -12.79 -20.42
CA PRO D 343 -38.29 -11.97 -19.96
C PRO D 343 -37.92 -11.00 -18.81
N LEU D 344 -38.84 -10.05 -18.54
CA LEU D 344 -38.73 -9.09 -17.44
C LEU D 344 -39.07 -9.85 -16.16
N ILE D 345 -38.48 -9.43 -15.02
CA ILE D 345 -38.57 -10.11 -13.71
C ILE D 345 -39.98 -10.62 -13.37
N ASN D 346 -41.00 -9.75 -13.51
CA ASN D 346 -42.38 -10.11 -13.26
C ASN D 346 -43.33 -9.34 -14.14
N ARG D 347 -44.62 -9.75 -14.08
CA ARG D 347 -45.78 -9.20 -14.79
C ARG D 347 -46.01 -7.75 -14.32
N PRO D 348 -46.05 -7.43 -12.98
CA PRO D 348 -46.16 -6.00 -12.58
C PRO D 348 -45.05 -5.08 -13.14
N HIS D 349 -43.80 -5.59 -13.24
CA HIS D 349 -42.63 -4.91 -13.80
C HIS D 349 -42.78 -4.70 -15.29
N LEU D 350 -43.20 -5.77 -16.02
CA LEU D 350 -43.47 -5.71 -17.46
C LEU D 350 -44.51 -4.64 -17.72
N GLU D 351 -45.62 -4.62 -16.94
CA GLU D 351 -46.70 -3.63 -17.07
C GLU D 351 -46.24 -2.19 -16.90
N ARG D 352 -45.34 -1.96 -15.93
CA ARG D 352 -44.76 -0.65 -15.64
C ARG D 352 -43.99 -0.11 -16.85
N VAL D 353 -43.11 -0.95 -17.45
CA VAL D 353 -42.29 -0.59 -18.63
C VAL D 353 -43.18 -0.24 -19.82
N LEU D 354 -44.19 -1.10 -20.09
CA LEU D 354 -45.16 -0.88 -21.17
C LEU D 354 -45.96 0.44 -20.96
N GLY D 355 -46.10 0.85 -19.68
CA GLY D 355 -46.77 2.08 -19.27
C GLY D 355 -45.94 3.31 -19.59
N PHE D 356 -44.60 3.21 -19.40
CA PHE D 356 -43.62 4.28 -19.71
C PHE D 356 -43.61 4.57 -21.21
N VAL D 357 -43.67 3.51 -22.05
CA VAL D 357 -43.71 3.62 -23.52
C VAL D 357 -44.98 4.36 -23.93
N LYS D 358 -46.14 4.00 -23.34
CA LYS D 358 -47.44 4.65 -23.60
C LYS D 358 -47.37 6.16 -23.30
N VAL D 359 -46.79 6.53 -22.13
CA VAL D 359 -46.62 7.92 -21.69
C VAL D 359 -45.61 8.67 -22.59
N ALA D 360 -44.53 7.97 -23.05
CA ALA D 360 -43.51 8.54 -23.93
C ALA D 360 -44.09 9.05 -25.26
N LYS D 361 -44.88 8.23 -25.96
CA LYS D 361 -45.51 8.62 -27.23
C LYS D 361 -46.61 9.68 -27.04
N GLU D 362 -47.21 9.75 -25.83
CA GLU D 362 -48.21 10.76 -25.46
C GLU D 362 -47.50 12.10 -25.34
N GLN D 363 -46.28 12.08 -24.75
CA GLN D 363 -45.42 13.25 -24.52
C GLN D 363 -44.72 13.76 -25.78
N GLY D 364 -44.79 12.99 -26.87
CA GLY D 364 -44.24 13.38 -28.17
C GLY D 364 -43.12 12.55 -28.75
N ALA D 365 -42.79 11.40 -28.12
CA ALA D 365 -41.72 10.52 -28.62
C ALA D 365 -42.17 9.72 -29.84
N LYS D 366 -41.22 9.38 -30.72
CA LYS D 366 -41.49 8.58 -31.91
C LYS D 366 -40.87 7.19 -31.68
N VAL D 367 -41.74 6.16 -31.48
CA VAL D 367 -41.31 4.78 -31.25
C VAL D 367 -40.85 4.21 -32.58
N LEU D 368 -39.57 3.80 -32.66
CA LEU D 368 -39.00 3.24 -33.89
C LEU D 368 -39.22 1.74 -33.98
N CYS D 369 -39.01 1.03 -32.87
CA CYS D 369 -39.19 -0.41 -32.75
C CYS D 369 -39.50 -0.76 -31.29
N GLY D 370 -40.10 -1.93 -31.06
CA GLY D 370 -40.43 -2.47 -29.75
C GLY D 370 -41.38 -1.66 -28.88
N GLY D 371 -41.23 -1.84 -27.57
CA GLY D 371 -42.06 -1.19 -26.55
C GLY D 371 -43.44 -1.78 -26.44
N ASP D 372 -43.58 -3.04 -26.89
CA ASP D 372 -44.82 -3.80 -26.91
C ASP D 372 -44.55 -5.25 -26.53
N ILE D 373 -45.63 -5.96 -26.12
CA ILE D 373 -45.64 -7.38 -25.74
C ILE D 373 -44.99 -8.21 -26.84
N TYR D 374 -44.02 -9.05 -26.48
CA TYR D 374 -43.42 -9.97 -27.45
C TYR D 374 -44.07 -11.32 -27.23
N VAL D 375 -44.64 -11.90 -28.29
CA VAL D 375 -45.26 -13.21 -28.14
C VAL D 375 -44.34 -14.28 -28.74
N PRO D 376 -43.83 -15.23 -27.93
CA PRO D 376 -42.97 -16.27 -28.51
C PRO D 376 -43.80 -17.36 -29.18
N GLU D 377 -43.17 -18.09 -30.10
CA GLU D 377 -43.79 -19.17 -30.86
C GLU D 377 -43.96 -20.43 -30.00
N ASP D 378 -43.06 -20.64 -29.01
CA ASP D 378 -43.08 -21.80 -28.11
C ASP D 378 -44.28 -21.67 -27.13
N PRO D 379 -45.25 -22.61 -27.14
CA PRO D 379 -46.41 -22.45 -26.26
C PRO D 379 -46.10 -22.54 -24.77
N LYS D 380 -44.92 -23.07 -24.38
CA LYS D 380 -44.57 -23.10 -22.94
C LYS D 380 -44.15 -21.69 -22.44
N LEU D 381 -43.84 -20.76 -23.37
CA LEU D 381 -43.43 -19.39 -23.03
C LEU D 381 -44.58 -18.41 -23.17
N LYS D 382 -45.80 -18.89 -23.49
CA LYS D 382 -47.02 -18.08 -23.73
C LYS D 382 -47.36 -17.13 -22.59
N ASP D 383 -47.21 -17.55 -21.32
CA ASP D 383 -47.56 -16.66 -20.21
C ASP D 383 -46.34 -15.99 -19.54
N GLY D 384 -45.19 -16.08 -20.21
CA GLY D 384 -43.94 -15.44 -19.81
C GLY D 384 -44.02 -13.94 -20.06
N TYR D 385 -43.14 -13.16 -19.34
CA TYR D 385 -43.12 -11.70 -19.31
C TYR D 385 -42.16 -11.07 -20.31
N TYR D 386 -42.52 -11.15 -21.58
CA TYR D 386 -41.70 -10.67 -22.67
C TYR D 386 -42.21 -9.40 -23.34
N MET D 387 -41.26 -8.61 -23.85
CA MET D 387 -41.49 -7.39 -24.61
C MET D 387 -40.33 -7.16 -25.58
N ARG D 388 -40.63 -6.49 -26.70
CA ARG D 388 -39.63 -6.18 -27.69
C ARG D 388 -38.77 -4.99 -27.24
N PRO D 389 -37.40 -5.07 -27.37
CA PRO D 389 -36.56 -3.92 -27.00
C PRO D 389 -37.00 -2.67 -27.78
N CYS D 390 -37.08 -1.52 -27.06
CA CYS D 390 -37.61 -0.24 -27.53
C CYS D 390 -36.54 0.79 -27.79
N VAL D 391 -36.69 1.51 -28.93
CA VAL D 391 -35.82 2.62 -29.38
C VAL D 391 -36.74 3.81 -29.65
N LEU D 392 -36.55 4.91 -28.89
CA LEU D 392 -37.33 6.14 -28.97
C LEU D 392 -36.49 7.28 -29.55
N THR D 393 -37.03 7.99 -30.54
CA THR D 393 -36.40 9.17 -31.13
C THR D 393 -37.28 10.39 -30.84
N ASN D 394 -36.82 11.60 -31.25
CA ASN D 394 -37.51 12.88 -31.03
C ASN D 394 -37.79 13.12 -29.52
N CYS D 395 -36.80 12.76 -28.69
CA CYS D 395 -36.85 12.92 -27.23
C CYS D 395 -36.40 14.32 -26.77
N ARG D 396 -36.94 14.75 -25.61
CA ARG D 396 -36.64 16.04 -25.00
C ARG D 396 -36.27 15.83 -23.53
N ASP D 397 -35.52 16.78 -22.94
CA ASP D 397 -35.07 16.74 -21.55
C ASP D 397 -36.22 16.85 -20.52
N ASP D 398 -37.38 17.43 -20.92
CA ASP D 398 -38.55 17.58 -20.04
C ASP D 398 -39.47 16.32 -20.03
N MET D 399 -39.23 15.36 -20.96
CA MET D 399 -39.98 14.10 -21.04
C MET D 399 -39.63 13.17 -19.86
N THR D 400 -40.65 12.56 -19.23
CA THR D 400 -40.49 11.66 -18.07
C THR D 400 -39.63 10.42 -18.36
N CYS D 401 -39.56 9.99 -19.63
CA CYS D 401 -38.76 8.83 -20.04
C CYS D 401 -37.25 9.15 -20.03
N VAL D 402 -36.92 10.44 -20.15
CA VAL D 402 -35.55 10.95 -20.14
C VAL D 402 -35.15 11.29 -18.69
N LYS D 403 -36.13 11.72 -17.88
CA LYS D 403 -35.93 12.08 -16.46
C LYS D 403 -35.90 10.86 -15.52
N GLU D 404 -36.89 9.94 -15.65
CA GLU D 404 -37.08 8.74 -14.82
C GLU D 404 -36.36 7.51 -15.33
N GLU D 405 -35.99 6.62 -14.38
CA GLU D 405 -35.36 5.33 -14.63
C GLU D 405 -36.50 4.32 -14.84
N ILE D 406 -36.55 3.70 -16.03
CA ILE D 406 -37.60 2.78 -16.43
C ILE D 406 -37.38 1.33 -15.92
N PHE D 407 -36.13 0.81 -15.94
CA PHE D 407 -35.77 -0.57 -15.56
C PHE D 407 -36.35 -1.61 -16.56
N GLY D 408 -36.31 -1.26 -17.84
CA GLY D 408 -36.78 -2.06 -18.95
C GLY D 408 -35.95 -1.78 -20.20
N PRO D 409 -36.13 -2.54 -21.30
CA PRO D 409 -35.31 -2.25 -22.49
C PRO D 409 -35.86 -1.07 -23.29
N VAL D 410 -35.58 0.16 -22.82
CA VAL D 410 -36.05 1.41 -23.43
C VAL D 410 -34.89 2.37 -23.68
N MET D 411 -34.61 2.68 -24.97
CA MET D 411 -33.53 3.62 -25.32
C MET D 411 -34.11 4.95 -25.79
N SER D 412 -33.69 6.05 -25.12
CA SER D 412 -34.10 7.42 -25.46
C SER D 412 -32.98 8.10 -26.22
N ILE D 413 -33.24 8.46 -27.49
CA ILE D 413 -32.28 9.14 -28.36
C ILE D 413 -32.60 10.64 -28.40
N LEU D 414 -31.66 11.47 -27.89
CA LEU D 414 -31.78 12.93 -27.84
C LEU D 414 -30.70 13.53 -28.73
N SER D 415 -31.11 14.40 -29.68
CA SER D 415 -30.18 15.06 -30.58
C SER D 415 -29.50 16.22 -29.87
N PHE D 416 -28.22 16.47 -30.21
CA PHE D 416 -27.44 17.58 -29.66
C PHE D 416 -26.58 18.25 -30.74
N ASP D 417 -26.24 19.54 -30.54
CA ASP D 417 -25.44 20.29 -31.50
C ASP D 417 -23.95 20.36 -31.16
N THR D 418 -23.59 20.84 -29.95
CA THR D 418 -22.18 21.04 -29.59
C THR D 418 -21.79 20.46 -28.24
N GLU D 419 -20.46 20.30 -28.03
CA GLU D 419 -19.82 19.80 -26.82
C GLU D 419 -20.29 20.55 -25.56
N ALA D 420 -20.44 21.88 -25.68
CA ALA D 420 -20.87 22.76 -24.60
C ALA D 420 -22.33 22.47 -24.20
N GLU D 421 -23.21 22.22 -25.21
CA GLU D 421 -24.62 21.93 -25.02
C GLU D 421 -24.81 20.63 -24.25
N VAL D 422 -24.22 19.50 -24.73
CA VAL D 422 -24.31 18.19 -24.08
C VAL D 422 -23.96 18.27 -22.63
N LEU D 423 -22.75 18.78 -22.33
CA LEU D 423 -22.21 18.91 -20.97
C LEU D 423 -23.15 19.68 -20.04
N GLU D 424 -23.93 20.63 -20.57
CA GLU D 424 -24.93 21.38 -19.80
C GLU D 424 -26.14 20.49 -19.47
N ARG D 425 -26.66 19.77 -20.49
CA ARG D 425 -27.80 18.86 -20.39
C ARG D 425 -27.50 17.56 -19.61
N ALA D 426 -26.23 17.13 -19.60
CA ALA D 426 -25.82 15.86 -19.00
C ALA D 426 -25.14 15.96 -17.61
N ASN D 427 -24.87 17.19 -17.11
CA ASN D 427 -24.20 17.36 -15.81
C ASN D 427 -25.18 17.50 -14.62
N ASP D 428 -26.39 16.93 -14.73
CA ASP D 428 -27.37 16.87 -13.64
C ASP D 428 -27.35 15.42 -13.08
N THR D 429 -26.36 14.63 -13.56
CA THR D 429 -26.12 13.23 -13.22
C THR D 429 -25.37 13.12 -11.89
N THR D 430 -25.81 12.17 -11.05
CA THR D 430 -25.29 11.90 -9.71
C THR D 430 -23.95 11.12 -9.81
N PHE D 431 -23.10 11.22 -8.76
CA PHE D 431 -21.82 10.50 -8.70
C PHE D 431 -22.01 8.99 -8.81
N GLY D 432 -23.04 8.45 -8.15
CA GLY D 432 -23.34 7.02 -8.12
C GLY D 432 -23.69 6.41 -9.47
N LEU D 433 -23.83 7.26 -10.50
CA LEU D 433 -24.16 6.85 -11.85
C LEU D 433 -22.94 6.77 -12.78
N ALA D 434 -23.15 6.21 -13.98
CA ALA D 434 -22.13 6.02 -14.99
C ALA D 434 -22.36 6.91 -16.21
N ALA D 435 -21.34 7.04 -17.04
CA ALA D 435 -21.41 7.80 -18.28
C ALA D 435 -20.47 7.17 -19.26
N GLY D 436 -20.76 7.38 -20.53
CA GLY D 436 -19.98 6.88 -21.64
C GLY D 436 -19.92 7.94 -22.72
N VAL D 437 -18.76 8.05 -23.36
CA VAL D 437 -18.53 9.02 -24.43
C VAL D 437 -17.87 8.34 -25.62
N PHE D 438 -18.38 8.63 -26.83
CA PHE D 438 -17.88 8.06 -28.06
C PHE D 438 -17.39 9.16 -28.98
N THR D 439 -16.07 9.19 -29.22
CA THR D 439 -15.33 10.14 -30.06
C THR D 439 -13.94 9.58 -30.39
N ARG D 440 -13.43 9.89 -31.58
CA ARG D 440 -12.09 9.44 -31.98
C ARG D 440 -10.99 10.35 -31.39
N ASP D 441 -11.35 11.63 -31.09
CA ASP D 441 -10.44 12.61 -30.49
C ASP D 441 -10.45 12.42 -28.97
N ILE D 442 -9.29 12.04 -28.41
CA ILE D 442 -9.16 11.75 -26.99
C ILE D 442 -9.14 13.01 -26.11
N GLN D 443 -8.71 14.17 -26.65
CA GLN D 443 -8.69 15.44 -25.92
C GLN D 443 -10.11 15.80 -25.52
N ARG D 444 -11.06 15.63 -26.46
CA ARG D 444 -12.50 15.87 -26.30
C ARG D 444 -13.05 14.88 -25.26
N ALA D 445 -12.69 13.60 -25.41
CA ALA D 445 -13.09 12.51 -24.54
C ALA D 445 -12.72 12.76 -23.09
N HIS D 446 -11.44 13.07 -22.84
CA HIS D 446 -10.93 13.33 -21.49
C HIS D 446 -11.51 14.62 -20.88
N ARG D 447 -11.75 15.64 -21.72
CA ARG D 447 -12.37 16.92 -21.36
C ARG D 447 -13.81 16.69 -20.85
N VAL D 448 -14.60 15.90 -21.61
CA VAL D 448 -15.99 15.52 -21.32
C VAL D 448 -16.04 14.66 -20.04
N VAL D 449 -15.10 13.72 -19.91
CA VAL D 449 -15.01 12.83 -18.75
C VAL D 449 -14.64 13.62 -17.47
N ALA D 450 -13.78 14.66 -17.62
CA ALA D 450 -13.38 15.53 -16.53
C ALA D 450 -14.55 16.39 -16.05
N GLU D 451 -15.41 16.85 -17.00
CA GLU D 451 -16.56 17.70 -16.72
C GLU D 451 -17.75 16.97 -16.08
N LEU D 452 -18.03 15.73 -16.51
CA LEU D 452 -19.16 14.94 -16.00
C LEU D 452 -18.95 14.49 -14.56
N GLN D 453 -20.03 14.58 -13.76
CA GLN D 453 -20.05 14.24 -12.33
C GLN D 453 -20.14 12.72 -12.04
N ALA D 454 -20.30 11.90 -13.08
CA ALA D 454 -20.41 10.44 -13.00
C ALA D 454 -19.15 9.81 -12.42
N GLY D 455 -19.35 8.91 -11.44
CA GLY D 455 -18.31 8.19 -10.73
C GLY D 455 -17.54 7.20 -11.59
N THR D 456 -18.23 6.62 -12.57
CA THR D 456 -17.65 5.67 -13.51
C THR D 456 -17.88 6.14 -14.91
N CYS D 457 -16.78 6.38 -15.61
CA CYS D 457 -16.85 6.86 -16.98
C CYS D 457 -16.22 5.90 -17.96
N PHE D 458 -16.76 5.88 -19.18
CA PHE D 458 -16.28 5.04 -20.26
C PHE D 458 -16.00 5.87 -21.48
N ILE D 459 -14.86 5.60 -22.14
CA ILE D 459 -14.42 6.22 -23.37
C ILE D 459 -14.41 5.14 -24.44
N ASN D 460 -15.18 5.39 -25.52
CA ASN D 460 -15.36 4.56 -26.72
C ASN D 460 -15.83 3.12 -26.39
N ASN D 461 -16.60 3.00 -25.30
CA ASN D 461 -17.22 1.76 -24.80
C ASN D 461 -18.28 2.12 -23.73
N TYR D 462 -19.06 1.12 -23.29
CA TYR D 462 -20.02 1.22 -22.21
C TYR D 462 -20.30 -0.15 -21.67
N ASN D 463 -19.88 -0.38 -20.43
CA ASN D 463 -20.11 -1.65 -19.79
C ASN D 463 -21.25 -1.54 -18.79
N VAL D 464 -22.18 -2.51 -18.83
CA VAL D 464 -23.28 -2.55 -17.87
C VAL D 464 -22.85 -3.60 -16.83
N SER D 465 -22.46 -3.12 -15.64
CA SER D 465 -21.99 -3.98 -14.55
C SER D 465 -22.41 -3.41 -13.18
N PRO D 466 -22.62 -4.25 -12.13
CA PRO D 466 -22.97 -3.71 -10.81
C PRO D 466 -21.95 -2.68 -10.29
N VAL D 467 -22.47 -1.64 -9.62
CA VAL D 467 -21.77 -0.47 -9.05
C VAL D 467 -20.45 -0.84 -8.33
N GLU D 468 -20.52 -1.85 -7.44
CA GLU D 468 -19.44 -2.37 -6.60
C GLU D 468 -18.20 -2.85 -7.36
N LEU D 469 -18.39 -3.20 -8.63
CA LEU D 469 -17.33 -3.70 -9.51
C LEU D 469 -16.36 -2.58 -9.91
N PRO D 470 -15.05 -2.79 -9.66
CA PRO D 470 -14.07 -1.77 -10.07
C PRO D 470 -13.75 -1.84 -11.57
N PHE D 471 -13.28 -0.69 -12.13
CA PHE D 471 -12.89 -0.54 -13.55
C PHE D 471 -14.01 -0.91 -14.52
N GLY D 472 -15.22 -0.43 -14.19
CA GLY D 472 -16.44 -0.63 -14.96
C GLY D 472 -16.84 -2.05 -15.30
N GLY D 473 -16.42 -3.01 -14.47
CA GLY D 473 -16.73 -4.43 -14.62
C GLY D 473 -16.28 -5.08 -15.92
N TYR D 474 -15.02 -4.79 -16.34
CA TYR D 474 -14.41 -5.37 -17.53
C TYR D 474 -13.97 -6.81 -17.24
N LYS D 475 -13.96 -7.65 -18.29
CA LYS D 475 -13.64 -9.09 -18.24
C LYS D 475 -12.23 -9.44 -17.70
N LYS D 476 -11.17 -9.19 -18.49
CA LYS D 476 -9.79 -9.49 -18.08
C LYS D 476 -9.13 -8.28 -17.43
N SER D 477 -9.86 -7.68 -16.46
CA SER D 477 -9.45 -6.47 -15.73
C SER D 477 -8.72 -6.71 -14.41
N GLY D 478 -9.34 -7.53 -13.55
CA GLY D 478 -8.88 -7.74 -12.20
C GLY D 478 -9.55 -6.70 -11.31
N PHE D 479 -9.39 -6.83 -10.00
CA PHE D 479 -10.04 -5.95 -9.05
C PHE D 479 -9.11 -4.84 -8.55
N GLY D 480 -7.83 -4.92 -8.93
CA GLY D 480 -6.80 -4.01 -8.46
C GLY D 480 -6.53 -4.29 -7.00
N ARG D 481 -6.06 -3.30 -6.24
CA ARG D 481 -5.77 -3.51 -4.81
CA ARG D 481 -5.74 -3.47 -4.81
C ARG D 481 -6.68 -2.71 -3.89
N GLU D 482 -7.00 -1.45 -4.24
CA GLU D 482 -7.82 -0.52 -3.46
C GLU D 482 -9.23 -1.01 -3.13
N ASN D 483 -9.93 -1.57 -4.12
CA ASN D 483 -11.30 -2.03 -3.97
C ASN D 483 -11.44 -3.01 -2.81
N GLY D 484 -10.53 -3.98 -2.75
CA GLY D 484 -10.52 -5.00 -1.71
C GLY D 484 -10.15 -4.44 -0.36
N ARG D 485 -9.17 -3.52 -0.33
CA ARG D 485 -8.72 -2.85 0.89
C ARG D 485 -9.90 -2.10 1.54
N VAL D 486 -10.64 -1.34 0.73
CA VAL D 486 -11.79 -0.53 1.11
C VAL D 486 -12.96 -1.40 1.57
N THR D 487 -13.19 -2.51 0.87
CA THR D 487 -14.31 -3.39 1.22
C THR D 487 -13.97 -4.17 2.49
N ILE D 488 -12.69 -4.62 2.65
CA ILE D 488 -12.23 -5.29 3.89
C ILE D 488 -12.55 -4.38 5.06
N GLU D 489 -12.12 -3.08 4.97
CA GLU D 489 -12.30 -2.04 5.97
C GLU D 489 -13.78 -1.79 6.35
N TYR D 490 -14.73 -2.06 5.45
CA TYR D 490 -16.17 -1.92 5.67
C TYR D 490 -16.66 -3.05 6.63
N TYR D 491 -16.09 -4.25 6.47
CA TYR D 491 -16.44 -5.45 7.23
C TYR D 491 -15.50 -5.74 8.43
N SER D 492 -14.70 -4.75 8.86
CA SER D 492 -13.76 -4.94 9.96
C SER D 492 -13.55 -3.68 10.78
N GLN D 493 -12.76 -3.82 11.84
CA GLN D 493 -12.38 -2.72 12.72
C GLN D 493 -10.91 -2.85 13.13
N LEU D 494 -10.25 -1.70 13.25
CA LEU D 494 -8.85 -1.66 13.63
C LEU D 494 -8.64 -1.69 15.13
N LYS D 495 -7.97 -2.74 15.61
CA LYS D 495 -7.57 -2.93 16.99
C LYS D 495 -6.07 -2.50 17.10
N THR D 496 -5.79 -1.63 18.08
CA THR D 496 -4.50 -1.03 18.36
C THR D 496 -4.02 -1.49 19.73
N VAL D 497 -2.72 -1.87 19.83
CA VAL D 497 -2.08 -2.32 21.07
C VAL D 497 -0.75 -1.60 21.23
N CYS D 498 -0.51 -1.03 22.41
CA CYS D 498 0.74 -0.35 22.75
C CYS D 498 1.40 -1.06 23.88
N VAL D 499 2.67 -1.39 23.70
CA VAL D 499 3.48 -2.05 24.70
C VAL D 499 4.54 -1.06 25.18
N GLU D 500 4.51 -0.73 26.48
CA GLU D 500 5.50 0.14 27.11
C GLU D 500 6.64 -0.76 27.58
N MET D 501 7.84 -0.51 27.06
CA MET D 501 9.02 -1.29 27.45
C MET D 501 9.73 -0.66 28.65
N GLY D 502 9.88 0.65 28.63
CA GLY D 502 10.52 1.42 29.70
C GLY D 502 9.59 1.78 30.85
N ASP D 503 9.83 2.96 31.45
CA ASP D 503 9.04 3.47 32.57
C ASP D 503 8.01 4.50 32.11
N VAL D 504 6.93 4.67 32.91
CA VAL D 504 5.85 5.62 32.63
C VAL D 504 6.36 7.04 32.94
N GLU D 505 6.22 7.96 31.97
CA GLU D 505 6.61 9.37 32.15
C GLU D 505 5.42 10.16 32.69
N SER D 506 5.46 10.43 34.01
CA SER D 506 4.42 11.15 34.74
C SER D 506 4.53 12.66 34.55
N ALA D 507 3.40 13.29 34.21
CA ALA D 507 3.30 14.74 34.03
C ALA D 507 3.30 15.43 35.41
N PHE D 508 2.82 14.71 36.43
CA PHE D 508 2.68 15.14 37.82
C PHE D 508 3.97 15.00 38.65
C1 EDO E . 15.14 -11.75 -4.17
O1 EDO E . 13.73 -11.51 -4.04
C2 EDO E . 15.47 -12.93 -5.15
O2 EDO E . 16.85 -13.31 -5.04
C1 EDO F . 22.16 -11.25 -12.77
O1 EDO F . 20.75 -10.99 -12.82
C2 EDO F . 22.76 -11.49 -14.18
O2 EDO F . 24.10 -12.00 -14.08
C1 EDO G . 20.73 -34.97 -17.72
O1 EDO G . 20.03 -33.75 -17.70
C2 EDO G . 19.87 -36.27 -17.79
O2 EDO G . 18.98 -36.28 -18.88
C1 EDO H . -2.59 -17.65 -0.72
O1 EDO H . -2.68 -19.04 -0.37
C2 EDO H . -3.76 -17.24 -1.67
O2 EDO H . -3.52 -16.01 -2.35
C1 EDO I . 17.61 -27.59 -6.53
O1 EDO I . 18.09 -28.90 -6.50
C2 EDO I . 16.08 -27.57 -6.49
O2 EDO I . 15.44 -28.38 -7.48
C1 EDO J . 5.76 15.59 1.29
O1 EDO J . 5.89 15.92 2.70
C2 EDO J . 5.37 14.03 1.05
O2 EDO J . 5.85 13.08 2.05
C1 EDO K . 3.38 3.44 0.21
O1 EDO K . 4.55 4.24 0.11
C2 EDO K . 2.14 4.29 0.52
O2 EDO K . 1.11 3.47 1.05
C1 EDO L . 18.66 3.45 -7.14
O1 EDO L . 19.97 3.99 -6.90
C2 EDO L . 17.62 4.04 -6.14
O2 EDO L . 16.30 3.68 -6.51
C1 PEG M . 48.53 8.61 0.39
O1 PEG M . 48.09 8.72 1.73
C2 PEG M . 48.55 9.95 -0.30
O2 PEG M . 49.65 10.73 0.13
C3 PEG M . 49.34 12.06 0.55
C4 PEG M . 49.01 12.92 -0.63
O4 PEG M . 48.75 14.29 -0.26
NA NA N . -17.32 15.45 23.56
NA NA O . -6.69 39.34 14.94
NA NA P . -10.19 39.44 20.14
C1 EDO Q . -17.01 43.10 20.73
O1 EDO Q . -16.86 42.21 19.62
C2 EDO Q . -18.45 43.06 21.31
O2 EDO Q . -19.42 43.46 20.34
C1 PEG R . -11.41 7.84 10.05
O1 PEG R . -10.22 7.26 10.58
C2 PEG R . -11.53 9.31 10.40
O2 PEG R . -12.75 9.85 9.91
C3 PEG R . -13.73 10.05 10.92
C4 PEG R . -14.48 11.34 10.70
O4 PEG R . -15.50 11.52 11.68
C1 PEG S . 4.81 15.20 5.89
O1 PEG S . 5.61 16.32 5.47
C2 PEG S . 5.24 14.59 7.21
O2 PEG S . 5.37 15.55 8.23
C3 PEG S . 4.99 15.09 9.52
C4 PEG S . 5.75 15.86 10.55
O4 PEG S . 5.18 15.74 11.84
C1 PEG T . -20.87 20.70 19.72
O1 PEG T . -20.07 21.49 18.86
C2 PEG T . -21.90 21.51 20.46
O2 PEG T . -22.95 21.93 19.59
C3 PEG T . -24.20 21.30 19.87
C4 PEG T . -24.49 20.25 18.82
O4 PEG T . -24.37 20.76 17.49
NA NA U . -25.68 -22.30 8.01
NA NA V . -8.94 -14.70 -8.84
NA NA W . -31.52 -11.64 -4.17
NA NA X . -35.66 -27.52 -4.53
NA NA Y . -29.98 -29.87 -2.89
C1 EDO Z . -6.38 -12.58 -5.51
O1 EDO Z . -6.24 -12.64 -4.07
C2 EDO Z . -6.88 -13.95 -6.18
O2 EDO Z . -6.56 -15.13 -5.39
C1 EDO AA . -22.89 -23.87 7.13
O1 EDO AA . -21.78 -24.73 7.15
C2 EDO AA . -22.49 -22.40 7.10
O2 EDO AA . -23.61 -21.59 6.84
C1 EDO BA . -39.33 -19.77 3.03
O1 EDO BA . -38.11 -19.31 3.56
C2 EDO BA . -39.48 -21.32 3.01
O2 EDO BA . -40.87 -21.60 3.11
C1 EDO CA . -14.68 -30.02 3.57
O1 EDO CA . -13.37 -29.52 3.86
C2 EDO CA . -15.57 -30.04 4.86
O2 EDO CA . -16.93 -30.26 4.53
C1 EDO DA . -21.15 -16.62 -21.31
O1 EDO DA . -19.87 -16.06 -21.56
C2 EDO DA . -21.37 -17.81 -22.27
O2 EDO DA . -22.69 -18.28 -22.16
C1 EDO EA . -4.95 -5.71 8.62
O1 EDO EA . -4.62 -6.42 9.82
C2 EDO EA . -4.82 -4.18 8.84
O2 EDO EA . -5.22 -3.46 7.65
#